data_1WYH
#
_entry.id   1WYH
#
loop_
_entity.id
_entity.type
_entity.pdbx_description
1 polymer 'Skeletal muscle LIM-protein 2'
2 non-polymer 'ZINC ION'
#
_entity_poly.entity_id   1
_entity_poly.type   'polypeptide(L)'
_entity_poly.pdbx_seq_one_letter_code
;GSSGSSGCSACGETVMPGSRKLEYGGQTWHEHCFLCSGCEQPLGSRSFVPDKGAHYCVPCYENKFASGPSSG
;
_entity_poly.pdbx_strand_id   A
#
loop_
_chem_comp.id
_chem_comp.type
_chem_comp.name
_chem_comp.formula
ZN non-polymer 'ZINC ION' 'Zn 2'
#
# COMPACT_ATOMS: atom_id res chain seq x y z
N GLY A 1 20.30 -7.49 -10.94
CA GLY A 1 21.55 -8.00 -11.44
C GLY A 1 22.76 -7.26 -10.91
N SER A 2 23.00 -6.06 -11.44
CA SER A 2 24.13 -5.25 -11.00
C SER A 2 23.90 -4.72 -9.59
N SER A 3 22.82 -3.98 -9.40
CA SER A 3 22.49 -3.41 -8.10
C SER A 3 21.00 -3.51 -7.81
N GLY A 4 20.60 -3.12 -6.61
CA GLY A 4 19.20 -3.17 -6.25
C GLY A 4 18.75 -1.94 -5.51
N SER A 5 17.63 -1.36 -5.94
CA SER A 5 17.09 -0.16 -5.32
C SER A 5 15.68 -0.41 -4.78
N SER A 6 15.60 -0.75 -3.50
CA SER A 6 14.32 -1.03 -2.86
C SER A 6 13.94 0.09 -1.89
N GLY A 7 14.07 1.33 -2.35
CA GLY A 7 13.75 2.47 -1.51
C GLY A 7 12.26 2.69 -1.39
N CYS A 8 11.85 3.43 -0.36
CA CYS A 8 10.44 3.72 -0.14
C CYS A 8 9.87 4.59 -1.25
N SER A 9 8.67 4.25 -1.70
CA SER A 9 8.02 5.00 -2.77
C SER A 9 7.13 6.11 -2.20
N ALA A 10 6.94 6.08 -0.89
CA ALA A 10 6.13 7.08 -0.22
C ALA A 10 6.95 8.33 0.12
N CYS A 11 7.98 8.14 0.94
CA CYS A 11 8.85 9.24 1.34
C CYS A 11 10.09 9.31 0.46
N GLY A 12 10.54 8.15 -0.01
CA GLY A 12 11.71 8.10 -0.86
C GLY A 12 12.93 7.55 -0.15
N GLU A 13 12.85 7.47 1.18
CA GLU A 13 13.96 6.95 1.98
C GLU A 13 14.38 5.56 1.49
N THR A 14 15.40 5.00 2.13
CA THR A 14 15.91 3.68 1.77
C THR A 14 15.41 2.62 2.73
N VAL A 15 14.49 1.79 2.28
CA VAL A 15 13.93 0.72 3.10
C VAL A 15 14.93 -0.41 3.27
N MET A 16 15.36 -0.63 4.51
CA MET A 16 16.31 -1.69 4.81
C MET A 16 15.59 -3.00 5.13
N PRO A 17 16.23 -4.13 4.79
CA PRO A 17 15.66 -5.45 5.03
C PRO A 17 15.64 -5.82 6.52
N GLY A 18 16.42 -5.07 7.30
CA GLY A 18 16.48 -5.33 8.74
C GLY A 18 15.41 -4.57 9.50
N SER A 19 14.21 -4.49 8.93
CA SER A 19 13.11 -3.78 9.56
C SER A 19 11.79 -4.08 8.84
N ARG A 20 10.69 -3.95 9.57
CA ARG A 20 9.37 -4.19 8.99
C ARG A 20 9.13 -3.31 7.77
N LYS A 21 9.00 -3.93 6.61
CA LYS A 21 8.77 -3.19 5.37
C LYS A 21 7.72 -3.90 4.52
N LEU A 22 7.36 -3.27 3.41
CA LEU A 22 6.36 -3.83 2.51
C LEU A 22 6.81 -3.72 1.05
N GLU A 23 6.33 -4.64 0.21
CA GLU A 23 6.69 -4.64 -1.20
C GLU A 23 5.57 -5.25 -2.04
N TYR A 24 4.97 -4.45 -2.91
CA TYR A 24 3.90 -4.91 -3.77
C TYR A 24 4.09 -4.44 -5.20
N GLY A 25 3.77 -5.31 -6.16
CA GLY A 25 3.91 -4.95 -7.56
C GLY A 25 5.34 -4.57 -7.91
N GLY A 26 6.26 -4.82 -6.99
CA GLY A 26 7.65 -4.49 -7.22
C GLY A 26 8.14 -3.35 -6.35
N GLN A 27 7.27 -2.39 -6.09
CA GLN A 27 7.61 -1.24 -5.25
C GLN A 27 7.85 -1.67 -3.81
N THR A 28 8.23 -0.70 -2.98
CA THR A 28 8.50 -0.98 -1.57
C THR A 28 8.08 0.20 -0.69
N TRP A 29 7.27 -0.07 0.32
CA TRP A 29 6.80 0.96 1.23
C TRP A 29 7.11 0.60 2.67
N HIS A 30 7.31 1.62 3.51
CA HIS A 30 7.61 1.40 4.92
C HIS A 30 6.36 0.95 5.68
N GLU A 31 6.56 0.09 6.67
CA GLU A 31 5.45 -0.42 7.47
C GLU A 31 4.59 0.72 8.01
N HIS A 32 5.13 1.94 7.93
CA HIS A 32 4.41 3.12 8.40
C HIS A 32 3.99 4.00 7.24
N CYS A 33 4.57 3.75 6.07
CA CYS A 33 4.26 4.53 4.87
C CYS A 33 3.14 3.87 4.08
N PHE A 34 3.17 2.54 4.00
CA PHE A 34 2.16 1.80 3.28
C PHE A 34 0.79 1.93 3.95
N LEU A 35 -0.02 2.86 3.44
CA LEU A 35 -1.35 3.09 3.99
C LEU A 35 -2.43 2.80 2.95
N CYS A 36 -3.69 2.96 3.35
CA CYS A 36 -4.81 2.71 2.45
C CYS A 36 -5.22 3.98 1.72
N SER A 37 -5.61 3.85 0.46
CA SER A 37 -6.02 4.98 -0.34
C SER A 37 -7.49 5.32 -0.09
N GLY A 38 -8.00 4.91 1.06
CA GLY A 38 -9.39 5.17 1.40
C GLY A 38 -9.54 5.74 2.79
N CYS A 39 -8.98 5.05 3.78
CA CYS A 39 -9.06 5.49 5.17
C CYS A 39 -7.70 5.96 5.67
N GLU A 40 -6.68 5.81 4.83
CA GLU A 40 -5.33 6.21 5.19
C GLU A 40 -4.83 5.43 6.40
N GLN A 41 -5.17 4.15 6.45
CA GLN A 41 -4.75 3.28 7.55
C GLN A 41 -3.52 2.46 7.16
N PRO A 42 -2.65 2.21 8.15
CA PRO A 42 -1.41 1.44 7.94
C PRO A 42 -1.69 -0.03 7.68
N LEU A 43 -1.80 -0.39 6.40
CA LEU A 43 -2.07 -1.78 6.02
C LEU A 43 -0.84 -2.65 6.23
N GLY A 44 0.22 -2.05 6.78
CA GLY A 44 1.45 -2.79 7.02
C GLY A 44 1.24 -3.92 8.01
N SER A 45 0.06 -3.99 8.59
CA SER A 45 -0.26 -5.03 9.56
C SER A 45 -1.60 -5.69 9.24
N ARG A 46 -2.53 -4.90 8.72
CA ARG A 46 -3.85 -5.40 8.38
C ARG A 46 -3.91 -5.81 6.90
N SER A 47 -4.81 -6.72 6.58
CA SER A 47 -4.95 -7.20 5.21
C SER A 47 -5.53 -6.10 4.32
N PHE A 48 -5.42 -6.29 3.00
CA PHE A 48 -5.92 -5.31 2.04
C PHE A 48 -5.96 -5.91 0.64
N VAL A 49 -6.35 -5.09 -0.33
CA VAL A 49 -6.43 -5.53 -1.72
C VAL A 49 -5.76 -4.54 -2.65
N PRO A 50 -4.65 -4.96 -3.28
CA PRO A 50 -3.89 -4.12 -4.21
C PRO A 50 -4.65 -3.86 -5.51
N ASP A 51 -5.16 -2.65 -5.67
CA ASP A 51 -5.89 -2.28 -6.86
C ASP A 51 -5.08 -1.34 -7.75
N LYS A 52 -5.69 -0.86 -8.81
CA LYS A 52 -5.02 0.05 -9.73
C LYS A 52 -4.21 1.10 -8.98
N GLY A 53 -2.92 0.84 -8.81
CA GLY A 53 -2.06 1.77 -8.11
C GLY A 53 -2.72 2.33 -6.85
N ALA A 54 -3.63 1.56 -6.27
CA ALA A 54 -4.32 1.99 -5.06
C ALA A 54 -4.48 0.82 -4.08
N HIS A 55 -4.08 1.04 -2.84
CA HIS A 55 -4.17 0.02 -1.80
C HIS A 55 -5.41 0.24 -0.93
N TYR A 56 -6.41 -0.62 -1.08
CA TYR A 56 -7.63 -0.51 -0.31
C TYR A 56 -7.81 -1.74 0.59
N CYS A 57 -8.11 -1.48 1.86
CA CYS A 57 -8.30 -2.56 2.83
C CYS A 57 -9.49 -3.43 2.43
N VAL A 58 -9.68 -4.53 3.16
CA VAL A 58 -10.78 -5.45 2.89
C VAL A 58 -12.06 -4.69 2.56
N PRO A 59 -12.47 -3.78 3.46
CA PRO A 59 -13.67 -2.97 3.27
C PRO A 59 -13.53 -1.94 2.17
N CYS A 60 -12.47 -1.15 2.25
CA CYS A 60 -12.20 -0.12 1.24
C CYS A 60 -12.20 -0.72 -0.16
N TYR A 61 -12.01 -2.04 -0.24
CA TYR A 61 -11.98 -2.73 -1.52
C TYR A 61 -13.37 -3.27 -1.88
N GLU A 62 -13.97 -3.99 -0.94
CA GLU A 62 -15.30 -4.57 -1.17
C GLU A 62 -16.35 -3.47 -1.28
N ASN A 63 -16.02 -2.28 -0.80
CA ASN A 63 -16.93 -1.15 -0.85
C ASN A 63 -16.87 -0.45 -2.21
N LYS A 64 -15.66 -0.24 -2.71
CA LYS A 64 -15.46 0.41 -3.99
C LYS A 64 -15.92 -0.49 -5.13
N PHE A 65 -15.82 -1.80 -4.93
CA PHE A 65 -16.22 -2.76 -5.94
C PHE A 65 -17.67 -3.21 -5.72
N ALA A 66 -18.40 -2.43 -4.94
CA ALA A 66 -19.80 -2.74 -4.64
C ALA A 66 -20.74 -1.90 -5.49
N SER A 67 -21.85 -2.49 -5.89
CA SER A 67 -22.84 -1.80 -6.72
C SER A 67 -23.74 -0.91 -5.86
N GLY A 68 -23.80 0.37 -6.20
CA GLY A 68 -24.63 1.29 -5.44
C GLY A 68 -24.52 2.71 -5.95
N PRO A 69 -25.64 3.45 -5.92
CA PRO A 69 -25.69 4.84 -6.37
C PRO A 69 -24.92 5.78 -5.46
N SER A 70 -24.45 5.26 -4.33
CA SER A 70 -23.71 6.05 -3.37
C SER A 70 -22.76 7.02 -4.07
N SER A 71 -22.93 8.30 -3.78
CA SER A 71 -22.10 9.34 -4.39
C SER A 71 -20.65 9.21 -3.92
N GLY A 72 -20.47 9.08 -2.62
CA GLY A 72 -19.13 8.96 -2.07
C GLY A 72 -18.88 7.59 -1.47
ZN ZN B . 8.81 5.71 3.80
ZN ZN C . -9.05 1.52 4.03
N GLY A 1 30.70 4.18 -2.13
CA GLY A 1 29.55 4.92 -2.62
C GLY A 1 28.23 4.36 -2.10
N SER A 2 27.22 5.21 -2.04
CA SER A 2 25.90 4.79 -1.56
C SER A 2 24.82 5.12 -2.58
N SER A 3 24.43 4.11 -3.35
CA SER A 3 23.40 4.29 -4.37
C SER A 3 22.05 3.80 -3.88
N GLY A 4 22.03 2.59 -3.33
CA GLY A 4 20.80 2.03 -2.82
C GLY A 4 19.88 1.54 -3.93
N SER A 5 19.56 0.26 -3.91
CA SER A 5 18.68 -0.32 -4.93
C SER A 5 17.22 -0.27 -4.49
N SER A 6 16.98 -0.69 -3.24
CA SER A 6 15.63 -0.71 -2.70
C SER A 6 15.37 0.54 -1.85
N GLY A 7 14.24 1.19 -2.09
CA GLY A 7 13.89 2.39 -1.34
C GLY A 7 12.40 2.60 -1.24
N CYS A 8 11.97 3.37 -0.25
CA CYS A 8 10.56 3.65 -0.04
C CYS A 8 9.98 4.43 -1.22
N SER A 9 8.75 4.10 -1.60
CA SER A 9 8.09 4.76 -2.71
C SER A 9 7.20 5.90 -2.22
N ALA A 10 6.96 5.93 -0.91
CA ALA A 10 6.13 6.97 -0.31
C ALA A 10 6.95 8.23 -0.03
N CYS A 11 7.98 8.09 0.80
CA CYS A 11 8.84 9.21 1.15
C CYS A 11 10.09 9.24 0.28
N GLY A 12 10.54 8.06 -0.14
CA GLY A 12 11.72 7.97 -0.99
C GLY A 12 12.92 7.44 -0.23
N GLU A 13 12.84 7.44 1.09
CA GLU A 13 13.93 6.96 1.93
C GLU A 13 14.38 5.56 1.48
N THR A 14 15.32 4.98 2.23
CA THR A 14 15.84 3.66 1.91
C THR A 14 15.32 2.62 2.90
N VAL A 15 14.42 1.76 2.42
CA VAL A 15 13.85 0.70 3.25
C VAL A 15 14.81 -0.47 3.39
N MET A 16 15.30 -0.68 4.62
CA MET A 16 16.22 -1.77 4.89
C MET A 16 15.47 -3.07 5.14
N PRO A 17 16.09 -4.20 4.77
CA PRO A 17 15.50 -5.52 4.94
C PRO A 17 15.43 -5.95 6.41
N GLY A 18 16.42 -5.51 7.18
CA GLY A 18 16.45 -5.84 8.60
C GLY A 18 15.55 -4.95 9.43
N SER A 19 14.37 -4.65 8.89
CA SER A 19 13.42 -3.79 9.59
C SER A 19 12.03 -3.89 8.95
N ARG A 20 10.99 -3.78 9.77
CA ARG A 20 9.62 -3.86 9.28
C ARG A 20 9.45 -3.04 8.00
N LYS A 21 8.92 -3.68 6.97
CA LYS A 21 8.71 -3.01 5.69
C LYS A 21 7.68 -3.77 4.85
N LEU A 22 7.34 -3.21 3.70
CA LEU A 22 6.37 -3.82 2.79
C LEU A 22 6.89 -3.85 1.36
N GLU A 23 6.46 -4.85 0.60
CA GLU A 23 6.88 -4.98 -0.80
C GLU A 23 5.77 -5.58 -1.65
N TYR A 24 5.28 -4.80 -2.60
CA TYR A 24 4.21 -5.25 -3.49
C TYR A 24 4.52 -4.91 -4.94
N GLY A 25 4.54 -5.94 -5.78
CA GLY A 25 4.83 -5.73 -7.20
C GLY A 25 6.31 -5.50 -7.46
N GLY A 26 6.69 -4.25 -7.57
CA GLY A 26 8.08 -3.92 -7.83
C GLY A 26 8.57 -2.75 -7.00
N GLN A 27 7.74 -2.31 -6.06
CA GLN A 27 8.10 -1.19 -5.20
C GLN A 27 8.19 -1.63 -3.75
N THR A 28 8.54 -0.70 -2.86
CA THR A 28 8.67 -0.99 -1.45
C THR A 28 8.23 0.20 -0.60
N TRP A 29 7.39 -0.08 0.41
CA TRP A 29 6.90 0.96 1.30
C TRP A 29 7.17 0.61 2.76
N HIS A 30 7.34 1.63 3.58
CA HIS A 30 7.60 1.44 5.01
C HIS A 30 6.33 1.03 5.74
N GLU A 31 6.49 0.20 6.77
CA GLU A 31 5.35 -0.26 7.56
C GLU A 31 4.51 0.91 8.05
N HIS A 32 5.07 2.11 7.95
CA HIS A 32 4.38 3.32 8.38
C HIS A 32 3.99 4.18 7.19
N CYS A 33 4.56 3.88 6.03
CA CYS A 33 4.28 4.62 4.81
C CYS A 33 3.16 3.96 4.01
N PHE A 34 3.17 2.64 3.98
CA PHE A 34 2.15 1.89 3.26
C PHE A 34 0.79 2.01 3.93
N LEU A 35 -0.04 2.91 3.41
CA LEU A 35 -1.37 3.13 3.96
C LEU A 35 -2.45 2.83 2.92
N CYS A 36 -3.70 2.98 3.31
CA CYS A 36 -4.83 2.74 2.42
C CYS A 36 -5.23 4.01 1.67
N SER A 37 -5.65 3.85 0.42
CA SER A 37 -6.06 4.99 -0.39
C SER A 37 -7.53 5.33 -0.15
N GLY A 38 -8.04 4.94 1.01
CA GLY A 38 -9.42 5.20 1.35
C GLY A 38 -9.58 5.77 2.74
N CYS A 39 -8.95 5.12 3.72
CA CYS A 39 -9.03 5.57 5.11
C CYS A 39 -7.66 6.03 5.60
N GLU A 40 -6.65 5.87 4.77
CA GLU A 40 -5.29 6.27 5.12
C GLU A 40 -4.79 5.49 6.32
N GLN A 41 -5.13 4.21 6.38
CA GLN A 41 -4.71 3.35 7.46
C GLN A 41 -3.50 2.50 7.07
N PRO A 42 -2.61 2.25 8.04
CA PRO A 42 -1.40 1.45 7.81
C PRO A 42 -1.71 -0.01 7.57
N LEU A 43 -1.81 -0.39 6.30
CA LEU A 43 -2.10 -1.78 5.93
C LEU A 43 -0.87 -2.66 6.13
N GLY A 44 0.19 -2.08 6.67
CA GLY A 44 1.41 -2.82 6.91
C GLY A 44 1.23 -3.92 7.94
N SER A 45 0.03 -3.99 8.52
CA SER A 45 -0.27 -4.99 9.53
C SER A 45 -1.50 -5.81 9.14
N ARG A 46 -2.52 -5.11 8.64
CA ARG A 46 -3.75 -5.75 8.22
C ARG A 46 -3.72 -6.08 6.73
N SER A 47 -4.68 -6.89 6.28
CA SER A 47 -4.76 -7.28 4.88
C SER A 47 -5.41 -6.17 4.05
N PHE A 48 -5.33 -6.30 2.74
CA PHE A 48 -5.91 -5.31 1.84
C PHE A 48 -5.99 -5.86 0.41
N VAL A 49 -6.45 -5.03 -0.52
CA VAL A 49 -6.58 -5.43 -1.91
C VAL A 49 -5.94 -4.39 -2.83
N PRO A 50 -4.87 -4.81 -3.52
CA PRO A 50 -4.14 -3.93 -4.45
C PRO A 50 -4.95 -3.63 -5.71
N ASP A 51 -5.40 -2.39 -5.83
CA ASP A 51 -6.19 -1.96 -6.98
C ASP A 51 -5.39 -0.98 -7.84
N LYS A 52 -6.03 -0.49 -8.91
CA LYS A 52 -5.40 0.46 -9.81
C LYS A 52 -4.58 1.49 -9.03
N GLY A 53 -3.28 1.27 -8.96
CA GLY A 53 -2.41 2.18 -8.24
C GLY A 53 -3.03 2.69 -6.96
N ALA A 54 -3.89 1.87 -6.35
CA ALA A 54 -4.55 2.24 -5.12
C ALA A 54 -4.71 1.03 -4.20
N HIS A 55 -4.25 1.17 -2.96
CA HIS A 55 -4.34 0.10 -1.97
C HIS A 55 -5.53 0.30 -1.04
N TYR A 56 -6.55 -0.54 -1.21
CA TYR A 56 -7.75 -0.44 -0.38
C TYR A 56 -7.89 -1.67 0.52
N CYS A 57 -8.15 -1.42 1.79
CA CYS A 57 -8.31 -2.50 2.76
C CYS A 57 -9.50 -3.39 2.40
N VAL A 58 -9.62 -4.51 3.10
CA VAL A 58 -10.71 -5.45 2.85
C VAL A 58 -12.01 -4.71 2.57
N PRO A 59 -12.40 -3.83 3.51
CA PRO A 59 -13.63 -3.04 3.38
C PRO A 59 -13.54 -1.99 2.28
N CYS A 60 -12.49 -1.17 2.32
CA CYS A 60 -12.29 -0.13 1.33
C CYS A 60 -12.32 -0.71 -0.09
N TYR A 61 -12.12 -2.02 -0.18
CA TYR A 61 -12.12 -2.70 -1.47
C TYR A 61 -13.50 -3.26 -1.79
N GLU A 62 -14.04 -4.06 -0.87
CA GLU A 62 -15.36 -4.66 -1.06
C GLU A 62 -16.43 -3.58 -1.14
N ASN A 63 -16.16 -2.42 -0.55
CA ASN A 63 -17.11 -1.32 -0.56
C ASN A 63 -17.17 -0.66 -1.94
N LYS A 64 -16.01 -0.35 -2.50
CA LYS A 64 -15.93 0.27 -3.81
C LYS A 64 -16.43 -0.67 -4.89
N PHE A 65 -16.07 -1.95 -4.77
CA PHE A 65 -16.49 -2.96 -5.73
C PHE A 65 -17.79 -3.62 -5.31
N ALA A 66 -18.44 -3.04 -4.31
CA ALA A 66 -19.70 -3.56 -3.80
C ALA A 66 -20.75 -3.65 -4.91
N SER A 67 -21.08 -2.49 -5.48
CA SER A 67 -22.08 -2.44 -6.55
C SER A 67 -21.41 -2.11 -7.89
N GLY A 68 -22.18 -2.22 -8.96
CA GLY A 68 -21.66 -1.94 -10.29
C GLY A 68 -22.75 -1.77 -11.32
N PRO A 69 -22.37 -1.83 -12.61
CA PRO A 69 -23.32 -1.68 -13.72
C PRO A 69 -24.26 -2.86 -13.83
N SER A 70 -23.72 -4.07 -13.77
CA SER A 70 -24.52 -5.29 -13.87
C SER A 70 -23.67 -6.53 -13.65
N SER A 71 -24.32 -7.67 -13.44
CA SER A 71 -23.62 -8.92 -13.21
C SER A 71 -23.15 -9.53 -14.53
N GLY A 72 -21.96 -9.11 -14.97
CA GLY A 72 -21.42 -9.62 -16.21
C GLY A 72 -20.92 -8.52 -17.13
ZN ZN B . 8.86 5.81 3.79
ZN ZN C . -9.07 1.58 4.01
N GLY A 1 25.64 5.39 -7.41
CA GLY A 1 24.82 6.60 -7.54
C GLY A 1 23.36 6.29 -7.73
N SER A 2 22.99 5.84 -8.92
CA SER A 2 21.61 5.52 -9.23
C SER A 2 21.48 4.05 -9.63
N SER A 3 22.17 3.17 -8.91
CA SER A 3 22.13 1.75 -9.20
C SER A 3 20.90 1.10 -8.58
N GLY A 4 20.36 0.09 -9.26
CA GLY A 4 19.18 -0.59 -8.76
C GLY A 4 19.20 -0.74 -7.25
N SER A 5 18.32 0.00 -6.57
CA SER A 5 18.23 -0.05 -5.12
C SER A 5 16.79 -0.13 -4.66
N SER A 6 16.59 -0.59 -3.42
CA SER A 6 15.25 -0.72 -2.87
C SER A 6 14.94 0.45 -1.94
N GLY A 7 14.07 1.35 -2.41
CA GLY A 7 13.70 2.51 -1.60
C GLY A 7 12.20 2.65 -1.48
N CYS A 8 11.77 3.45 -0.50
CA CYS A 8 10.34 3.68 -0.27
C CYS A 8 9.71 4.41 -1.45
N SER A 9 8.51 4.00 -1.81
CA SER A 9 7.80 4.62 -2.93
C SER A 9 6.86 5.72 -2.44
N ALA A 10 6.71 5.82 -1.12
CA ALA A 10 5.85 6.82 -0.52
C ALA A 10 6.62 8.11 -0.23
N CYS A 11 7.70 7.98 0.53
CA CYS A 11 8.53 9.12 0.88
C CYS A 11 9.74 9.22 -0.04
N GLY A 12 10.26 8.07 -0.45
CA GLY A 12 11.42 8.05 -1.33
C GLY A 12 12.71 7.74 -0.58
N GLU A 13 12.57 7.36 0.69
CA GLU A 13 13.74 7.05 1.51
C GLU A 13 14.31 5.68 1.15
N THR A 14 15.30 5.24 1.90
CA THR A 14 15.95 3.96 1.66
C THR A 14 15.45 2.90 2.65
N VAL A 15 14.58 2.01 2.18
CA VAL A 15 14.03 0.96 3.03
C VAL A 15 15.06 -0.14 3.26
N MET A 16 15.62 -0.19 4.46
CA MET A 16 16.61 -1.19 4.81
C MET A 16 15.95 -2.54 5.09
N PRO A 17 16.68 -3.63 4.80
CA PRO A 17 16.18 -4.99 5.01
C PRO A 17 16.06 -5.34 6.49
N GLY A 18 15.33 -6.42 6.77
CA GLY A 18 15.15 -6.85 8.16
C GLY A 18 14.12 -6.00 8.89
N SER A 19 14.21 -4.69 8.73
CA SER A 19 13.29 -3.77 9.38
C SER A 19 11.88 -3.92 8.81
N ARG A 20 10.89 -3.71 9.67
CA ARG A 20 9.49 -3.82 9.24
C ARG A 20 9.22 -2.98 8.00
N LYS A 21 9.05 -3.65 6.87
CA LYS A 21 8.78 -2.96 5.61
C LYS A 21 7.73 -3.70 4.80
N LEU A 22 7.40 -3.16 3.63
CA LEU A 22 6.41 -3.77 2.76
C LEU A 22 6.84 -3.69 1.29
N GLU A 23 6.38 -4.65 0.49
CA GLU A 23 6.73 -4.68 -0.93
C GLU A 23 5.62 -5.35 -1.73
N TYR A 24 4.98 -4.58 -2.61
CA TYR A 24 3.90 -5.09 -3.44
C TYR A 24 4.07 -4.65 -4.89
N GLY A 25 3.92 -5.58 -5.82
CA GLY A 25 4.06 -5.27 -7.23
C GLY A 25 5.43 -4.76 -7.57
N GLY A 26 6.43 -5.13 -6.77
CA GLY A 26 7.79 -4.69 -7.01
C GLY A 26 8.17 -3.50 -6.16
N GLN A 27 7.21 -2.63 -5.90
CA GLN A 27 7.46 -1.43 -5.09
C GLN A 27 7.73 -1.80 -3.63
N THR A 28 8.13 -0.82 -2.84
CA THR A 28 8.43 -1.04 -1.43
C THR A 28 8.01 0.15 -0.59
N TRP A 29 7.23 -0.10 0.44
CA TRP A 29 6.76 0.95 1.34
C TRP A 29 7.09 0.63 2.79
N HIS A 30 7.32 1.67 3.59
CA HIS A 30 7.65 1.49 5.00
C HIS A 30 6.42 1.04 5.79
N GLU A 31 6.65 0.21 6.80
CA GLU A 31 5.56 -0.29 7.64
C GLU A 31 4.70 0.86 8.17
N HIS A 32 5.23 2.08 8.05
CA HIS A 32 4.51 3.26 8.52
C HIS A 32 4.05 4.11 7.34
N CYS A 33 4.60 3.84 6.16
CA CYS A 33 4.24 4.58 4.96
C CYS A 33 3.13 3.88 4.20
N PHE A 34 3.17 2.56 4.18
CA PHE A 34 2.16 1.77 3.49
C PHE A 34 0.80 1.91 4.15
N LEU A 35 -0.03 2.80 3.61
CA LEU A 35 -1.36 3.04 4.15
C LEU A 35 -2.43 2.77 3.10
N CYS A 36 -3.70 2.96 3.48
CA CYS A 36 -4.82 2.73 2.57
C CYS A 36 -5.18 4.02 1.84
N SER A 37 -5.67 3.88 0.62
CA SER A 37 -6.06 5.03 -0.19
C SER A 37 -7.52 5.38 0.05
N GLY A 38 -8.04 4.99 1.20
CA GLY A 38 -9.42 5.27 1.53
C GLY A 38 -9.59 5.81 2.93
N CYS A 39 -8.98 5.14 3.90
CA CYS A 39 -9.06 5.55 5.30
C CYS A 39 -7.68 5.96 5.82
N GLU A 40 -6.66 5.80 4.98
CA GLU A 40 -5.30 6.16 5.36
C GLU A 40 -4.83 5.32 6.54
N GLN A 41 -5.26 4.06 6.57
CA GLN A 41 -4.89 3.14 7.65
C GLN A 41 -3.62 2.36 7.29
N PRO A 42 -2.77 2.11 8.30
CA PRO A 42 -1.52 1.37 8.11
C PRO A 42 -1.76 -0.11 7.81
N LEU A 43 -1.85 -0.43 6.53
CA LEU A 43 -2.08 -1.81 6.11
C LEU A 43 -0.82 -2.65 6.28
N GLY A 44 0.22 -2.04 6.84
CA GLY A 44 1.48 -2.74 7.05
C GLY A 44 1.28 -4.16 7.56
N SER A 45 0.42 -4.29 8.58
CA SER A 45 0.15 -5.60 9.16
C SER A 45 -1.34 -5.90 9.15
N ARG A 46 -2.03 -5.42 8.12
CA ARG A 46 -3.47 -5.62 7.99
C ARG A 46 -3.82 -6.17 6.61
N SER A 47 -5.03 -6.70 6.47
CA SER A 47 -5.47 -7.27 5.21
C SER A 47 -6.03 -6.18 4.30
N PHE A 48 -5.61 -6.20 3.04
CA PHE A 48 -6.06 -5.21 2.07
C PHE A 48 -6.04 -5.80 0.66
N VAL A 49 -6.38 -4.97 -0.33
CA VAL A 49 -6.41 -5.40 -1.71
C VAL A 49 -5.71 -4.39 -2.62
N PRO A 50 -4.59 -4.80 -3.23
CA PRO A 50 -3.81 -3.94 -4.13
C PRO A 50 -4.54 -3.67 -5.44
N ASP A 51 -5.10 -2.47 -5.56
CA ASP A 51 -5.82 -2.09 -6.77
C ASP A 51 -4.97 -1.16 -7.64
N LYS A 52 -5.56 -0.66 -8.71
CA LYS A 52 -4.87 0.24 -9.62
C LYS A 52 -4.11 1.32 -8.85
N GLY A 53 -2.80 1.10 -8.67
CA GLY A 53 -1.98 2.06 -7.95
C GLY A 53 -2.67 2.58 -6.70
N ALA A 54 -3.56 1.77 -6.13
CA ALA A 54 -4.28 2.17 -4.93
C ALA A 54 -4.46 0.98 -3.99
N HIS A 55 -4.08 1.17 -2.72
CA HIS A 55 -4.20 0.11 -1.73
C HIS A 55 -5.43 0.34 -0.85
N TYR A 56 -6.45 -0.51 -1.04
CA TYR A 56 -7.68 -0.41 -0.27
C TYR A 56 -7.85 -1.63 0.63
N CYS A 57 -8.16 -1.39 1.90
CA CYS A 57 -8.36 -2.46 2.85
C CYS A 57 -9.56 -3.33 2.46
N VAL A 58 -9.68 -4.49 3.08
CA VAL A 58 -10.77 -5.41 2.79
C VAL A 58 -12.05 -4.65 2.45
N PRO A 59 -12.47 -3.76 3.36
CA PRO A 59 -13.67 -2.95 3.17
C PRO A 59 -13.51 -1.89 2.08
N CYS A 60 -12.46 -1.08 2.20
CA CYS A 60 -12.19 -0.05 1.23
C CYS A 60 -12.13 -0.62 -0.18
N TYR A 61 -11.93 -1.93 -0.27
CA TYR A 61 -11.84 -2.61 -1.56
C TYR A 61 -13.20 -3.16 -1.98
N GLU A 62 -13.81 -3.94 -1.10
CA GLU A 62 -15.12 -4.53 -1.37
C GLU A 62 -16.18 -3.45 -1.53
N ASN A 63 -15.90 -2.26 -1.01
CA ASN A 63 -16.82 -1.14 -1.09
C ASN A 63 -16.74 -0.47 -2.45
N LYS A 64 -15.53 -0.26 -2.94
CA LYS A 64 -15.32 0.37 -4.24
C LYS A 64 -15.68 -0.59 -5.38
N PHE A 65 -15.50 -1.88 -5.13
CA PHE A 65 -15.80 -2.89 -6.14
C PHE A 65 -17.23 -3.41 -5.96
N ALA A 66 -18.02 -2.70 -5.17
CA ALA A 66 -19.41 -3.09 -4.92
C ALA A 66 -20.31 -1.87 -4.83
N SER A 67 -21.62 -2.10 -4.86
CA SER A 67 -22.59 -1.02 -4.78
C SER A 67 -22.18 0.01 -3.73
N GLY A 68 -22.23 1.29 -4.10
CA GLY A 68 -21.86 2.34 -3.18
C GLY A 68 -21.85 3.71 -3.85
N PRO A 69 -20.64 4.23 -4.10
CA PRO A 69 -20.46 5.54 -4.74
C PRO A 69 -20.87 5.54 -6.20
N SER A 70 -22.15 5.81 -6.46
CA SER A 70 -22.66 5.83 -7.82
C SER A 70 -21.99 6.93 -8.64
N SER A 71 -22.11 8.17 -8.19
CA SER A 71 -21.52 9.30 -8.88
C SER A 71 -20.12 9.59 -8.35
N GLY A 72 -19.25 10.12 -9.21
CA GLY A 72 -17.90 10.43 -8.82
C GLY A 72 -17.83 11.54 -7.79
ZN ZN B . 8.65 5.75 3.60
ZN ZN C . -9.10 1.62 4.08
N GLY A 1 28.23 -1.26 -13.02
CA GLY A 1 27.89 -1.48 -11.63
C GLY A 1 26.46 -1.06 -11.31
N SER A 2 25.50 -1.67 -11.99
CA SER A 2 24.09 -1.36 -11.79
C SER A 2 23.77 -1.30 -10.30
N SER A 3 22.80 -0.47 -9.96
CA SER A 3 22.39 -0.30 -8.56
C SER A 3 20.88 -0.06 -8.46
N GLY A 4 20.26 -0.67 -7.45
CA GLY A 4 18.83 -0.51 -7.26
C GLY A 4 18.41 -0.73 -5.83
N SER A 5 19.15 -0.16 -4.89
CA SER A 5 18.85 -0.31 -3.48
C SER A 5 17.37 -0.04 -3.20
N SER A 6 16.65 -1.08 -2.80
CA SER A 6 15.23 -0.96 -2.51
C SER A 6 14.95 0.27 -1.65
N GLY A 7 14.14 1.18 -2.17
CA GLY A 7 13.81 2.38 -1.44
C GLY A 7 12.30 2.59 -1.32
N CYS A 8 11.90 3.37 -0.32
CA CYS A 8 10.49 3.65 -0.09
C CYS A 8 9.90 4.47 -1.24
N SER A 9 8.67 4.13 -1.63
CA SER A 9 8.00 4.83 -2.72
C SER A 9 7.12 5.95 -2.18
N ALA A 10 6.90 5.94 -0.87
CA ALA A 10 6.08 6.96 -0.23
C ALA A 10 6.89 8.21 0.07
N CYS A 11 7.93 8.06 0.88
CA CYS A 11 8.79 9.18 1.25
C CYS A 11 10.02 9.24 0.33
N GLY A 12 10.48 8.08 -0.10
CA GLY A 12 11.64 8.02 -0.98
C GLY A 12 12.87 7.50 -0.27
N GLU A 13 12.81 7.43 1.06
CA GLU A 13 13.93 6.95 1.85
C GLU A 13 14.40 5.58 1.36
N THR A 14 15.38 5.02 2.05
CA THR A 14 15.92 3.71 1.67
C THR A 14 15.48 2.63 2.65
N VAL A 15 14.45 1.87 2.27
CA VAL A 15 13.93 0.81 3.13
C VAL A 15 14.97 -0.28 3.32
N MET A 16 15.39 -0.48 4.57
CA MET A 16 16.39 -1.50 4.90
C MET A 16 15.71 -2.81 5.26
N PRO A 17 16.39 -3.92 4.95
CA PRO A 17 15.87 -5.26 5.25
C PRO A 17 15.86 -5.58 6.74
N GLY A 18 16.67 -4.85 7.49
CA GLY A 18 16.74 -5.07 8.93
C GLY A 18 15.65 -4.31 9.67
N SER A 19 14.46 -4.24 9.07
CA SER A 19 13.34 -3.54 9.67
C SER A 19 12.04 -3.88 8.98
N ARG A 20 10.93 -3.79 9.70
CA ARG A 20 9.62 -4.09 9.14
C ARG A 20 9.32 -3.21 7.93
N LYS A 21 9.08 -3.85 6.79
CA LYS A 21 8.78 -3.12 5.56
C LYS A 21 7.74 -3.87 4.72
N LEU A 22 7.38 -3.30 3.59
CA LEU A 22 6.40 -3.91 2.70
C LEU A 22 6.88 -3.89 1.25
N GLU A 23 6.41 -4.85 0.47
CA GLU A 23 6.79 -4.94 -0.94
C GLU A 23 5.67 -5.57 -1.77
N TYR A 24 5.13 -4.79 -2.69
CA TYR A 24 4.05 -5.27 -3.55
C TYR A 24 4.30 -4.90 -5.01
N GLY A 25 4.35 -5.91 -5.88
CA GLY A 25 4.58 -5.67 -7.28
C GLY A 25 6.05 -5.41 -7.59
N GLY A 26 6.40 -4.13 -7.74
CA GLY A 26 7.79 -3.78 -8.03
C GLY A 26 8.26 -2.60 -7.21
N GLN A 27 7.53 -2.29 -6.15
CA GLN A 27 7.89 -1.16 -5.28
C GLN A 27 8.02 -1.63 -3.83
N THR A 28 8.40 -0.70 -2.95
CA THR A 28 8.57 -1.00 -1.54
C THR A 28 8.15 0.17 -0.67
N TRP A 29 7.34 -0.11 0.35
CA TRP A 29 6.86 0.93 1.26
C TRP A 29 7.16 0.56 2.71
N HIS A 30 7.36 1.58 3.54
CA HIS A 30 7.66 1.37 4.96
C HIS A 30 6.41 0.92 5.71
N GLU A 31 6.61 0.09 6.73
CA GLU A 31 5.50 -0.41 7.53
C GLU A 31 4.64 0.74 8.04
N HIS A 32 5.16 1.96 7.96
CA HIS A 32 4.45 3.14 8.42
C HIS A 32 4.02 4.01 7.23
N CYS A 33 4.60 3.74 6.07
CA CYS A 33 4.29 4.50 4.87
C CYS A 33 3.16 3.82 4.09
N PHE A 34 3.17 2.50 4.07
CA PHE A 34 2.15 1.74 3.36
C PHE A 34 0.79 1.89 4.03
N LEU A 35 -0.04 2.77 3.49
CA LEU A 35 -1.37 3.01 4.04
C LEU A 35 -2.45 2.76 2.99
N CYS A 36 -3.70 2.91 3.39
CA CYS A 36 -4.83 2.70 2.49
C CYS A 36 -5.18 3.98 1.74
N SER A 37 -5.68 3.84 0.53
CA SER A 37 -6.06 4.99 -0.29
C SER A 37 -7.51 5.38 -0.05
N GLY A 38 -8.04 4.99 1.11
CA GLY A 38 -9.42 5.30 1.43
C GLY A 38 -9.57 5.86 2.84
N CYS A 39 -9.01 5.16 3.82
CA CYS A 39 -9.09 5.59 5.21
C CYS A 39 -7.72 6.00 5.73
N GLU A 40 -6.70 5.79 4.90
CA GLU A 40 -5.33 6.14 5.27
C GLU A 40 -4.85 5.30 6.46
N GLN A 41 -5.27 4.04 6.48
CA GLN A 41 -4.89 3.13 7.56
C GLN A 41 -3.65 2.34 7.20
N PRO A 42 -2.79 2.09 8.19
CA PRO A 42 -1.55 1.34 8.00
C PRO A 42 -1.80 -0.14 7.72
N LEU A 43 -1.86 -0.50 6.44
CA LEU A 43 -2.10 -1.88 6.04
C LEU A 43 -0.83 -2.71 6.18
N GLY A 44 0.21 -2.09 6.72
CA GLY A 44 1.48 -2.80 6.91
C GLY A 44 1.27 -4.25 7.31
N SER A 45 0.33 -4.49 8.21
CA SER A 45 0.06 -5.84 8.68
C SER A 45 -1.39 -6.21 8.41
N ARG A 46 -2.28 -5.21 8.42
CA ARG A 46 -3.69 -5.44 8.17
C ARG A 46 -3.93 -5.96 6.76
N SER A 47 -5.08 -6.59 6.55
CA SER A 47 -5.42 -7.14 5.24
C SER A 47 -5.97 -6.05 4.31
N PHE A 48 -5.67 -6.17 3.02
CA PHE A 48 -6.13 -5.21 2.04
C PHE A 48 -6.17 -5.82 0.65
N VAL A 49 -6.52 -5.01 -0.35
CA VAL A 49 -6.60 -5.48 -1.72
C VAL A 49 -5.91 -4.50 -2.68
N PRO A 50 -4.83 -4.97 -3.32
CA PRO A 50 -4.06 -4.15 -4.27
C PRO A 50 -4.84 -3.88 -5.55
N ASP A 51 -5.40 -2.67 -5.64
CA ASP A 51 -6.16 -2.28 -6.82
C ASP A 51 -5.33 -1.38 -7.74
N LYS A 52 -5.96 -0.87 -8.80
CA LYS A 52 -5.29 0.00 -9.74
C LYS A 52 -4.44 1.05 -9.02
N GLY A 53 -3.15 0.76 -8.90
CA GLY A 53 -2.25 1.69 -8.23
C GLY A 53 -2.85 2.27 -6.96
N ALA A 54 -3.73 1.51 -6.33
CA ALA A 54 -4.39 1.95 -5.10
C ALA A 54 -4.55 0.80 -4.12
N HIS A 55 -4.18 1.04 -2.86
CA HIS A 55 -4.30 0.02 -1.83
C HIS A 55 -5.51 0.27 -0.95
N TYR A 56 -6.52 -0.57 -1.09
CA TYR A 56 -7.75 -0.44 -0.30
C TYR A 56 -7.94 -1.64 0.61
N CYS A 57 -8.24 -1.37 1.88
CA CYS A 57 -8.45 -2.44 2.85
C CYS A 57 -9.66 -3.29 2.47
N VAL A 58 -9.80 -4.43 3.15
CA VAL A 58 -10.91 -5.34 2.88
C VAL A 58 -12.18 -4.57 2.54
N PRO A 59 -12.59 -3.66 3.44
CA PRO A 59 -13.79 -2.84 3.24
C PRO A 59 -13.62 -1.81 2.13
N CYS A 60 -12.56 -1.01 2.22
CA CYS A 60 -12.29 0.01 1.21
C CYS A 60 -12.26 -0.60 -0.18
N TYR A 61 -12.06 -1.91 -0.24
CA TYR A 61 -12.00 -2.61 -1.53
C TYR A 61 -13.37 -3.17 -1.91
N GLU A 62 -13.98 -3.89 -0.98
CA GLU A 62 -15.30 -4.48 -1.22
C GLU A 62 -16.37 -3.40 -1.31
N ASN A 63 -16.05 -2.22 -0.79
CA ASN A 63 -16.99 -1.10 -0.82
C ASN A 63 -16.92 -0.36 -2.15
N LYS A 64 -15.70 -0.08 -2.61
CA LYS A 64 -15.51 0.62 -3.87
C LYS A 64 -15.94 -0.24 -5.05
N PHE A 65 -15.83 -1.56 -4.88
CA PHE A 65 -16.21 -2.50 -5.93
C PHE A 65 -17.58 -3.10 -5.66
N ALA A 66 -18.33 -2.45 -4.77
CA ALA A 66 -19.67 -2.91 -4.42
C ALA A 66 -20.71 -2.38 -5.40
N SER A 67 -20.76 -2.99 -6.59
CA SER A 67 -21.70 -2.57 -7.62
C SER A 67 -21.91 -1.06 -7.59
N GLY A 68 -20.82 -0.32 -7.45
CA GLY A 68 -20.91 1.13 -7.41
C GLY A 68 -21.18 1.73 -8.77
N PRO A 69 -22.34 2.40 -8.90
CA PRO A 69 -22.75 3.04 -10.15
C PRO A 69 -21.90 4.25 -10.49
N SER A 70 -21.05 4.12 -11.51
CA SER A 70 -20.18 5.20 -11.93
C SER A 70 -20.92 6.54 -11.92
N SER A 71 -20.77 7.28 -10.84
CA SER A 71 -21.43 8.57 -10.69
C SER A 71 -21.19 9.44 -11.92
N GLY A 72 -22.28 9.90 -12.55
CA GLY A 72 -22.16 10.74 -13.72
C GLY A 72 -22.28 9.95 -15.01
ZN ZN B . 8.84 5.72 3.81
ZN ZN C . -9.14 1.68 4.01
N GLY A 1 30.02 1.21 -4.13
CA GLY A 1 29.62 0.94 -2.76
C GLY A 1 28.16 1.26 -2.50
N SER A 2 27.30 0.88 -3.43
CA SER A 2 25.87 1.14 -3.30
C SER A 2 25.38 0.81 -1.89
N SER A 3 24.48 1.63 -1.37
CA SER A 3 23.94 1.42 -0.04
C SER A 3 22.43 1.20 -0.10
N GLY A 4 22.03 -0.02 -0.43
CA GLY A 4 20.61 -0.35 -0.51
C GLY A 4 19.94 0.29 -1.71
N SER A 5 19.33 -0.53 -2.54
CA SER A 5 18.65 -0.04 -3.75
C SER A 5 17.17 0.18 -3.48
N SER A 6 16.49 -0.88 -3.03
CA SER A 6 15.06 -0.80 -2.74
C SER A 6 14.76 0.40 -1.85
N GLY A 7 14.12 1.41 -2.43
CA GLY A 7 13.77 2.60 -1.67
C GLY A 7 12.28 2.78 -1.51
N CYS A 8 11.86 3.47 -0.45
CA CYS A 8 10.45 3.71 -0.20
C CYS A 8 9.84 4.56 -1.31
N SER A 9 8.61 4.22 -1.70
CA SER A 9 7.91 4.94 -2.75
C SER A 9 7.05 6.05 -2.16
N ALA A 10 6.90 6.03 -0.84
CA ALA A 10 6.10 7.04 -0.16
C ALA A 10 6.93 8.27 0.17
N CYS A 11 7.94 8.10 1.01
CA CYS A 11 8.81 9.19 1.41
C CYS A 11 10.02 9.29 0.48
N GLY A 12 10.46 8.15 -0.04
CA GLY A 12 11.60 8.13 -0.93
C GLY A 12 12.86 7.59 -0.26
N GLU A 13 12.82 7.49 1.07
CA GLU A 13 13.96 6.99 1.83
C GLU A 13 14.41 5.63 1.31
N THR A 14 15.48 5.09 1.90
CA THR A 14 16.00 3.80 1.49
C THR A 14 15.58 2.70 2.47
N VAL A 15 14.53 1.97 2.11
CA VAL A 15 14.03 0.90 2.96
C VAL A 15 15.10 -0.17 3.20
N MET A 16 15.59 -0.23 4.43
CA MET A 16 16.62 -1.21 4.79
C MET A 16 15.99 -2.52 5.25
N PRO A 17 16.74 -3.62 5.08
CA PRO A 17 16.28 -4.95 5.48
C PRO A 17 16.18 -5.11 6.99
N GLY A 18 15.48 -6.16 7.42
CA GLY A 18 15.32 -6.40 8.85
C GLY A 18 14.20 -5.58 9.46
N SER A 19 14.08 -4.34 9.01
CA SER A 19 13.04 -3.44 9.53
C SER A 19 11.73 -3.65 8.79
N ARG A 20 10.66 -3.92 9.55
CA ARG A 20 9.35 -4.14 8.97
C ARG A 20 9.15 -3.26 7.74
N LYS A 21 8.95 -3.91 6.59
CA LYS A 21 8.74 -3.19 5.33
C LYS A 21 7.68 -3.88 4.48
N LEU A 22 7.37 -3.28 3.34
CA LEU A 22 6.37 -3.84 2.43
C LEU A 22 6.82 -3.71 0.98
N GLU A 23 6.36 -4.62 0.13
CA GLU A 23 6.72 -4.60 -1.28
C GLU A 23 5.61 -5.23 -2.12
N TYR A 24 4.99 -4.43 -2.97
CA TYR A 24 3.92 -4.90 -3.84
C TYR A 24 4.10 -4.40 -5.27
N GLY A 25 3.79 -5.25 -6.23
CA GLY A 25 3.93 -4.88 -7.63
C GLY A 25 5.34 -4.51 -7.99
N GLY A 26 6.27 -4.74 -7.07
CA GLY A 26 7.66 -4.42 -7.32
C GLY A 26 8.16 -3.29 -6.45
N GLN A 27 7.28 -2.33 -6.16
CA GLN A 27 7.63 -1.19 -5.33
C GLN A 27 7.88 -1.62 -3.89
N THR A 28 8.26 -0.67 -3.05
CA THR A 28 8.53 -0.94 -1.64
C THR A 28 8.11 0.22 -0.75
N TRP A 29 7.32 -0.08 0.27
CA TRP A 29 6.84 0.95 1.19
C TRP A 29 7.16 0.58 2.63
N HIS A 30 7.36 1.59 3.47
CA HIS A 30 7.67 1.37 4.87
C HIS A 30 6.44 0.90 5.64
N GLU A 31 6.67 0.03 6.63
CA GLU A 31 5.57 -0.51 7.44
C GLU A 31 4.70 0.62 7.99
N HIS A 32 5.23 1.85 7.93
CA HIS A 32 4.50 3.02 8.42
C HIS A 32 4.05 3.91 7.27
N CYS A 33 4.64 3.68 6.09
CA CYS A 33 4.31 4.46 4.91
C CYS A 33 3.18 3.82 4.12
N PHE A 34 3.18 2.48 4.08
CA PHE A 34 2.17 1.73 3.35
C PHE A 34 0.80 1.90 4.01
N LEU A 35 -0.01 2.81 3.47
CA LEU A 35 -1.34 3.07 4.01
C LEU A 35 -2.41 2.77 2.97
N CYS A 36 -3.67 2.93 3.36
CA CYS A 36 -4.79 2.68 2.47
C CYS A 36 -5.17 3.94 1.69
N SER A 37 -5.61 3.75 0.45
CA SER A 37 -6.00 4.88 -0.38
C SER A 37 -7.46 5.27 -0.15
N GLY A 38 -7.97 4.91 1.03
CA GLY A 38 -9.35 5.22 1.36
C GLY A 38 -9.49 5.82 2.74
N CYS A 39 -8.95 5.13 3.75
CA CYS A 39 -9.02 5.61 5.12
C CYS A 39 -7.64 6.04 5.61
N GLU A 40 -6.64 5.87 4.77
CA GLU A 40 -5.27 6.25 5.12
C GLU A 40 -4.79 5.46 6.34
N GLN A 41 -5.17 4.19 6.41
CA GLN A 41 -4.78 3.34 7.52
C GLN A 41 -3.56 2.49 7.15
N PRO A 42 -2.71 2.22 8.14
CA PRO A 42 -1.50 1.42 7.95
C PRO A 42 -1.81 -0.05 7.68
N LEU A 43 -1.86 -0.42 6.40
CA LEU A 43 -2.15 -1.79 6.01
C LEU A 43 -0.91 -2.67 6.18
N GLY A 44 0.15 -2.10 6.73
CA GLY A 44 1.38 -2.85 6.93
C GLY A 44 1.18 -4.03 7.88
N SER A 45 0.03 -4.08 8.53
CA SER A 45 -0.27 -5.16 9.47
C SER A 45 -1.61 -5.81 9.13
N ARG A 46 -2.57 -5.00 8.73
CA ARG A 46 -3.89 -5.50 8.37
C ARG A 46 -3.97 -5.85 6.89
N SER A 47 -4.82 -6.82 6.56
CA SER A 47 -4.97 -7.25 5.17
C SER A 47 -5.54 -6.13 4.31
N PHE A 48 -5.47 -6.32 2.99
CA PHE A 48 -5.97 -5.31 2.06
C PHE A 48 -6.06 -5.89 0.64
N VAL A 49 -6.45 -5.05 -0.30
CA VAL A 49 -6.59 -5.48 -1.69
C VAL A 49 -6.06 -4.42 -2.65
N PRO A 50 -4.97 -4.74 -3.36
CA PRO A 50 -4.34 -3.83 -4.32
C PRO A 50 -5.20 -3.61 -5.56
N ASP A 51 -5.20 -2.39 -6.07
CA ASP A 51 -5.99 -2.05 -7.25
C ASP A 51 -5.44 -0.78 -7.90
N LYS A 52 -4.96 -0.91 -9.14
CA LYS A 52 -4.42 0.23 -9.87
C LYS A 52 -3.46 1.03 -9.01
N GLY A 53 -2.60 0.33 -8.28
CA GLY A 53 -1.64 1.00 -7.42
C GLY A 53 -2.25 1.44 -6.11
N ALA A 54 -3.57 1.56 -6.07
CA ALA A 54 -4.28 1.98 -4.87
C ALA A 54 -4.49 0.81 -3.92
N HIS A 55 -4.06 0.97 -2.68
CA HIS A 55 -4.21 -0.08 -1.68
C HIS A 55 -5.44 0.16 -0.81
N TYR A 56 -6.46 -0.67 -1.01
CA TYR A 56 -7.69 -0.54 -0.24
C TYR A 56 -7.89 -1.73 0.69
N CYS A 57 -8.18 -1.44 1.96
CA CYS A 57 -8.39 -2.49 2.95
C CYS A 57 -9.58 -3.35 2.59
N VAL A 58 -9.71 -4.49 3.27
CA VAL A 58 -10.83 -5.40 3.02
C VAL A 58 -12.10 -4.64 2.68
N PRO A 59 -12.50 -3.72 3.55
CA PRO A 59 -13.69 -2.90 3.36
C PRO A 59 -13.54 -1.89 2.23
N CYS A 60 -12.47 -1.09 2.30
CA CYS A 60 -12.21 -0.08 1.29
C CYS A 60 -12.19 -0.70 -0.11
N TYR A 61 -12.02 -2.03 -0.15
CA TYR A 61 -11.98 -2.75 -1.42
C TYR A 61 -13.37 -3.28 -1.80
N GLU A 62 -13.97 -4.03 -0.88
CA GLU A 62 -15.29 -4.59 -1.11
C GLU A 62 -16.33 -3.50 -1.30
N ASN A 63 -16.06 -2.33 -0.74
CA ASN A 63 -16.96 -1.19 -0.86
C ASN A 63 -16.87 -0.55 -2.24
N LYS A 64 -15.65 -0.29 -2.67
CA LYS A 64 -15.41 0.33 -3.98
C LYS A 64 -15.91 -0.58 -5.10
N PHE A 65 -15.77 -1.88 -4.90
CA PHE A 65 -16.20 -2.86 -5.89
C PHE A 65 -17.65 -3.28 -5.64
N ALA A 66 -18.34 -2.52 -4.81
CA ALA A 66 -19.73 -2.82 -4.47
C ALA A 66 -20.69 -1.95 -5.28
N SER A 67 -21.00 -2.41 -6.49
CA SER A 67 -21.91 -1.66 -7.37
C SER A 67 -23.30 -2.27 -7.36
N GLY A 68 -24.30 -1.44 -7.08
CA GLY A 68 -25.68 -1.91 -7.04
C GLY A 68 -26.36 -1.83 -8.39
N PRO A 69 -26.78 -0.61 -8.78
CA PRO A 69 -27.45 -0.39 -10.05
C PRO A 69 -26.51 -0.55 -11.25
N SER A 70 -27.01 -0.24 -12.43
CA SER A 70 -26.22 -0.35 -13.65
C SER A 70 -25.43 0.93 -13.91
N SER A 71 -26.14 2.04 -14.11
CA SER A 71 -25.51 3.32 -14.36
C SER A 71 -24.47 3.64 -13.29
N GLY A 72 -24.93 3.76 -12.04
CA GLY A 72 -24.02 4.06 -10.95
C GLY A 72 -23.87 5.55 -10.72
ZN ZN B . 8.84 5.64 3.77
ZN ZN C . -9.07 1.65 4.05
N GLY A 1 28.42 1.72 -6.59
CA GLY A 1 27.22 0.95 -6.83
C GLY A 1 26.64 0.36 -5.56
N SER A 2 25.46 -0.23 -5.67
CA SER A 2 24.80 -0.83 -4.52
C SER A 2 24.15 -2.16 -4.89
N SER A 3 23.59 -2.84 -3.90
CA SER A 3 22.95 -4.13 -4.11
C SER A 3 21.45 -4.04 -3.84
N GLY A 4 20.65 -4.02 -4.90
CA GLY A 4 19.20 -3.94 -4.74
C GLY A 4 18.75 -2.58 -4.26
N SER A 5 18.19 -1.79 -5.16
CA SER A 5 17.72 -0.45 -4.82
C SER A 5 16.25 -0.48 -4.42
N SER A 6 15.99 -0.88 -3.18
CA SER A 6 14.62 -0.95 -2.67
C SER A 6 14.31 0.23 -1.76
N GLY A 7 13.98 1.37 -2.36
CA GLY A 7 13.66 2.56 -1.60
C GLY A 7 12.17 2.76 -1.44
N CYS A 8 11.79 3.51 -0.41
CA CYS A 8 10.38 3.78 -0.15
C CYS A 8 9.76 4.61 -1.27
N SER A 9 8.56 4.23 -1.69
CA SER A 9 7.86 4.94 -2.76
C SER A 9 6.98 6.05 -2.20
N ALA A 10 6.85 6.07 -0.88
CA ALA A 10 6.03 7.08 -0.22
C ALA A 10 6.85 8.34 0.09
N CYS A 11 7.89 8.17 0.90
CA CYS A 11 8.76 9.28 1.28
C CYS A 11 9.97 9.36 0.36
N GLY A 12 10.43 8.20 -0.12
CA GLY A 12 11.58 8.15 -0.99
C GLY A 12 12.82 7.61 -0.31
N GLU A 13 12.76 7.53 1.02
CA GLU A 13 13.90 7.04 1.79
C GLU A 13 14.33 5.66 1.29
N THR A 14 15.34 5.09 1.94
CA THR A 14 15.86 3.78 1.55
C THR A 14 15.41 2.70 2.53
N VAL A 15 14.37 1.96 2.15
CA VAL A 15 13.85 0.90 2.99
C VAL A 15 14.89 -0.18 3.24
N MET A 16 15.53 -0.13 4.39
CA MET A 16 16.56 -1.10 4.75
C MET A 16 15.94 -2.46 5.04
N PRO A 17 16.72 -3.53 4.80
CA PRO A 17 16.26 -4.91 5.02
C PRO A 17 16.11 -5.24 6.50
N GLY A 18 15.93 -6.51 6.80
CA GLY A 18 15.78 -6.94 8.18
C GLY A 18 15.03 -5.92 9.02
N SER A 19 14.01 -5.30 8.43
CA SER A 19 13.21 -4.30 9.13
C SER A 19 11.79 -4.27 8.59
N ARG A 20 10.82 -4.17 9.50
CA ARG A 20 9.41 -4.14 9.12
C ARG A 20 9.20 -3.26 7.90
N LYS A 21 8.94 -3.89 6.76
CA LYS A 21 8.70 -3.16 5.51
C LYS A 21 7.65 -3.87 4.66
N LEU A 22 7.33 -3.27 3.52
CA LEU A 22 6.33 -3.83 2.62
C LEU A 22 6.79 -3.73 1.16
N GLU A 23 6.33 -4.65 0.33
CA GLU A 23 6.69 -4.66 -1.08
C GLU A 23 5.57 -5.27 -1.92
N TYR A 24 4.97 -4.45 -2.79
CA TYR A 24 3.89 -4.91 -3.65
C TYR A 24 4.08 -4.42 -5.08
N GLY A 25 3.75 -5.27 -6.05
CA GLY A 25 3.90 -4.91 -7.44
C GLY A 25 5.34 -4.57 -7.81
N GLY A 26 6.26 -4.82 -6.88
CA GLY A 26 7.65 -4.53 -7.13
C GLY A 26 8.18 -3.40 -6.26
N GLN A 27 7.31 -2.43 -5.99
CA GLN A 27 7.70 -1.28 -5.17
C GLN A 27 7.90 -1.70 -3.72
N THR A 28 8.28 -0.74 -2.88
CA THR A 28 8.52 -0.99 -1.47
C THR A 28 8.09 0.19 -0.61
N TRP A 29 7.28 -0.08 0.41
CA TRP A 29 6.80 0.97 1.31
C TRP A 29 7.11 0.62 2.75
N HIS A 30 7.32 1.66 3.57
CA HIS A 30 7.63 1.46 4.98
C HIS A 30 6.38 1.01 5.75
N GLU A 31 6.58 0.16 6.74
CA GLU A 31 5.48 -0.35 7.55
C GLU A 31 4.61 0.81 8.05
N HIS A 32 5.14 2.02 7.98
CA HIS A 32 4.42 3.20 8.42
C HIS A 32 3.97 4.05 7.24
N CYS A 33 4.59 3.81 6.08
CA CYS A 33 4.27 4.56 4.87
C CYS A 33 3.14 3.88 4.10
N PHE A 34 3.15 2.56 4.09
CA PHE A 34 2.13 1.79 3.39
C PHE A 34 0.77 1.97 4.05
N LEU A 35 -0.05 2.85 3.48
CA LEU A 35 -1.37 3.12 4.01
C LEU A 35 -2.45 2.81 2.98
N CYS A 36 -3.71 2.99 3.37
CA CYS A 36 -4.83 2.73 2.47
C CYS A 36 -5.21 3.99 1.70
N SER A 37 -5.66 3.81 0.46
CA SER A 37 -6.05 4.93 -0.38
C SER A 37 -7.52 5.29 -0.16
N GLY A 38 -8.04 4.91 1.01
CA GLY A 38 -9.43 5.20 1.34
C GLY A 38 -9.59 5.80 2.72
N CYS A 39 -8.99 5.15 3.72
CA CYS A 39 -9.08 5.63 5.10
C CYS A 39 -7.71 6.08 5.60
N GLU A 40 -6.69 5.91 4.76
CA GLU A 40 -5.34 6.31 5.12
C GLU A 40 -4.85 5.55 6.35
N GLN A 41 -5.19 4.27 6.41
CA GLN A 41 -4.80 3.43 7.53
C GLN A 41 -3.59 2.58 7.18
N PRO A 42 -2.71 2.33 8.17
CA PRO A 42 -1.51 1.53 7.98
C PRO A 42 -1.81 0.05 7.75
N LEU A 43 -1.86 -0.36 6.48
CA LEU A 43 -2.15 -1.74 6.13
C LEU A 43 -0.92 -2.62 6.32
N GLY A 44 0.15 -2.02 6.86
CA GLY A 44 1.37 -2.77 7.08
C GLY A 44 1.17 -3.93 8.03
N SER A 45 -0.02 -4.01 8.64
CA SER A 45 -0.34 -5.08 9.57
C SER A 45 -1.66 -5.74 9.21
N ARG A 46 -2.62 -4.93 8.78
CA ARG A 46 -3.93 -5.44 8.39
C ARG A 46 -3.97 -5.79 6.92
N SER A 47 -4.81 -6.76 6.56
CA SER A 47 -4.94 -7.19 5.18
C SER A 47 -5.50 -6.07 4.31
N PHE A 48 -5.42 -6.25 3.00
CA PHE A 48 -5.92 -5.26 2.05
C PHE A 48 -5.99 -5.83 0.64
N VAL A 49 -6.38 -4.99 -0.32
CA VAL A 49 -6.49 -5.43 -1.71
C VAL A 49 -5.98 -4.34 -2.66
N PRO A 50 -4.86 -4.63 -3.33
CA PRO A 50 -4.25 -3.70 -4.28
C PRO A 50 -5.08 -3.52 -5.54
N ASP A 51 -5.08 -2.30 -6.08
CA ASP A 51 -5.84 -2.00 -7.29
C ASP A 51 -5.34 -0.73 -7.95
N LYS A 52 -4.86 -0.85 -9.18
CA LYS A 52 -4.34 0.29 -9.92
C LYS A 52 -3.37 1.10 -9.07
N GLY A 53 -2.48 0.40 -8.37
CA GLY A 53 -1.51 1.07 -7.53
C GLY A 53 -2.10 1.51 -6.20
N ALA A 54 -3.42 1.58 -6.13
CA ALA A 54 -4.11 1.98 -4.91
C ALA A 54 -4.29 0.79 -3.96
N HIS A 55 -4.07 1.04 -2.67
CA HIS A 55 -4.20 -0.01 -1.67
C HIS A 55 -5.45 0.21 -0.82
N TYR A 56 -6.45 -0.62 -1.00
CA TYR A 56 -7.69 -0.51 -0.26
C TYR A 56 -7.88 -1.71 0.68
N CYS A 57 -8.17 -1.43 1.93
CA CYS A 57 -8.37 -2.48 2.93
C CYS A 57 -9.57 -3.36 2.57
N VAL A 58 -9.68 -4.49 3.23
CA VAL A 58 -10.77 -5.42 2.99
C VAL A 58 -12.06 -4.67 2.63
N PRO A 59 -12.46 -3.75 3.52
CA PRO A 59 -13.68 -2.95 3.32
C PRO A 59 -13.53 -1.93 2.19
N CYS A 60 -12.47 -1.13 2.26
CA CYS A 60 -12.20 -0.12 1.25
C CYS A 60 -12.17 -0.74 -0.14
N TYR A 61 -12.00 -2.06 -0.19
CA TYR A 61 -11.94 -2.77 -1.47
C TYR A 61 -13.32 -3.32 -1.84
N GLU A 62 -13.94 -4.03 -0.91
CA GLU A 62 -15.26 -4.61 -1.14
C GLU A 62 -16.31 -3.52 -1.35
N ASN A 63 -16.04 -2.34 -0.79
CA ASN A 63 -16.95 -1.21 -0.90
C ASN A 63 -16.92 -0.63 -2.32
N LYS A 64 -15.72 -0.37 -2.81
CA LYS A 64 -15.55 0.19 -4.15
C LYS A 64 -16.03 -0.79 -5.22
N PHE A 65 -15.71 -2.07 -5.02
CA PHE A 65 -16.11 -3.10 -5.97
C PHE A 65 -17.50 -3.64 -5.63
N ALA A 66 -18.21 -2.93 -4.75
CA ALA A 66 -19.54 -3.33 -4.34
C ALA A 66 -20.53 -3.21 -5.49
N SER A 67 -21.77 -3.61 -5.25
CA SER A 67 -22.81 -3.55 -6.26
C SER A 67 -23.90 -2.57 -5.87
N GLY A 68 -24.19 -1.61 -6.75
CA GLY A 68 -25.22 -0.63 -6.48
C GLY A 68 -25.95 -0.19 -7.73
N PRO A 69 -27.08 0.51 -7.54
CA PRO A 69 -27.89 1.02 -8.66
C PRO A 69 -27.19 2.13 -9.43
N SER A 70 -27.18 2.01 -10.75
CA SER A 70 -26.54 3.02 -11.60
C SER A 70 -26.76 4.42 -11.03
N SER A 71 -25.66 5.16 -10.87
CA SER A 71 -25.74 6.52 -10.34
C SER A 71 -24.78 7.44 -11.10
N GLY A 72 -24.94 8.75 -10.88
CA GLY A 72 -24.09 9.72 -11.54
C GLY A 72 -23.58 10.79 -10.60
ZN ZN B . 8.84 5.79 3.81
ZN ZN C . -9.10 1.64 4.03
N GLY A 1 29.98 2.48 -8.04
CA GLY A 1 28.60 2.93 -8.17
C GLY A 1 27.60 1.81 -7.91
N SER A 2 26.89 1.90 -6.80
CA SER A 2 25.91 0.89 -6.43
C SER A 2 25.23 0.32 -7.67
N SER A 3 24.97 -0.98 -7.66
CA SER A 3 24.32 -1.65 -8.78
C SER A 3 22.84 -1.89 -8.49
N GLY A 4 22.19 -0.89 -7.91
CA GLY A 4 20.78 -1.02 -7.59
C GLY A 4 20.51 -0.99 -6.11
N SER A 5 19.26 -0.75 -5.73
CA SER A 5 18.88 -0.70 -4.32
C SER A 5 17.37 -0.56 -4.17
N SER A 6 16.88 -0.83 -2.96
CA SER A 6 15.45 -0.75 -2.69
C SER A 6 15.15 0.42 -1.75
N GLY A 7 14.29 1.32 -2.20
CA GLY A 7 13.93 2.46 -1.38
C GLY A 7 12.43 2.68 -1.31
N CYS A 8 11.98 3.35 -0.25
CA CYS A 8 10.56 3.63 -0.06
C CYS A 8 10.01 4.46 -1.22
N SER A 9 8.78 4.16 -1.62
CA SER A 9 8.14 4.87 -2.71
C SER A 9 7.27 6.02 -2.19
N ALA A 10 7.01 5.99 -0.88
CA ALA A 10 6.20 7.02 -0.25
C ALA A 10 7.04 8.25 0.09
N CYS A 11 8.03 8.06 0.95
CA CYS A 11 8.90 9.15 1.37
C CYS A 11 10.15 9.20 0.50
N GLY A 12 10.62 8.02 0.07
CA GLY A 12 11.81 7.95 -0.77
C GLY A 12 13.01 7.42 -0.01
N GLU A 13 12.90 7.36 1.32
CA GLU A 13 13.99 6.85 2.15
C GLU A 13 14.45 5.48 1.66
N THR A 14 15.49 4.96 2.31
CA THR A 14 16.03 3.65 1.96
C THR A 14 15.49 2.56 2.86
N VAL A 15 14.49 1.82 2.39
CA VAL A 15 13.90 0.75 3.17
C VAL A 15 14.88 -0.40 3.36
N MET A 16 15.26 -0.63 4.62
CA MET A 16 16.20 -1.69 4.95
C MET A 16 15.46 -3.00 5.22
N PRO A 17 16.16 -4.13 5.00
CA PRO A 17 15.58 -5.46 5.22
C PRO A 17 15.36 -5.77 6.70
N GLY A 18 16.29 -5.30 7.54
CA GLY A 18 16.17 -5.53 8.96
C GLY A 18 15.24 -4.54 9.64
N SER A 19 14.10 -4.29 9.02
CA SER A 19 13.13 -3.35 9.57
C SER A 19 11.76 -3.54 8.91
N ARG A 20 10.72 -3.56 9.73
CA ARG A 20 9.36 -3.74 9.23
C ARG A 20 9.14 -2.92 7.96
N LYS A 21 8.83 -3.61 6.86
CA LYS A 21 8.60 -2.94 5.59
C LYS A 21 7.60 -3.73 4.74
N LEU A 22 7.32 -3.23 3.54
CA LEU A 22 6.38 -3.88 2.64
C LEU A 22 6.91 -3.88 1.21
N GLU A 23 6.44 -4.83 0.41
CA GLU A 23 6.87 -4.94 -0.98
C GLU A 23 5.78 -5.58 -1.83
N TYR A 24 5.25 -4.81 -2.78
CA TYR A 24 4.20 -5.30 -3.66
C TYR A 24 4.49 -4.94 -5.11
N GLY A 25 4.57 -5.95 -5.97
CA GLY A 25 4.84 -5.71 -7.38
C GLY A 25 6.30 -5.40 -7.64
N GLY A 26 6.61 -4.13 -7.82
CA GLY A 26 7.98 -3.73 -8.07
C GLY A 26 8.40 -2.53 -7.25
N GLN A 27 7.64 -2.24 -6.20
CA GLN A 27 7.95 -1.11 -5.32
C GLN A 27 8.10 -1.57 -3.88
N THR A 28 8.45 -0.63 -3.00
CA THR A 28 8.64 -0.94 -1.58
C THR A 28 8.18 0.23 -0.71
N TRP A 29 7.36 -0.09 0.29
CA TRP A 29 6.85 0.94 1.20
C TRP A 29 7.14 0.56 2.65
N HIS A 30 7.30 1.56 3.50
CA HIS A 30 7.57 1.34 4.91
C HIS A 30 6.31 0.89 5.65
N GLU A 31 6.48 0.04 6.65
CA GLU A 31 5.36 -0.46 7.43
C GLU A 31 4.51 0.68 7.96
N HIS A 32 5.06 1.89 7.91
CA HIS A 32 4.35 3.07 8.39
C HIS A 32 3.96 3.99 7.23
N CYS A 33 4.52 3.71 6.05
CA CYS A 33 4.23 4.50 4.86
C CYS A 33 3.12 3.87 4.05
N PHE A 34 3.14 2.54 3.95
CA PHE A 34 2.13 1.81 3.18
C PHE A 34 0.76 1.93 3.85
N LEU A 35 -0.02 2.92 3.41
CA LEU A 35 -1.35 3.14 3.96
C LEU A 35 -2.43 2.84 2.92
N CYS A 36 -3.69 2.96 3.33
CA CYS A 36 -4.81 2.70 2.43
C CYS A 36 -5.20 3.97 1.67
N SER A 37 -5.63 3.79 0.42
CA SER A 37 -6.04 4.92 -0.40
C SER A 37 -7.50 5.28 -0.17
N GLY A 38 -8.01 4.92 1.01
CA GLY A 38 -9.39 5.20 1.34
C GLY A 38 -9.54 5.80 2.72
N CYS A 39 -8.94 5.15 3.72
CA CYS A 39 -9.01 5.62 5.10
C CYS A 39 -7.63 6.02 5.61
N GLU A 40 -6.62 5.85 4.76
CA GLU A 40 -5.25 6.20 5.12
C GLU A 40 -4.77 5.38 6.31
N GLN A 41 -5.21 4.12 6.36
CA GLN A 41 -4.84 3.22 7.44
C GLN A 41 -3.57 2.44 7.09
N PRO A 42 -2.74 2.17 8.10
CA PRO A 42 -1.49 1.43 7.91
C PRO A 42 -1.72 -0.04 7.59
N LEU A 43 -1.73 -0.37 6.29
CA LEU A 43 -1.94 -1.74 5.85
C LEU A 43 -0.66 -2.55 5.94
N GLY A 44 0.34 -1.99 6.63
CA GLY A 44 1.61 -2.68 6.76
C GLY A 44 1.51 -3.93 7.63
N SER A 45 0.36 -4.10 8.26
CA SER A 45 0.14 -5.25 9.13
C SER A 45 -1.19 -5.93 8.80
N ARG A 46 -2.20 -5.13 8.49
CA ARG A 46 -3.52 -5.65 8.16
C ARG A 46 -3.60 -6.01 6.67
N SER A 47 -4.60 -6.80 6.31
CA SER A 47 -4.79 -7.22 4.93
C SER A 47 -5.39 -6.09 4.10
N PHE A 48 -5.39 -6.26 2.78
CA PHE A 48 -5.93 -5.26 1.87
C PHE A 48 -6.08 -5.83 0.46
N VAL A 49 -6.51 -4.98 -0.47
CA VAL A 49 -6.70 -5.40 -1.85
C VAL A 49 -6.22 -4.32 -2.82
N PRO A 50 -5.13 -4.63 -3.55
CA PRO A 50 -4.55 -3.70 -4.53
C PRO A 50 -5.45 -3.51 -5.74
N ASP A 51 -5.48 -2.27 -6.25
CA ASP A 51 -6.30 -1.95 -7.42
C ASP A 51 -5.82 -0.66 -8.07
N LYS A 52 -5.43 -0.75 -9.34
CA LYS A 52 -4.95 0.42 -10.07
C LYS A 52 -3.96 1.22 -9.24
N GLY A 53 -3.05 0.53 -8.56
CA GLY A 53 -2.06 1.20 -7.74
C GLY A 53 -2.61 1.61 -6.40
N ALA A 54 -3.94 1.73 -6.31
CA ALA A 54 -4.59 2.13 -5.07
C ALA A 54 -4.76 0.93 -4.13
N HIS A 55 -4.24 1.06 -2.92
CA HIS A 55 -4.34 -0.01 -1.93
C HIS A 55 -5.53 0.23 -0.99
N TYR A 56 -6.56 -0.58 -1.15
CA TYR A 56 -7.76 -0.46 -0.32
C TYR A 56 -7.90 -1.66 0.62
N CYS A 57 -8.17 -1.39 1.89
CA CYS A 57 -8.32 -2.44 2.88
C CYS A 57 -9.51 -3.34 2.53
N VAL A 58 -9.66 -4.42 3.29
CA VAL A 58 -10.75 -5.36 3.07
C VAL A 58 -12.04 -4.64 2.77
N PRO A 59 -12.44 -3.72 3.67
CA PRO A 59 -13.67 -2.93 3.52
C PRO A 59 -13.57 -1.93 2.38
N CYS A 60 -12.53 -1.10 2.41
CA CYS A 60 -12.32 -0.08 1.38
C CYS A 60 -12.34 -0.71 -0.01
N TYR A 61 -12.17 -2.03 -0.07
CA TYR A 61 -12.16 -2.75 -1.33
C TYR A 61 -13.55 -3.31 -1.64
N GLU A 62 -14.11 -4.04 -0.70
CA GLU A 62 -15.43 -4.63 -0.86
C GLU A 62 -16.50 -3.56 -1.00
N ASN A 63 -16.19 -2.36 -0.51
CA ASN A 63 -17.13 -1.24 -0.58
C ASN A 63 -17.10 -0.59 -1.96
N LYS A 64 -15.88 -0.33 -2.44
CA LYS A 64 -15.70 0.30 -3.75
C LYS A 64 -16.22 -0.62 -4.86
N PHE A 65 -16.15 -1.92 -4.64
CA PHE A 65 -16.60 -2.90 -5.61
C PHE A 65 -18.07 -3.26 -5.38
N ALA A 66 -18.76 -2.42 -4.61
CA ALA A 66 -20.17 -2.65 -4.31
C ALA A 66 -20.95 -1.35 -4.32
N SER A 67 -22.17 -1.38 -4.86
CA SER A 67 -23.01 -0.20 -4.94
C SER A 67 -24.18 -0.30 -3.96
N GLY A 68 -24.81 0.83 -3.67
CA GLY A 68 -25.93 0.84 -2.75
C GLY A 68 -27.23 0.44 -3.42
N PRO A 69 -28.28 0.25 -2.61
CA PRO A 69 -29.61 -0.14 -3.10
C PRO A 69 -30.29 0.96 -3.89
N SER A 70 -29.61 2.10 -4.02
CA SER A 70 -30.14 3.24 -4.75
C SER A 70 -29.02 4.06 -5.39
N SER A 71 -29.02 4.12 -6.72
CA SER A 71 -28.00 4.86 -7.45
C SER A 71 -28.55 6.21 -7.91
N GLY A 72 -29.63 6.18 -8.69
CA GLY A 72 -30.22 7.41 -9.17
C GLY A 72 -29.56 7.91 -10.45
ZN ZN B . 8.80 5.63 3.81
ZN ZN C . -9.09 1.67 4.02
N GLY A 1 22.46 7.59 -11.67
CA GLY A 1 23.03 8.04 -10.41
C GLY A 1 23.19 6.91 -9.41
N SER A 2 22.50 7.02 -8.29
CA SER A 2 22.57 6.00 -7.24
C SER A 2 21.26 5.22 -7.14
N SER A 3 21.08 4.26 -8.03
CA SER A 3 19.86 3.45 -8.05
C SER A 3 20.18 2.00 -7.73
N GLY A 4 19.14 1.17 -7.63
CA GLY A 4 19.32 -0.23 -7.34
C GLY A 4 19.02 -0.57 -5.88
N SER A 5 19.46 0.30 -4.98
CA SER A 5 19.23 0.10 -3.56
C SER A 5 17.78 0.32 -3.19
N SER A 6 17.09 -0.77 -2.84
CA SER A 6 15.68 -0.70 -2.47
C SER A 6 15.37 0.60 -1.74
N GLY A 7 14.23 1.21 -2.08
CA GLY A 7 13.84 2.46 -1.45
C GLY A 7 12.33 2.62 -1.38
N CYS A 8 11.86 3.32 -0.35
CA CYS A 8 10.44 3.56 -0.18
C CYS A 8 9.87 4.37 -1.33
N SER A 9 8.62 4.08 -1.69
CA SER A 9 7.96 4.79 -2.79
C SER A 9 7.12 5.94 -2.27
N ALA A 10 6.87 5.93 -0.96
CA ALA A 10 6.08 6.98 -0.32
C ALA A 10 6.93 8.21 -0.02
N CYS A 11 7.91 8.03 0.86
CA CYS A 11 8.80 9.13 1.24
C CYS A 11 10.02 9.17 0.33
N GLY A 12 10.45 8.01 -0.13
CA GLY A 12 11.61 7.95 -1.01
C GLY A 12 12.86 7.46 -0.28
N GLU A 13 12.78 7.41 1.04
CA GLU A 13 13.92 6.96 1.85
C GLU A 13 14.37 5.57 1.42
N THR A 14 15.46 5.10 2.02
CA THR A 14 16.00 3.79 1.70
C THR A 14 15.58 2.75 2.73
N VAL A 15 14.59 1.93 2.38
CA VAL A 15 14.10 0.90 3.26
C VAL A 15 15.13 -0.22 3.45
N MET A 16 15.51 -0.46 4.70
CA MET A 16 16.49 -1.49 5.00
C MET A 16 15.80 -2.78 5.46
N PRO A 17 16.48 -3.92 5.24
CA PRO A 17 15.95 -5.23 5.62
C PRO A 17 15.90 -5.43 7.13
N GLY A 18 16.87 -4.84 7.83
CA GLY A 18 16.92 -4.96 9.28
C GLY A 18 15.56 -4.72 9.93
N SER A 19 14.80 -3.79 9.36
CA SER A 19 13.48 -3.46 9.90
C SER A 19 12.38 -4.00 8.98
N ARG A 20 11.15 -3.95 9.48
CA ARG A 20 10.00 -4.43 8.71
C ARG A 20 9.70 -3.49 7.54
N LYS A 21 9.26 -4.07 6.43
CA LYS A 21 8.93 -3.29 5.24
C LYS A 21 7.88 -4.00 4.40
N LEU A 22 7.38 -3.31 3.37
CA LEU A 22 6.37 -3.87 2.49
C LEU A 22 6.80 -3.77 1.03
N GLU A 23 6.36 -4.71 0.22
CA GLU A 23 6.69 -4.73 -1.20
C GLU A 23 5.59 -5.37 -2.02
N TYR A 24 4.95 -4.59 -2.89
CA TYR A 24 3.88 -5.08 -3.74
C TYR A 24 4.05 -4.61 -5.18
N GLY A 25 3.79 -5.50 -6.12
CA GLY A 25 3.92 -5.16 -7.53
C GLY A 25 5.34 -4.76 -7.89
N GLY A 26 6.26 -4.90 -6.95
CA GLY A 26 7.64 -4.53 -7.20
C GLY A 26 8.11 -3.39 -6.31
N GLN A 27 7.21 -2.43 -6.08
CA GLN A 27 7.54 -1.28 -5.24
C GLN A 27 7.77 -1.70 -3.80
N THR A 28 8.15 -0.74 -2.96
CA THR A 28 8.41 -1.00 -1.55
C THR A 28 7.99 0.18 -0.69
N TRP A 29 7.18 -0.10 0.34
CA TRP A 29 6.72 0.95 1.24
C TRP A 29 7.02 0.58 2.69
N HIS A 30 7.34 1.59 3.49
CA HIS A 30 7.65 1.38 4.90
C HIS A 30 6.42 0.91 5.67
N GLU A 31 6.63 0.07 6.66
CA GLU A 31 5.53 -0.46 7.47
C GLU A 31 4.70 0.67 8.05
N HIS A 32 5.23 1.89 7.98
CA HIS A 32 4.53 3.06 8.50
C HIS A 32 4.08 3.97 7.36
N CYS A 33 4.58 3.71 6.16
CA CYS A 33 4.23 4.50 4.99
C CYS A 33 3.10 3.84 4.20
N PHE A 34 3.13 2.51 4.14
CA PHE A 34 2.13 1.76 3.41
C PHE A 34 0.76 1.91 4.07
N LEU A 35 -0.05 2.82 3.54
CA LEU A 35 -1.39 3.06 4.07
C LEU A 35 -2.46 2.79 3.02
N CYS A 36 -3.72 2.92 3.42
CA CYS A 36 -4.83 2.69 2.51
C CYS A 36 -5.19 3.96 1.76
N SER A 37 -5.60 3.80 0.50
CA SER A 37 -5.97 4.94 -0.33
C SER A 37 -7.44 5.32 -0.12
N GLY A 38 -7.97 4.96 1.04
CA GLY A 38 -9.36 5.26 1.34
C GLY A 38 -9.53 5.85 2.72
N CYS A 39 -8.96 5.19 3.72
CA CYS A 39 -9.06 5.66 5.10
C CYS A 39 -7.68 6.07 5.63
N GLU A 40 -6.65 5.86 4.82
CA GLU A 40 -5.28 6.20 5.22
C GLU A 40 -4.85 5.37 6.42
N GLN A 41 -5.28 4.11 6.45
CA GLN A 41 -4.92 3.21 7.54
C GLN A 41 -3.68 2.40 7.20
N PRO A 42 -2.87 2.12 8.22
CA PRO A 42 -1.62 1.35 8.06
C PRO A 42 -1.89 -0.12 7.75
N LEU A 43 -1.86 -0.45 6.46
CA LEU A 43 -2.10 -1.82 6.02
C LEU A 43 -0.83 -2.67 6.13
N GLY A 44 0.21 -2.07 6.71
CA GLY A 44 1.47 -2.78 6.87
C GLY A 44 1.28 -4.19 7.38
N SER A 45 0.34 -4.36 8.31
CA SER A 45 0.07 -5.67 8.89
C SER A 45 -1.36 -6.11 8.58
N ARG A 46 -2.26 -5.14 8.44
CA ARG A 46 -3.65 -5.42 8.15
C ARG A 46 -3.83 -5.89 6.71
N SER A 47 -4.96 -6.53 6.43
CA SER A 47 -5.25 -7.02 5.09
C SER A 47 -5.73 -5.90 4.18
N PHE A 48 -5.65 -6.12 2.87
CA PHE A 48 -6.08 -5.13 1.90
C PHE A 48 -6.17 -5.74 0.50
N VAL A 49 -6.50 -4.91 -0.49
CA VAL A 49 -6.62 -5.37 -1.86
C VAL A 49 -6.08 -4.33 -2.84
N PRO A 50 -5.03 -4.71 -3.58
CA PRO A 50 -4.40 -3.83 -4.57
C PRO A 50 -5.29 -3.57 -5.78
N ASP A 51 -5.37 -2.30 -6.19
CA ASP A 51 -6.19 -1.93 -7.34
C ASP A 51 -5.67 -0.64 -7.98
N LYS A 52 -5.23 -0.75 -9.23
CA LYS A 52 -4.71 0.41 -9.95
C LYS A 52 -3.72 1.18 -9.09
N GLY A 53 -2.85 0.46 -8.39
CA GLY A 53 -1.86 1.10 -7.54
C GLY A 53 -2.44 1.54 -6.21
N ALA A 54 -3.76 1.67 -6.16
CA ALA A 54 -4.44 2.09 -4.94
C ALA A 54 -4.64 0.91 -3.99
N HIS A 55 -4.16 1.04 -2.76
CA HIS A 55 -4.29 -0.01 -1.76
C HIS A 55 -5.51 0.24 -0.87
N TYR A 56 -6.54 -0.58 -1.06
CA TYR A 56 -7.77 -0.45 -0.28
C TYR A 56 -7.94 -1.64 0.66
N CYS A 57 -8.24 -1.36 1.92
CA CYS A 57 -8.44 -2.41 2.90
C CYS A 57 -9.64 -3.29 2.54
N VAL A 58 -9.72 -4.46 3.17
CA VAL A 58 -10.81 -5.39 2.91
C VAL A 58 -12.11 -4.64 2.59
N PRO A 59 -12.51 -3.73 3.49
CA PRO A 59 -13.73 -2.94 3.32
C PRO A 59 -13.59 -1.91 2.21
N CYS A 60 -12.55 -1.08 2.28
CA CYS A 60 -12.31 -0.05 1.29
C CYS A 60 -12.28 -0.65 -0.11
N TYR A 61 -12.10 -1.96 -0.19
CA TYR A 61 -12.05 -2.66 -1.47
C TYR A 61 -13.43 -3.21 -1.84
N GLU A 62 -14.02 -3.98 -0.93
CA GLU A 62 -15.34 -4.56 -1.16
C GLU A 62 -16.40 -3.47 -1.31
N ASN A 63 -16.12 -2.31 -0.74
CA ASN A 63 -17.06 -1.18 -0.82
C ASN A 63 -17.02 -0.54 -2.19
N LYS A 64 -15.81 -0.23 -2.66
CA LYS A 64 -15.63 0.39 -3.97
C LYS A 64 -16.14 -0.52 -5.08
N PHE A 65 -15.91 -1.82 -4.92
CA PHE A 65 -16.34 -2.80 -5.91
C PHE A 65 -17.73 -3.32 -5.59
N ALA A 66 -18.43 -2.62 -4.70
CA ALA A 66 -19.78 -3.01 -4.31
C ALA A 66 -20.83 -2.19 -5.06
N SER A 67 -21.99 -2.78 -5.26
CA SER A 67 -23.08 -2.12 -5.97
C SER A 67 -23.79 -1.12 -5.06
N GLY A 68 -23.57 0.17 -5.32
CA GLY A 68 -24.19 1.20 -4.50
C GLY A 68 -25.02 2.16 -5.33
N PRO A 69 -26.15 2.62 -4.77
CA PRO A 69 -27.05 3.55 -5.44
C PRO A 69 -26.45 4.94 -5.59
N SER A 70 -25.73 5.38 -4.57
CA SER A 70 -25.10 6.70 -4.58
C SER A 70 -23.71 6.62 -5.21
N SER A 71 -22.84 5.80 -4.62
CA SER A 71 -21.48 5.64 -5.11
C SER A 71 -21.11 4.16 -5.24
N GLY A 72 -20.35 3.84 -6.27
CA GLY A 72 -19.94 2.46 -6.49
C GLY A 72 -19.06 2.31 -7.72
ZN ZN B . 8.62 5.62 3.64
ZN ZN C . -9.16 1.71 4.02
N GLY A 1 26.64 1.75 -10.30
CA GLY A 1 25.92 1.14 -9.20
C GLY A 1 25.11 2.14 -8.41
N SER A 2 23.87 2.36 -8.84
CA SER A 2 22.98 3.30 -8.16
C SER A 2 23.06 3.14 -6.65
N SER A 3 23.37 4.22 -5.96
CA SER A 3 23.48 4.19 -4.50
C SER A 3 22.12 3.88 -3.86
N GLY A 4 21.78 2.60 -3.81
CA GLY A 4 20.52 2.20 -3.23
C GLY A 4 19.65 1.42 -4.20
N SER A 5 19.61 0.10 -4.03
CA SER A 5 18.82 -0.75 -4.89
C SER A 5 17.34 -0.71 -4.52
N SER A 6 17.07 -0.77 -3.21
CA SER A 6 15.70 -0.74 -2.72
C SER A 6 15.44 0.55 -1.95
N GLY A 7 14.24 1.11 -2.15
CA GLY A 7 13.89 2.34 -1.46
C GLY A 7 12.39 2.54 -1.38
N CYS A 8 11.95 3.29 -0.37
CA CYS A 8 10.53 3.55 -0.18
C CYS A 8 9.96 4.35 -1.35
N SER A 9 8.72 4.05 -1.72
CA SER A 9 8.06 4.75 -2.82
C SER A 9 7.21 5.90 -2.31
N ALA A 10 6.97 5.91 -1.01
CA ALA A 10 6.17 6.97 -0.39
C ALA A 10 7.02 8.20 -0.09
N CYS A 11 8.02 8.02 0.76
CA CYS A 11 8.91 9.13 1.13
C CYS A 11 10.14 9.16 0.23
N GLY A 12 10.59 7.99 -0.20
CA GLY A 12 11.75 7.90 -1.07
C GLY A 12 12.99 7.41 -0.34
N GLU A 13 12.89 7.32 0.99
CA GLU A 13 14.01 6.85 1.81
C GLU A 13 14.46 5.47 1.37
N THR A 14 15.47 4.93 2.06
CA THR A 14 15.99 3.61 1.74
C THR A 14 15.49 2.57 2.74
N VAL A 15 14.48 1.81 2.32
CA VAL A 15 13.92 0.77 3.17
C VAL A 15 14.95 -0.30 3.50
N MET A 16 15.37 -0.34 4.76
CA MET A 16 16.35 -1.32 5.20
C MET A 16 15.70 -2.68 5.43
N PRO A 17 16.46 -3.76 5.18
CA PRO A 17 15.97 -5.13 5.35
C PRO A 17 15.79 -5.50 6.82
N GLY A 18 16.56 -4.85 7.69
CA GLY A 18 16.46 -5.13 9.11
C GLY A 18 15.36 -4.33 9.78
N SER A 19 14.19 -4.28 9.15
CA SER A 19 13.06 -3.54 9.68
C SER A 19 11.80 -3.84 8.89
N ARG A 20 10.68 -3.97 9.60
CA ARG A 20 9.39 -4.26 8.97
C ARG A 20 9.18 -3.37 7.75
N LYS A 21 8.97 -3.99 6.59
CA LYS A 21 8.75 -3.27 5.36
C LYS A 21 7.69 -3.95 4.50
N LEU A 22 7.35 -3.33 3.38
CA LEU A 22 6.35 -3.87 2.47
C LEU A 22 6.81 -3.77 1.02
N GLU A 23 6.35 -4.70 0.19
CA GLU A 23 6.71 -4.71 -1.22
C GLU A 23 5.59 -5.29 -2.07
N TYR A 24 5.00 -4.45 -2.92
CA TYR A 24 3.91 -4.88 -3.78
C TYR A 24 4.11 -4.36 -5.21
N GLY A 25 3.78 -5.19 -6.19
CA GLY A 25 3.93 -4.80 -7.58
C GLY A 25 5.36 -4.49 -7.94
N GLY A 26 6.28 -4.75 -7.01
CA GLY A 26 7.68 -4.47 -7.26
C GLY A 26 8.23 -3.37 -6.38
N GLN A 27 7.38 -2.38 -6.09
CA GLN A 27 7.79 -1.25 -5.26
C GLN A 27 7.95 -1.68 -3.81
N THR A 28 8.31 -0.73 -2.96
CA THR A 28 8.52 -1.01 -1.54
C THR A 28 8.09 0.18 -0.68
N TRP A 29 7.27 -0.09 0.33
CA TRP A 29 6.79 0.95 1.22
C TRP A 29 7.06 0.60 2.67
N HIS A 30 7.35 1.62 3.49
CA HIS A 30 7.64 1.42 4.90
C HIS A 30 6.39 0.97 5.65
N GLU A 31 6.58 0.09 6.63
CA GLU A 31 5.46 -0.41 7.43
C GLU A 31 4.60 0.73 7.96
N HIS A 32 5.14 1.94 7.90
CA HIS A 32 4.42 3.12 8.37
C HIS A 32 3.99 4.00 7.19
N CYS A 33 4.60 3.77 6.03
CA CYS A 33 4.29 4.54 4.84
C CYS A 33 3.16 3.88 4.05
N PHE A 34 3.17 2.56 4.00
CA PHE A 34 2.14 1.80 3.28
C PHE A 34 0.79 1.95 3.97
N LEU A 35 -0.02 2.87 3.45
CA LEU A 35 -1.36 3.11 4.01
C LEU A 35 -2.44 2.83 2.97
N CYS A 36 -3.69 2.94 3.39
CA CYS A 36 -4.82 2.70 2.50
C CYS A 36 -5.21 3.98 1.76
N SER A 37 -5.69 3.82 0.54
CA SER A 37 -6.10 4.96 -0.28
C SER A 37 -7.56 5.31 -0.03
N GLY A 38 -8.07 4.92 1.14
CA GLY A 38 -9.44 5.20 1.48
C GLY A 38 -9.60 5.78 2.87
N CYS A 39 -8.99 5.11 3.85
CA CYS A 39 -9.06 5.55 5.24
C CYS A 39 -7.69 6.01 5.73
N GLU A 40 -6.68 5.84 4.89
CA GLU A 40 -5.32 6.23 5.24
C GLU A 40 -4.82 5.44 6.45
N GLN A 41 -5.17 4.15 6.49
CA GLN A 41 -4.75 3.30 7.60
C GLN A 41 -3.54 2.45 7.20
N PRO A 42 -2.69 2.15 8.18
CA PRO A 42 -1.47 1.35 7.96
C PRO A 42 -1.79 -0.12 7.66
N LEU A 43 -1.82 -0.46 6.38
CA LEU A 43 -2.12 -1.82 5.96
C LEU A 43 -0.88 -2.70 6.10
N GLY A 44 0.21 -2.13 6.60
CA GLY A 44 1.42 -2.89 6.79
C GLY A 44 1.25 -4.07 7.72
N SER A 45 0.09 -4.13 8.38
CA SER A 45 -0.20 -5.22 9.31
C SER A 45 -1.50 -5.90 8.95
N ARG A 46 -2.50 -5.11 8.55
CA ARG A 46 -3.80 -5.64 8.18
C ARG A 46 -3.85 -5.97 6.69
N SER A 47 -4.74 -6.89 6.32
CA SER A 47 -4.88 -7.30 4.93
C SER A 47 -5.47 -6.17 4.09
N PHE A 48 -5.42 -6.33 2.77
CA PHE A 48 -5.95 -5.32 1.86
C PHE A 48 -6.06 -5.87 0.44
N VAL A 49 -6.48 -5.03 -0.49
CA VAL A 49 -6.61 -5.43 -1.88
C VAL A 49 -6.08 -4.35 -2.82
N PRO A 50 -4.99 -4.66 -3.53
CA PRO A 50 -4.37 -3.74 -4.48
C PRO A 50 -5.23 -3.50 -5.71
N ASP A 51 -5.26 -2.26 -6.18
CA ASP A 51 -6.05 -1.90 -7.36
C ASP A 51 -5.54 -0.61 -7.98
N LYS A 52 -5.09 -0.70 -9.24
CA LYS A 52 -4.58 0.48 -9.95
C LYS A 52 -3.56 1.23 -9.08
N GLY A 53 -2.68 0.49 -8.42
CA GLY A 53 -1.68 1.11 -7.58
C GLY A 53 -2.23 1.53 -6.23
N ALA A 54 -3.55 1.64 -6.15
CA ALA A 54 -4.21 2.04 -4.91
C ALA A 54 -4.38 0.85 -3.97
N HIS A 55 -4.12 1.07 -2.68
CA HIS A 55 -4.25 0.02 -1.68
C HIS A 55 -5.48 0.24 -0.82
N TYR A 56 -6.50 -0.60 -1.01
CA TYR A 56 -7.73 -0.50 -0.24
C TYR A 56 -7.91 -1.70 0.67
N CYS A 57 -8.20 -1.44 1.94
CA CYS A 57 -8.39 -2.50 2.92
C CYS A 57 -9.59 -3.36 2.55
N VAL A 58 -9.69 -4.53 3.18
CA VAL A 58 -10.79 -5.45 2.92
C VAL A 58 -12.08 -4.69 2.62
N PRO A 59 -12.47 -3.80 3.53
CA PRO A 59 -13.69 -2.99 3.38
C PRO A 59 -13.55 -1.94 2.28
N CYS A 60 -12.49 -1.15 2.34
CA CYS A 60 -12.25 -0.11 1.34
C CYS A 60 -12.26 -0.70 -0.06
N TYR A 61 -12.08 -2.02 -0.15
CA TYR A 61 -12.07 -2.70 -1.44
C TYR A 61 -13.45 -3.23 -1.79
N GLU A 62 -14.04 -3.97 -0.86
CA GLU A 62 -15.37 -4.54 -1.07
C GLU A 62 -16.42 -3.44 -1.23
N ASN A 63 -16.15 -2.29 -0.62
CA ASN A 63 -17.07 -1.15 -0.69
C ASN A 63 -17.04 -0.52 -2.06
N LYS A 64 -15.85 -0.29 -2.59
CA LYS A 64 -15.68 0.32 -3.90
C LYS A 64 -16.19 -0.61 -5.00
N PHE A 65 -15.96 -1.92 -4.82
CA PHE A 65 -16.39 -2.91 -5.79
C PHE A 65 -17.79 -3.42 -5.46
N ALA A 66 -18.50 -2.68 -4.60
CA ALA A 66 -19.85 -3.05 -4.21
C ALA A 66 -20.88 -2.51 -5.20
N SER A 67 -20.62 -2.73 -6.48
CA SER A 67 -21.52 -2.27 -7.54
C SER A 67 -21.12 -2.84 -8.89
N GLY A 68 -22.13 -3.17 -9.71
CA GLY A 68 -21.86 -3.72 -11.02
C GLY A 68 -20.70 -3.03 -11.72
N PRO A 69 -20.15 -3.69 -12.75
CA PRO A 69 -19.03 -3.16 -13.51
C PRO A 69 -19.42 -1.96 -14.37
N SER A 70 -19.51 -0.80 -13.75
CA SER A 70 -19.89 0.42 -14.45
C SER A 70 -18.90 1.55 -14.16
N SER A 71 -17.76 1.51 -14.83
CA SER A 71 -16.72 2.52 -14.65
C SER A 71 -16.92 3.68 -15.63
N GLY A 72 -16.92 3.36 -16.92
CA GLY A 72 -17.09 4.38 -17.93
C GLY A 72 -15.85 4.57 -18.79
ZN ZN B . 8.78 5.67 3.63
ZN ZN C . -9.08 1.61 4.09
N GLY A 1 26.95 7.23 -12.52
CA GLY A 1 27.22 5.92 -11.96
C GLY A 1 26.30 5.59 -10.80
N SER A 2 25.05 5.25 -11.13
CA SER A 2 24.06 4.91 -10.12
C SER A 2 22.83 4.26 -10.75
N SER A 3 22.67 2.96 -10.54
CA SER A 3 21.54 2.23 -11.09
C SER A 3 20.29 2.43 -10.24
N GLY A 4 20.37 2.02 -8.97
CA GLY A 4 19.25 2.17 -8.07
C GLY A 4 19.35 1.27 -6.85
N SER A 5 18.39 1.37 -5.96
CA SER A 5 18.38 0.58 -4.73
C SER A 5 17.01 0.61 -4.07
N SER A 6 16.64 -0.50 -3.43
CA SER A 6 15.36 -0.60 -2.76
C SER A 6 15.10 0.62 -1.88
N GLY A 7 14.07 1.38 -2.23
CA GLY A 7 13.74 2.57 -1.46
C GLY A 7 12.24 2.79 -1.34
N CYS A 8 11.83 3.53 -0.32
CA CYS A 8 10.42 3.80 -0.09
C CYS A 8 9.84 4.65 -1.22
N SER A 9 8.66 4.26 -1.69
CA SER A 9 8.00 4.98 -2.77
C SER A 9 7.08 6.07 -2.21
N ALA A 10 6.89 6.06 -0.90
CA ALA A 10 6.05 7.05 -0.25
C ALA A 10 6.83 8.32 0.08
N CYS A 11 7.90 8.17 0.86
CA CYS A 11 8.73 9.30 1.24
C CYS A 11 9.97 9.38 0.36
N GLY A 12 10.45 8.23 -0.09
CA GLY A 12 11.63 8.20 -0.93
C GLY A 12 12.84 7.65 -0.22
N GLU A 13 12.77 7.59 1.11
CA GLU A 13 13.87 7.09 1.92
C GLU A 13 14.34 5.72 1.41
N THR A 14 15.33 5.15 2.09
CA THR A 14 15.87 3.85 1.71
C THR A 14 15.44 2.77 2.69
N VAL A 15 14.46 1.96 2.28
CA VAL A 15 13.95 0.88 3.12
C VAL A 15 14.97 -0.24 3.25
N MET A 16 15.60 -0.33 4.42
CA MET A 16 16.60 -1.36 4.68
C MET A 16 15.94 -2.68 5.02
N PRO A 17 16.56 -3.79 4.59
CA PRO A 17 16.05 -5.14 4.85
C PRO A 17 16.16 -5.53 6.32
N GLY A 18 15.12 -6.22 6.82
CA GLY A 18 15.12 -6.63 8.21
C GLY A 18 14.10 -5.88 9.04
N SER A 19 13.99 -4.58 8.79
CA SER A 19 13.04 -3.75 9.53
C SER A 19 11.65 -3.82 8.91
N ARG A 20 10.63 -3.84 9.76
CA ARG A 20 9.25 -3.91 9.30
C ARG A 20 9.06 -3.08 8.04
N LYS A 21 8.89 -3.75 6.90
CA LYS A 21 8.70 -3.08 5.62
C LYS A 21 7.66 -3.80 4.78
N LEU A 22 7.33 -3.21 3.63
CA LEU A 22 6.34 -3.80 2.74
C LEU A 22 6.80 -3.70 1.28
N GLU A 23 6.39 -4.67 0.47
CA GLU A 23 6.75 -4.69 -0.94
C GLU A 23 5.66 -5.33 -1.78
N TYR A 24 5.05 -4.54 -2.66
CA TYR A 24 3.98 -5.04 -3.52
C TYR A 24 4.18 -4.58 -4.96
N GLY A 25 3.89 -5.47 -5.90
CA GLY A 25 4.04 -5.13 -7.31
C GLY A 25 5.47 -4.77 -7.67
N GLY A 26 6.38 -4.96 -6.73
CA GLY A 26 7.78 -4.65 -6.96
C GLY A 26 8.27 -3.49 -6.12
N GLN A 27 7.39 -2.53 -5.87
CA GLN A 27 7.74 -1.35 -5.08
C GLN A 27 7.99 -1.74 -3.62
N THR A 28 8.34 -0.76 -2.81
CA THR A 28 8.62 -0.99 -1.39
C THR A 28 8.16 0.19 -0.54
N TRP A 29 7.35 -0.10 0.47
CA TRP A 29 6.84 0.94 1.36
C TRP A 29 7.13 0.59 2.81
N HIS A 30 7.33 1.63 3.63
CA HIS A 30 7.61 1.43 5.05
C HIS A 30 6.35 1.01 5.80
N GLU A 31 6.54 0.18 6.83
CA GLU A 31 5.41 -0.30 7.63
C GLU A 31 4.57 0.88 8.14
N HIS A 32 5.12 2.08 8.03
CA HIS A 32 4.42 3.29 8.48
C HIS A 32 4.01 4.15 7.29
N CYS A 33 4.56 3.84 6.12
CA CYS A 33 4.26 4.59 4.91
C CYS A 33 3.14 3.92 4.12
N PHE A 34 3.19 2.59 4.06
CA PHE A 34 2.18 1.82 3.33
C PHE A 34 0.81 1.97 3.99
N LEU A 35 0.02 2.90 3.47
CA LEU A 35 -1.32 3.15 4.00
C LEU A 35 -2.39 2.85 2.95
N CYS A 36 -3.65 2.98 3.35
CA CYS A 36 -4.77 2.72 2.45
C CYS A 36 -5.16 3.99 1.69
N SER A 37 -5.55 3.82 0.43
CA SER A 37 -5.95 4.96 -0.41
C SER A 37 -7.42 5.30 -0.17
N GLY A 38 -7.93 4.94 0.99
CA GLY A 38 -9.32 5.22 1.31
C GLY A 38 -9.48 5.80 2.70
N CYS A 39 -8.89 5.15 3.69
CA CYS A 39 -8.98 5.61 5.08
C CYS A 39 -7.61 6.03 5.60
N GLU A 40 -6.59 5.85 4.76
CA GLU A 40 -5.23 6.22 5.14
C GLU A 40 -4.76 5.40 6.34
N GLN A 41 -5.17 4.14 6.38
CA GLN A 41 -4.80 3.25 7.48
C GLN A 41 -3.54 2.45 7.13
N PRO A 42 -2.69 2.22 8.14
CA PRO A 42 -1.44 1.47 7.95
C PRO A 42 -1.69 -0.01 7.68
N LEU A 43 -1.76 -0.37 6.40
CA LEU A 43 -1.99 -1.75 6.01
C LEU A 43 -0.72 -2.58 6.16
N GLY A 44 0.30 -1.98 6.77
CA GLY A 44 1.56 -2.68 6.96
C GLY A 44 1.36 -4.13 7.35
N SER A 45 0.67 -4.35 8.47
CA SER A 45 0.41 -5.71 8.95
C SER A 45 -1.08 -6.01 8.96
N ARG A 46 -1.81 -5.38 8.03
CA ARG A 46 -3.25 -5.58 7.93
C ARG A 46 -3.62 -6.16 6.56
N SER A 47 -4.85 -6.65 6.44
CA SER A 47 -5.32 -7.22 5.19
C SER A 47 -5.90 -6.15 4.28
N PHE A 48 -5.50 -6.20 3.01
CA PHE A 48 -5.98 -5.24 2.02
C PHE A 48 -6.01 -5.85 0.62
N VAL A 49 -6.38 -5.04 -0.36
CA VAL A 49 -6.45 -5.50 -1.74
C VAL A 49 -5.77 -4.51 -2.69
N PRO A 50 -4.69 -4.97 -3.34
CA PRO A 50 -3.93 -4.14 -4.28
C PRO A 50 -4.69 -3.88 -5.57
N ASP A 51 -5.24 -2.66 -5.68
CA ASP A 51 -6.01 -2.28 -6.86
C ASP A 51 -5.18 -1.35 -7.76
N LYS A 52 -5.80 -0.88 -8.83
CA LYS A 52 -5.13 0.01 -9.77
C LYS A 52 -4.33 1.08 -9.04
N GLY A 53 -3.02 0.88 -8.93
CA GLY A 53 -2.17 1.83 -8.25
C GLY A 53 -2.82 2.37 -6.99
N ALA A 54 -3.68 1.57 -6.36
CA ALA A 54 -4.35 1.99 -5.15
C ALA A 54 -4.51 0.82 -4.18
N HIS A 55 -4.13 1.05 -2.92
CA HIS A 55 -4.22 0.01 -1.90
C HIS A 55 -5.42 0.25 -0.99
N TYR A 56 -6.44 -0.59 -1.14
CA TYR A 56 -7.65 -0.47 -0.33
C TYR A 56 -7.82 -1.68 0.58
N CYS A 57 -8.12 -1.40 1.85
CA CYS A 57 -8.31 -2.47 2.83
C CYS A 57 -9.48 -3.35 2.46
N VAL A 58 -9.64 -4.47 3.18
CA VAL A 58 -10.74 -5.39 2.92
C VAL A 58 -12.03 -4.64 2.60
N PRO A 59 -12.43 -3.74 3.51
CA PRO A 59 -13.64 -2.94 3.35
C PRO A 59 -13.52 -1.91 2.23
N CYS A 60 -12.47 -1.10 2.29
CA CYS A 60 -12.23 -0.08 1.29
C CYS A 60 -12.24 -0.67 -0.12
N TYR A 61 -12.06 -1.99 -0.20
CA TYR A 61 -12.04 -2.68 -1.47
C TYR A 61 -13.43 -3.23 -1.81
N GLU A 62 -13.99 -4.02 -0.90
CA GLU A 62 -15.31 -4.60 -1.11
C GLU A 62 -16.36 -3.51 -1.27
N ASN A 63 -16.09 -2.33 -0.71
CA ASN A 63 -17.01 -1.21 -0.80
C ASN A 63 -16.92 -0.52 -2.16
N LYS A 64 -15.69 -0.27 -2.60
CA LYS A 64 -15.45 0.37 -3.88
C LYS A 64 -15.98 -0.48 -5.03
N PHE A 65 -15.84 -1.79 -4.90
CA PHE A 65 -16.30 -2.72 -5.92
C PHE A 65 -17.73 -3.19 -5.63
N ALA A 66 -18.41 -2.46 -4.76
CA ALA A 66 -19.79 -2.80 -4.40
C ALA A 66 -20.78 -2.21 -5.38
N SER A 67 -22.05 -2.57 -5.23
CA SER A 67 -23.10 -2.09 -6.11
C SER A 67 -23.87 -0.94 -5.46
N GLY A 68 -23.15 -0.06 -4.78
CA GLY A 68 -23.79 1.06 -4.12
C GLY A 68 -24.88 0.63 -3.15
N PRO A 69 -26.12 1.03 -3.47
CA PRO A 69 -27.29 0.70 -2.65
C PRO A 69 -27.64 -0.79 -2.71
N SER A 70 -28.71 -1.18 -2.03
CA SER A 70 -29.15 -2.56 -2.01
C SER A 70 -29.70 -2.98 -3.37
N SER A 71 -29.79 -4.28 -3.60
CA SER A 71 -30.30 -4.82 -4.86
C SER A 71 -31.55 -4.07 -5.30
N GLY A 72 -32.55 -4.03 -4.42
CA GLY A 72 -33.79 -3.34 -4.72
C GLY A 72 -35.01 -4.24 -4.55
ZN ZN B . 8.79 5.85 3.82
ZN ZN C . -9.04 1.63 4.00
N GLY A 1 27.50 7.48 -2.52
CA GLY A 1 26.37 8.06 -1.83
C GLY A 1 25.61 7.04 -0.99
N SER A 2 24.33 6.85 -1.31
CA SER A 2 23.50 5.91 -0.58
C SER A 2 23.53 4.52 -1.23
N SER A 3 23.42 4.50 -2.56
CA SER A 3 23.45 3.24 -3.31
C SER A 3 22.35 2.31 -2.83
N GLY A 4 21.13 2.84 -2.69
CA GLY A 4 20.01 2.04 -2.24
C GLY A 4 19.13 1.60 -3.38
N SER A 5 19.27 0.33 -3.78
CA SER A 5 18.48 -0.21 -4.87
C SER A 5 16.99 -0.18 -4.54
N SER A 6 16.65 -0.65 -3.34
CA SER A 6 15.26 -0.68 -2.90
C SER A 6 14.97 0.46 -1.93
N GLY A 7 14.10 1.38 -2.34
CA GLY A 7 13.76 2.51 -1.49
C GLY A 7 12.25 2.71 -1.39
N CYS A 8 11.83 3.43 -0.35
CA CYS A 8 10.42 3.71 -0.14
C CYS A 8 9.85 4.57 -1.26
N SER A 9 8.63 4.26 -1.68
CA SER A 9 7.98 5.01 -2.75
C SER A 9 7.11 6.12 -2.17
N ALA A 10 6.88 6.08 -0.87
CA ALA A 10 6.06 7.08 -0.20
C ALA A 10 6.89 8.31 0.16
N CYS A 11 7.89 8.10 1.02
CA CYS A 11 8.76 9.20 1.44
C CYS A 11 10.00 9.29 0.54
N GLY A 12 10.46 8.13 0.07
CA GLY A 12 11.63 8.11 -0.79
C GLY A 12 12.86 7.56 -0.07
N GLU A 13 12.78 7.46 1.24
CA GLU A 13 13.89 6.94 2.05
C GLU A 13 14.34 5.59 1.53
N THR A 14 15.40 5.05 2.15
CA THR A 14 15.94 3.76 1.75
C THR A 14 15.46 2.66 2.70
N VAL A 15 14.47 1.90 2.25
CA VAL A 15 13.92 0.81 3.05
C VAL A 15 14.94 -0.31 3.23
N MET A 16 15.38 -0.51 4.46
CA MET A 16 16.35 -1.55 4.77
C MET A 16 15.66 -2.88 5.08
N PRO A 17 16.38 -3.99 4.84
CA PRO A 17 15.85 -5.33 5.09
C PRO A 17 15.68 -5.63 6.57
N GLY A 18 16.60 -5.12 7.38
CA GLY A 18 16.54 -5.34 8.81
C GLY A 18 15.55 -4.42 9.50
N SER A 19 14.42 -4.19 8.85
CA SER A 19 13.38 -3.31 9.41
C SER A 19 12.04 -3.58 8.74
N ARG A 20 10.98 -3.56 9.54
CA ARG A 20 9.63 -3.80 9.03
C ARG A 20 9.37 -2.98 7.77
N LYS A 21 9.06 -3.67 6.68
CA LYS A 21 8.78 -3.00 5.40
C LYS A 21 7.69 -3.74 4.63
N LEU A 22 7.36 -3.22 3.45
CA LEU A 22 6.34 -3.83 2.61
C LEU A 22 6.74 -3.78 1.15
N GLU A 23 6.25 -4.74 0.37
CA GLU A 23 6.55 -4.81 -1.05
C GLU A 23 5.41 -5.46 -1.83
N TYR A 24 4.77 -4.69 -2.70
CA TYR A 24 3.66 -5.19 -3.50
C TYR A 24 3.80 -4.77 -4.96
N GLY A 25 3.58 -5.72 -5.86
CA GLY A 25 3.68 -5.43 -7.28
C GLY A 25 5.13 -5.31 -7.74
N GLY A 26 5.91 -4.54 -6.99
CA GLY A 26 7.31 -4.34 -7.34
C GLY A 26 7.96 -3.24 -6.53
N GLN A 27 7.14 -2.35 -5.96
CA GLN A 27 7.64 -1.25 -5.17
C GLN A 27 7.84 -1.67 -3.71
N THR A 28 8.23 -0.71 -2.87
CA THR A 28 8.45 -0.98 -1.45
C THR A 28 8.03 0.20 -0.59
N TRP A 29 7.20 -0.07 0.41
CA TRP A 29 6.73 0.99 1.31
C TRP A 29 7.01 0.62 2.76
N HIS A 30 7.37 1.63 3.55
CA HIS A 30 7.68 1.42 4.97
C HIS A 30 6.44 0.92 5.72
N GLU A 31 6.67 0.03 6.69
CA GLU A 31 5.58 -0.53 7.47
C GLU A 31 4.71 0.58 8.06
N HIS A 32 5.21 1.81 8.01
CA HIS A 32 4.48 2.95 8.54
C HIS A 32 4.03 3.87 7.42
N CYS A 33 4.60 3.68 6.23
CA CYS A 33 4.26 4.49 5.07
C CYS A 33 3.14 3.84 4.27
N PHE A 34 3.17 2.51 4.18
CA PHE A 34 2.16 1.77 3.44
C PHE A 34 0.78 1.93 4.08
N LEU A 35 0.00 2.87 3.55
CA LEU A 35 -1.34 3.12 4.06
C LEU A 35 -2.40 2.83 3.00
N CYS A 36 -3.67 2.94 3.39
CA CYS A 36 -4.77 2.69 2.48
C CYS A 36 -5.14 3.96 1.71
N SER A 37 -5.49 3.80 0.44
CA SER A 37 -5.87 4.93 -0.39
C SER A 37 -7.33 5.29 -0.19
N GLY A 38 -7.87 4.93 0.97
CA GLY A 38 -9.26 5.23 1.28
C GLY A 38 -9.45 5.82 2.65
N CYS A 39 -8.88 5.16 3.66
CA CYS A 39 -8.97 5.63 5.04
C CYS A 39 -7.60 6.02 5.57
N GLU A 40 -6.57 5.84 4.76
CA GLU A 40 -5.22 6.18 5.16
C GLU A 40 -4.77 5.35 6.36
N GLN A 41 -5.20 4.09 6.39
CA GLN A 41 -4.85 3.19 7.50
C GLN A 41 -3.59 2.40 7.16
N PRO A 42 -2.76 2.16 8.19
CA PRO A 42 -1.51 1.41 8.03
C PRO A 42 -1.74 -0.07 7.76
N LEU A 43 -1.83 -0.42 6.48
CA LEU A 43 -2.06 -1.80 6.08
C LEU A 43 -0.79 -2.63 6.23
N GLY A 44 0.23 -2.02 6.82
CA GLY A 44 1.49 -2.72 7.03
C GLY A 44 1.29 -4.17 7.41
N SER A 45 0.55 -4.40 8.48
CA SER A 45 0.28 -5.76 8.96
C SER A 45 -1.21 -6.05 8.98
N ARG A 46 -1.93 -5.45 8.04
CA ARG A 46 -3.38 -5.65 7.94
C ARG A 46 -3.76 -6.23 6.59
N SER A 47 -5.00 -6.68 6.47
CA SER A 47 -5.50 -7.26 5.23
C SER A 47 -6.05 -6.18 4.30
N PHE A 48 -5.65 -6.24 3.03
CA PHE A 48 -6.11 -5.27 2.05
C PHE A 48 -6.15 -5.89 0.65
N VAL A 49 -6.49 -5.06 -0.34
CA VAL A 49 -6.56 -5.53 -1.72
C VAL A 49 -5.86 -4.56 -2.66
N PRO A 50 -4.78 -5.03 -3.29
CA PRO A 50 -4.00 -4.22 -4.23
C PRO A 50 -4.76 -3.95 -5.53
N ASP A 51 -5.20 -2.70 -5.70
CA ASP A 51 -5.94 -2.32 -6.90
C ASP A 51 -5.09 -1.40 -7.78
N LYS A 52 -5.70 -0.90 -8.85
CA LYS A 52 -5.01 -0.01 -9.78
C LYS A 52 -4.20 1.04 -9.02
N GLY A 53 -2.91 0.81 -8.89
CA GLY A 53 -2.05 1.74 -8.19
C GLY A 53 -2.70 2.30 -6.94
N ALA A 54 -3.58 1.52 -6.33
CA ALA A 54 -4.28 1.94 -5.12
C ALA A 54 -4.46 0.77 -4.16
N HIS A 55 -4.09 0.99 -2.90
CA HIS A 55 -4.21 -0.04 -1.88
C HIS A 55 -5.41 0.21 -0.98
N TYR A 56 -6.45 -0.61 -1.13
CA TYR A 56 -7.66 -0.48 -0.34
C TYR A 56 -7.85 -1.68 0.58
N CYS A 57 -8.16 -1.41 1.84
CA CYS A 57 -8.37 -2.47 2.83
C CYS A 57 -9.56 -3.34 2.43
N VAL A 58 -9.75 -4.43 3.17
CA VAL A 58 -10.86 -5.35 2.90
C VAL A 58 -12.13 -4.59 2.54
N PRO A 59 -12.54 -3.67 3.44
CA PRO A 59 -13.74 -2.86 3.24
C PRO A 59 -13.58 -1.84 2.11
N CYS A 60 -12.53 -1.03 2.20
CA CYS A 60 -12.25 -0.02 1.20
C CYS A 60 -12.22 -0.64 -0.20
N TYR A 61 -12.04 -1.95 -0.26
CA TYR A 61 -11.98 -2.66 -1.54
C TYR A 61 -13.35 -3.21 -1.92
N GLU A 62 -13.96 -3.95 -1.00
CA GLU A 62 -15.28 -4.53 -1.24
C GLU A 62 -16.33 -3.44 -1.40
N ASN A 63 -16.05 -2.27 -0.85
CA ASN A 63 -16.98 -1.14 -0.93
C ASN A 63 -16.84 -0.42 -2.27
N LYS A 64 -15.60 -0.11 -2.64
CA LYS A 64 -15.34 0.58 -3.90
C LYS A 64 -15.80 -0.26 -5.08
N PHE A 65 -15.74 -1.58 -4.93
CA PHE A 65 -16.15 -2.49 -6.00
C PHE A 65 -17.55 -3.02 -5.73
N ALA A 66 -18.27 -2.36 -4.83
CA ALA A 66 -19.64 -2.77 -4.49
C ALA A 66 -20.66 -2.12 -5.43
N SER A 67 -21.62 -2.91 -5.88
CA SER A 67 -22.65 -2.41 -6.78
C SER A 67 -24.04 -2.56 -6.15
N GLY A 68 -24.43 -1.57 -5.37
CA GLY A 68 -25.73 -1.60 -4.72
C GLY A 68 -26.15 -0.25 -4.19
N PRO A 69 -27.36 0.19 -4.56
CA PRO A 69 -27.91 1.48 -4.12
C PRO A 69 -28.25 1.49 -2.64
N SER A 70 -27.27 1.79 -1.81
CA SER A 70 -27.47 1.83 -0.37
C SER A 70 -28.14 3.14 0.05
N SER A 71 -29.13 3.04 0.93
CA SER A 71 -29.86 4.22 1.41
C SER A 71 -28.89 5.36 1.70
N GLY A 72 -29.08 6.48 1.01
CA GLY A 72 -28.23 7.64 1.21
C GLY A 72 -28.91 8.74 2.00
ZN ZN B . 8.70 5.63 3.80
ZN ZN C . -9.08 1.65 3.97
N GLY A 1 22.48 0.76 -10.68
CA GLY A 1 23.72 1.53 -10.67
C GLY A 1 24.40 1.51 -9.32
N SER A 2 24.23 2.58 -8.55
CA SER A 2 24.85 2.69 -7.24
C SER A 2 23.78 2.78 -6.15
N SER A 3 22.76 3.60 -6.39
CA SER A 3 21.68 3.77 -5.42
C SER A 3 20.32 3.67 -6.11
N GLY A 4 19.38 3.02 -5.44
CA GLY A 4 18.04 2.86 -5.99
C GLY A 4 17.70 1.41 -6.27
N SER A 5 17.50 0.64 -5.20
CA SER A 5 17.17 -0.77 -5.33
C SER A 5 15.88 -1.10 -4.57
N SER A 6 15.90 -0.86 -3.26
CA SER A 6 14.73 -1.12 -2.42
C SER A 6 14.42 0.07 -1.53
N GLY A 7 14.01 1.18 -2.15
CA GLY A 7 13.67 2.37 -1.39
C GLY A 7 12.18 2.58 -1.27
N CYS A 8 11.78 3.43 -0.32
CA CYS A 8 10.37 3.72 -0.10
C CYS A 8 9.79 4.50 -1.28
N SER A 9 8.63 4.06 -1.76
CA SER A 9 7.97 4.71 -2.87
C SER A 9 7.00 5.79 -2.38
N ALA A 10 6.88 5.91 -1.07
CA ALA A 10 5.99 6.90 -0.47
C ALA A 10 6.75 8.18 -0.12
N CYS A 11 7.88 8.02 0.55
CA CYS A 11 8.71 9.16 0.95
C CYS A 11 9.96 9.25 0.08
N GLY A 12 10.45 8.09 -0.36
CA GLY A 12 11.64 8.07 -1.20
C GLY A 12 12.88 7.71 -0.41
N GLU A 13 12.70 7.30 0.84
CA GLU A 13 13.82 6.93 1.70
C GLU A 13 14.36 5.55 1.32
N THR A 14 15.35 5.09 2.07
CA THR A 14 15.97 3.79 1.81
C THR A 14 15.50 2.75 2.83
N VAL A 15 14.56 1.91 2.40
CA VAL A 15 14.02 0.86 3.27
C VAL A 15 15.02 -0.28 3.42
N MET A 16 15.44 -0.54 4.66
CA MET A 16 16.39 -1.62 4.94
C MET A 16 15.66 -2.92 5.19
N PRO A 17 16.33 -4.04 4.88
CA PRO A 17 15.77 -5.38 5.06
C PRO A 17 15.63 -5.76 6.53
N GLY A 18 16.58 -5.28 7.34
CA GLY A 18 16.54 -5.58 8.77
C GLY A 18 15.58 -4.69 9.52
N SER A 19 14.44 -4.40 8.90
CA SER A 19 13.44 -3.54 9.52
C SER A 19 12.07 -3.76 8.87
N ARG A 20 11.03 -3.80 9.68
CA ARG A 20 9.68 -3.99 9.18
C ARG A 20 9.42 -3.14 7.95
N LYS A 21 9.05 -3.78 6.85
CA LYS A 21 8.76 -3.08 5.61
C LYS A 21 7.73 -3.81 4.78
N LEU A 22 7.33 -3.23 3.66
CA LEU A 22 6.35 -3.84 2.77
C LEU A 22 6.81 -3.78 1.31
N GLU A 23 6.36 -4.74 0.52
CA GLU A 23 6.73 -4.80 -0.89
C GLU A 23 5.61 -5.43 -1.72
N TYR A 24 5.02 -4.64 -2.61
CA TYR A 24 3.95 -5.13 -3.46
C TYR A 24 4.14 -4.67 -4.90
N GLY A 25 4.07 -5.62 -5.83
CA GLY A 25 4.24 -5.30 -7.23
C GLY A 25 5.65 -4.82 -7.55
N GLY A 26 6.61 -5.18 -6.70
CA GLY A 26 7.98 -4.78 -6.91
C GLY A 26 8.36 -3.58 -6.06
N GLN A 27 7.41 -2.68 -5.84
CA GLN A 27 7.65 -1.48 -5.04
C GLN A 27 7.90 -1.85 -3.58
N THR A 28 8.27 -0.85 -2.77
CA THR A 28 8.53 -1.07 -1.36
C THR A 28 8.10 0.13 -0.53
N TRP A 29 7.28 -0.12 0.47
CA TRP A 29 6.79 0.94 1.35
C TRP A 29 7.07 0.62 2.81
N HIS A 30 7.27 1.66 3.61
CA HIS A 30 7.56 1.49 5.03
C HIS A 30 6.31 1.07 5.79
N GLU A 31 6.49 0.24 6.81
CA GLU A 31 5.37 -0.25 7.62
C GLU A 31 4.50 0.92 8.09
N HIS A 32 5.04 2.13 7.99
CA HIS A 32 4.30 3.32 8.41
C HIS A 32 3.90 4.15 7.19
N CYS A 33 4.51 3.88 6.05
CA CYS A 33 4.21 4.60 4.83
C CYS A 33 3.09 3.91 4.05
N PHE A 34 3.14 2.58 3.99
CA PHE A 34 2.13 1.81 3.29
C PHE A 34 0.77 1.94 3.96
N LEU A 35 -0.04 2.86 3.45
CA LEU A 35 -1.38 3.10 4.00
C LEU A 35 -2.45 2.81 2.96
N CYS A 36 -3.72 2.93 3.36
CA CYS A 36 -4.83 2.69 2.46
C CYS A 36 -5.23 3.97 1.73
N SER A 37 -5.67 3.82 0.48
CA SER A 37 -6.07 4.97 -0.33
C SER A 37 -7.54 5.31 -0.10
N GLY A 38 -8.05 4.93 1.06
CA GLY A 38 -9.43 5.20 1.38
C GLY A 38 -9.61 5.78 2.77
N CYS A 39 -9.01 5.14 3.76
CA CYS A 39 -9.10 5.58 5.15
C CYS A 39 -7.73 6.02 5.67
N GLU A 40 -6.71 5.82 4.84
CA GLU A 40 -5.34 6.19 5.22
C GLU A 40 -4.87 5.36 6.40
N GLN A 41 -5.28 4.09 6.44
CA GLN A 41 -4.89 3.19 7.52
C GLN A 41 -3.63 2.42 7.17
N PRO A 42 -2.79 2.15 8.18
CA PRO A 42 -1.54 1.42 8.01
C PRO A 42 -1.77 -0.05 7.68
N LEU A 43 -1.80 -0.37 6.39
CA LEU A 43 -2.00 -1.75 5.96
C LEU A 43 -0.74 -2.57 6.09
N GLY A 44 0.28 -1.97 6.70
CA GLY A 44 1.55 -2.66 6.89
C GLY A 44 1.37 -4.14 7.17
N SER A 45 0.62 -4.45 8.23
CA SER A 45 0.37 -5.84 8.61
C SER A 45 -1.13 -6.12 8.67
N ARG A 46 -1.88 -5.56 7.72
CA ARG A 46 -3.32 -5.75 7.68
C ARG A 46 -3.76 -6.25 6.30
N SER A 47 -4.99 -6.74 6.22
CA SER A 47 -5.52 -7.26 4.97
C SER A 47 -6.02 -6.12 4.07
N PHE A 48 -5.68 -6.20 2.79
CA PHE A 48 -6.08 -5.18 1.82
C PHE A 48 -6.15 -5.75 0.42
N VAL A 49 -6.45 -4.90 -0.55
CA VAL A 49 -6.54 -5.32 -1.95
C VAL A 49 -6.01 -4.23 -2.88
N PRO A 50 -4.90 -4.52 -3.57
CA PRO A 50 -4.28 -3.59 -4.51
C PRO A 50 -5.13 -3.38 -5.76
N ASP A 51 -5.22 -2.13 -6.20
CA ASP A 51 -5.98 -1.80 -7.39
C ASP A 51 -5.48 -0.51 -8.03
N LYS A 52 -4.96 -0.63 -9.25
CA LYS A 52 -4.44 0.53 -9.97
C LYS A 52 -3.53 1.36 -9.07
N GLY A 53 -2.64 0.69 -8.35
CA GLY A 53 -1.73 1.38 -7.46
C GLY A 53 -2.37 1.77 -6.15
N ALA A 54 -3.70 1.84 -6.14
CA ALA A 54 -4.44 2.21 -4.94
C ALA A 54 -4.62 1.01 -4.01
N HIS A 55 -4.18 1.14 -2.77
CA HIS A 55 -4.29 0.07 -1.79
C HIS A 55 -5.51 0.28 -0.90
N TYR A 56 -6.54 -0.54 -1.10
CA TYR A 56 -7.75 -0.45 -0.32
C TYR A 56 -7.92 -1.66 0.60
N CYS A 57 -8.20 -1.40 1.87
CA CYS A 57 -8.37 -2.47 2.85
C CYS A 57 -9.57 -3.35 2.48
N VAL A 58 -9.63 -4.53 3.10
CA VAL A 58 -10.72 -5.47 2.84
C VAL A 58 -12.02 -4.72 2.56
N PRO A 59 -12.42 -3.84 3.49
CA PRO A 59 -13.64 -3.05 3.37
C PRO A 59 -13.54 -1.99 2.27
N CYS A 60 -12.50 -1.18 2.33
CA CYS A 60 -12.29 -0.13 1.34
C CYS A 60 -12.32 -0.70 -0.08
N TYR A 61 -12.13 -2.01 -0.17
CA TYR A 61 -12.13 -2.68 -1.47
C TYR A 61 -13.51 -3.23 -1.80
N GLU A 62 -14.03 -4.07 -0.91
CA GLU A 62 -15.35 -4.67 -1.11
C GLU A 62 -16.43 -3.60 -1.15
N ASN A 63 -16.10 -2.42 -0.63
CA ASN A 63 -17.05 -1.31 -0.61
C ASN A 63 -17.04 -0.55 -1.93
N LYS A 64 -15.83 -0.26 -2.42
CA LYS A 64 -15.68 0.46 -3.68
C LYS A 64 -16.17 -0.37 -4.85
N PHE A 65 -16.11 -1.70 -4.71
CA PHE A 65 -16.56 -2.61 -5.76
C PHE A 65 -17.99 -3.06 -5.51
N ALA A 66 -18.70 -2.32 -4.65
CA ALA A 66 -20.09 -2.64 -4.33
C ALA A 66 -21.02 -1.50 -4.73
N SER A 67 -20.82 -0.35 -4.10
CA SER A 67 -21.66 0.81 -4.39
C SER A 67 -21.00 1.71 -5.44
N GLY A 68 -20.65 1.11 -6.57
CA GLY A 68 -20.02 1.87 -7.64
C GLY A 68 -21.02 2.37 -8.67
N PRO A 69 -20.74 3.55 -9.25
CA PRO A 69 -21.62 4.15 -10.26
C PRO A 69 -21.58 3.39 -11.58
N SER A 70 -22.77 3.10 -12.11
CA SER A 70 -22.88 2.37 -13.37
C SER A 70 -22.63 3.30 -14.56
N SER A 71 -22.35 2.70 -15.72
CA SER A 71 -22.10 3.48 -16.92
C SER A 71 -21.07 4.57 -16.66
N GLY A 72 -19.98 4.21 -15.99
CA GLY A 72 -18.94 5.17 -15.68
C GLY A 72 -18.27 5.72 -16.93
ZN ZN B . 8.78 5.82 3.79
ZN ZN C . -9.10 1.64 4.04
N GLY A 1 27.98 3.82 -7.61
CA GLY A 1 27.11 2.78 -7.07
C GLY A 1 26.05 3.34 -6.13
N SER A 2 24.86 2.77 -6.20
CA SER A 2 23.76 3.21 -5.36
C SER A 2 23.91 2.66 -3.94
N SER A 3 23.62 3.50 -2.95
CA SER A 3 23.72 3.11 -1.55
C SER A 3 22.66 2.06 -1.21
N GLY A 4 21.53 2.11 -1.92
CA GLY A 4 20.45 1.17 -1.66
C GLY A 4 19.70 0.79 -2.93
N SER A 5 19.43 -0.49 -3.10
CA SER A 5 18.72 -0.97 -4.28
C SER A 5 17.21 -0.73 -4.14
N SER A 6 16.69 -0.98 -2.94
CA SER A 6 15.27 -0.80 -2.69
C SER A 6 15.03 0.44 -1.83
N GLY A 7 13.97 1.18 -2.14
CA GLY A 7 13.65 2.38 -1.38
C GLY A 7 12.15 2.59 -1.25
N CYS A 8 11.77 3.45 -0.31
CA CYS A 8 10.35 3.75 -0.09
C CYS A 8 9.79 4.61 -1.21
N SER A 9 8.61 4.24 -1.69
CA SER A 9 7.96 4.97 -2.78
C SER A 9 7.05 6.05 -2.23
N ALA A 10 6.83 6.03 -0.92
CA ALA A 10 5.97 7.01 -0.26
C ALA A 10 6.77 8.27 0.10
N CYS A 11 7.82 8.10 0.89
CA CYS A 11 8.65 9.22 1.31
C CYS A 11 9.90 9.33 0.44
N GLY A 12 10.33 8.20 -0.10
CA GLY A 12 11.52 8.18 -0.95
C GLY A 12 12.74 7.66 -0.23
N GLU A 13 12.66 7.58 1.10
CA GLU A 13 13.77 7.09 1.90
C GLU A 13 14.25 5.73 1.40
N THR A 14 15.30 5.22 2.04
CA THR A 14 15.85 3.91 1.66
C THR A 14 15.48 2.85 2.67
N VAL A 15 14.45 2.06 2.34
CA VAL A 15 13.99 0.99 3.23
C VAL A 15 15.06 -0.07 3.39
N MET A 16 15.68 -0.12 4.57
CA MET A 16 16.72 -1.09 4.86
C MET A 16 16.11 -2.45 5.20
N PRO A 17 16.89 -3.52 4.97
CA PRO A 17 16.45 -4.90 5.25
C PRO A 17 16.33 -5.17 6.75
N GLY A 18 15.72 -6.31 7.08
CA GLY A 18 15.56 -6.67 8.49
C GLY A 18 14.45 -5.89 9.15
N SER A 19 14.40 -4.60 8.91
CA SER A 19 13.37 -3.74 9.50
C SER A 19 12.01 -4.00 8.87
N ARG A 20 10.95 -3.57 9.55
CA ARG A 20 9.59 -3.76 9.05
C ARG A 20 9.37 -2.96 7.77
N LYS A 21 9.08 -3.67 6.69
CA LYS A 21 8.84 -3.04 5.39
C LYS A 21 7.76 -3.78 4.61
N LEU A 22 7.43 -3.26 3.44
CA LEU A 22 6.41 -3.87 2.60
C LEU A 22 6.84 -3.85 1.13
N GLU A 23 6.30 -4.79 0.35
CA GLU A 23 6.62 -4.87 -1.07
C GLU A 23 5.48 -5.53 -1.85
N TYR A 24 4.87 -4.75 -2.74
CA TYR A 24 3.77 -5.26 -3.54
C TYR A 24 3.92 -4.86 -5.01
N GLY A 25 3.73 -5.82 -5.90
CA GLY A 25 3.86 -5.55 -7.32
C GLY A 25 5.32 -5.40 -7.75
N GLY A 26 6.07 -4.58 -7.03
CA GLY A 26 7.46 -4.37 -7.35
C GLY A 26 8.09 -3.26 -6.53
N GLN A 27 7.26 -2.39 -5.99
CA GLN A 27 7.74 -1.28 -5.18
C GLN A 27 7.91 -1.70 -3.72
N THR A 28 8.29 -0.75 -2.87
CA THR A 28 8.49 -1.03 -1.45
C THR A 28 8.07 0.15 -0.60
N TRP A 29 7.24 -0.10 0.41
CA TRP A 29 6.77 0.95 1.29
C TRP A 29 7.04 0.59 2.75
N HIS A 30 7.42 1.59 3.54
CA HIS A 30 7.73 1.38 4.95
C HIS A 30 6.48 0.89 5.70
N GLU A 31 6.69 0.00 6.67
CA GLU A 31 5.60 -0.56 7.46
C GLU A 31 4.74 0.56 8.05
N HIS A 32 5.26 1.78 8.01
CA HIS A 32 4.54 2.93 8.53
C HIS A 32 4.08 3.86 7.41
N CYS A 33 4.63 3.66 6.23
CA CYS A 33 4.28 4.46 5.07
C CYS A 33 3.16 3.80 4.27
N PHE A 34 3.21 2.48 4.16
CA PHE A 34 2.20 1.73 3.43
C PHE A 34 0.82 1.89 4.07
N LEU A 35 0.03 2.81 3.53
CA LEU A 35 -1.31 3.07 4.04
C LEU A 35 -2.37 2.77 2.98
N CYS A 36 -3.64 2.91 3.37
CA CYS A 36 -4.74 2.66 2.45
C CYS A 36 -5.10 3.93 1.67
N SER A 37 -5.50 3.74 0.42
CA SER A 37 -5.87 4.88 -0.44
C SER A 37 -7.34 5.24 -0.25
N GLY A 38 -7.89 4.89 0.91
CA GLY A 38 -9.28 5.18 1.19
C GLY A 38 -9.49 5.79 2.57
N CYS A 39 -8.89 5.16 3.57
CA CYS A 39 -9.00 5.65 4.94
C CYS A 39 -7.65 6.09 5.48
N GLU A 40 -6.60 5.88 4.68
CA GLU A 40 -5.26 6.27 5.07
C GLU A 40 -4.80 5.50 6.32
N GLN A 41 -5.19 4.23 6.38
CA GLN A 41 -4.82 3.38 7.51
C GLN A 41 -3.60 2.54 7.19
N PRO A 42 -2.79 2.25 8.21
CA PRO A 42 -1.57 1.44 8.06
C PRO A 42 -1.88 -0.02 7.76
N LEU A 43 -1.83 -0.37 6.48
CA LEU A 43 -2.10 -1.74 6.06
C LEU A 43 -0.86 -2.62 6.23
N GLY A 44 0.19 -2.04 6.81
CA GLY A 44 1.42 -2.79 7.01
C GLY A 44 1.23 -3.97 7.94
N SER A 45 0.04 -4.07 8.53
CA SER A 45 -0.27 -5.16 9.45
C SER A 45 -1.59 -5.83 9.08
N ARG A 46 -2.53 -5.03 8.60
CA ARG A 46 -3.85 -5.54 8.21
C ARG A 46 -3.88 -5.87 6.72
N SER A 47 -4.72 -6.84 6.35
CA SER A 47 -4.84 -7.25 4.95
C SER A 47 -5.42 -6.12 4.11
N PHE A 48 -5.38 -6.30 2.79
CA PHE A 48 -5.89 -5.29 1.87
C PHE A 48 -5.99 -5.86 0.46
N VAL A 49 -6.39 -5.01 -0.49
CA VAL A 49 -6.53 -5.42 -1.88
C VAL A 49 -6.01 -4.35 -2.83
N PRO A 50 -4.92 -4.66 -3.53
CA PRO A 50 -4.29 -3.74 -4.48
C PRO A 50 -5.15 -3.53 -5.73
N ASP A 51 -5.18 -2.30 -6.23
CA ASP A 51 -5.96 -1.97 -7.42
C ASP A 51 -5.47 -0.66 -8.03
N LYS A 52 -5.05 -0.73 -9.29
CA LYS A 52 -4.55 0.43 -10.00
C LYS A 52 -3.58 1.22 -9.14
N GLY A 53 -2.70 0.51 -8.45
CA GLY A 53 -1.72 1.16 -7.59
C GLY A 53 -2.30 1.58 -6.26
N ALA A 54 -3.63 1.72 -6.21
CA ALA A 54 -4.31 2.11 -4.98
C ALA A 54 -4.51 0.91 -4.06
N HIS A 55 -4.04 1.03 -2.82
CA HIS A 55 -4.18 -0.04 -1.84
C HIS A 55 -5.39 0.19 -0.95
N TYR A 56 -6.43 -0.61 -1.15
CA TYR A 56 -7.65 -0.50 -0.36
C TYR A 56 -7.82 -1.69 0.57
N CYS A 57 -8.12 -1.42 1.83
CA CYS A 57 -8.31 -2.48 2.81
C CYS A 57 -9.49 -3.37 2.44
N VAL A 58 -9.67 -4.46 3.19
CA VAL A 58 -10.76 -5.38 2.93
C VAL A 58 -12.05 -4.64 2.61
N PRO A 59 -12.45 -3.72 3.51
CA PRO A 59 -13.66 -2.93 3.35
C PRO A 59 -13.54 -1.91 2.22
N CYS A 60 -12.48 -1.11 2.27
CA CYS A 60 -12.25 -0.09 1.25
C CYS A 60 -12.26 -0.69 -0.15
N TYR A 61 -12.09 -2.02 -0.21
CA TYR A 61 -12.08 -2.72 -1.48
C TYR A 61 -13.47 -3.26 -1.82
N GLU A 62 -14.02 -4.07 -0.92
CA GLU A 62 -15.34 -4.65 -1.11
C GLU A 62 -16.40 -3.55 -1.22
N ASN A 63 -16.10 -2.39 -0.66
CA ASN A 63 -17.04 -1.26 -0.70
C ASN A 63 -17.00 -0.57 -2.05
N LYS A 64 -15.79 -0.25 -2.52
CA LYS A 64 -15.62 0.41 -3.80
C LYS A 64 -16.11 -0.46 -4.94
N PHE A 65 -16.06 -1.77 -4.73
CA PHE A 65 -16.50 -2.72 -5.74
C PHE A 65 -17.92 -3.21 -5.45
N ALA A 66 -18.64 -2.46 -4.62
CA ALA A 66 -20.01 -2.80 -4.28
C ALA A 66 -21.01 -2.03 -5.12
N SER A 67 -22.20 -2.59 -5.29
CA SER A 67 -23.24 -1.96 -6.09
C SER A 67 -24.09 -1.02 -5.24
N GLY A 68 -24.49 -1.51 -4.07
CA GLY A 68 -25.31 -0.70 -3.17
C GLY A 68 -26.64 -0.33 -3.78
N PRO A 69 -27.09 0.90 -3.49
CA PRO A 69 -28.37 1.41 -4.00
C PRO A 69 -28.33 1.67 -5.51
N SER A 70 -27.22 1.30 -6.14
CA SER A 70 -27.06 1.50 -7.58
C SER A 70 -26.79 2.97 -7.89
N SER A 71 -25.81 3.56 -7.21
CA SER A 71 -25.48 4.97 -7.42
C SER A 71 -24.39 5.10 -8.48
N GLY A 72 -24.71 5.85 -9.53
CA GLY A 72 -23.75 6.06 -10.60
C GLY A 72 -22.47 6.71 -10.12
ZN ZN B . 8.74 5.72 3.87
ZN ZN C . -9.05 1.64 3.95
N GLY A 1 23.01 9.44 -9.61
CA GLY A 1 23.30 9.60 -8.19
C GLY A 1 22.38 8.77 -7.32
N SER A 2 22.48 7.46 -7.44
CA SER A 2 21.66 6.55 -6.66
C SER A 2 22.49 5.41 -6.07
N SER A 3 22.09 4.94 -4.90
CA SER A 3 22.80 3.86 -4.23
C SER A 3 21.86 2.67 -3.97
N GLY A 4 20.69 2.96 -3.42
CA GLY A 4 19.73 1.92 -3.13
C GLY A 4 18.57 1.90 -4.10
N SER A 5 18.07 0.71 -4.42
CA SER A 5 16.96 0.56 -5.34
C SER A 5 15.66 0.29 -4.59
N SER A 6 15.73 -0.55 -3.56
CA SER A 6 14.57 -0.89 -2.76
C SER A 6 14.20 0.25 -1.81
N GLY A 7 14.05 1.44 -2.36
CA GLY A 7 13.70 2.59 -1.54
C GLY A 7 12.21 2.79 -1.42
N CYS A 8 11.79 3.55 -0.41
CA CYS A 8 10.37 3.81 -0.19
C CYS A 8 9.78 4.64 -1.33
N SER A 9 8.60 4.25 -1.78
CA SER A 9 7.93 4.94 -2.87
C SER A 9 7.02 6.06 -2.33
N ALA A 10 6.86 6.08 -1.01
CA ALA A 10 6.02 7.08 -0.37
C ALA A 10 6.83 8.35 -0.06
N CYS A 11 7.84 8.20 0.78
CA CYS A 11 8.68 9.33 1.15
C CYS A 11 9.93 9.41 0.26
N GLY A 12 10.40 8.24 -0.19
CA GLY A 12 11.57 8.21 -1.05
C GLY A 12 12.79 7.69 -0.32
N GLU A 13 12.73 7.64 1.01
CA GLU A 13 13.85 7.17 1.81
C GLU A 13 14.31 5.80 1.34
N THR A 14 15.35 5.27 2.00
CA THR A 14 15.89 3.97 1.65
C THR A 14 15.47 2.90 2.65
N VAL A 15 14.54 2.05 2.24
CA VAL A 15 14.04 0.98 3.11
C VAL A 15 15.07 -0.14 3.23
N MET A 16 15.63 -0.28 4.43
CA MET A 16 16.63 -1.31 4.69
C MET A 16 15.97 -2.61 5.12
N PRO A 17 16.65 -3.74 4.87
CA PRO A 17 16.15 -5.07 5.22
C PRO A 17 16.11 -5.31 6.73
N GLY A 18 15.53 -6.42 7.13
CA GLY A 18 15.44 -6.74 8.54
C GLY A 18 14.34 -5.96 9.24
N SER A 19 14.28 -4.66 8.97
CA SER A 19 13.27 -3.79 9.59
C SER A 19 11.91 -3.99 8.93
N ARG A 20 10.86 -3.79 9.72
CA ARG A 20 9.50 -3.96 9.22
C ARG A 20 9.27 -3.09 7.98
N LYS A 21 9.02 -3.75 6.86
CA LYS A 21 8.79 -3.04 5.60
C LYS A 21 7.73 -3.77 4.76
N LEU A 22 7.39 -3.18 3.62
CA LEU A 22 6.40 -3.78 2.73
C LEU A 22 6.85 -3.68 1.27
N GLU A 23 6.44 -4.66 0.47
CA GLU A 23 6.81 -4.69 -0.94
C GLU A 23 5.72 -5.37 -1.77
N TYR A 24 5.09 -4.60 -2.66
CA TYR A 24 4.03 -5.12 -3.52
C TYR A 24 4.22 -4.66 -4.95
N GLY A 25 4.02 -5.58 -5.89
CA GLY A 25 4.17 -5.26 -7.30
C GLY A 25 5.57 -4.81 -7.64
N GLY A 26 6.51 -5.07 -6.74
CA GLY A 26 7.89 -4.69 -6.97
C GLY A 26 8.31 -3.50 -6.13
N GLN A 27 7.37 -2.59 -5.88
CA GLN A 27 7.66 -1.40 -5.09
C GLN A 27 7.91 -1.77 -3.63
N THR A 28 8.29 -0.78 -2.82
CA THR A 28 8.57 -1.01 -1.42
C THR A 28 8.12 0.19 -0.57
N TRP A 29 7.30 -0.09 0.44
CA TRP A 29 6.81 0.97 1.32
C TRP A 29 7.12 0.64 2.78
N HIS A 30 7.33 1.68 3.58
CA HIS A 30 7.63 1.51 4.99
C HIS A 30 6.38 1.08 5.77
N GLU A 31 6.58 0.25 6.80
CA GLU A 31 5.47 -0.23 7.61
C GLU A 31 4.62 0.93 8.12
N HIS A 32 5.16 2.14 8.00
CA HIS A 32 4.45 3.34 8.45
C HIS A 32 4.01 4.19 7.26
N CYS A 33 4.56 3.89 6.09
CA CYS A 33 4.22 4.62 4.88
C CYS A 33 3.10 3.92 4.11
N PHE A 34 3.18 2.60 4.04
CA PHE A 34 2.17 1.81 3.34
C PHE A 34 0.81 1.96 4.01
N LEU A 35 -0.03 2.82 3.46
CA LEU A 35 -1.36 3.06 4.01
C LEU A 35 -2.44 2.77 2.96
N CYS A 36 -3.69 2.90 3.36
CA CYS A 36 -4.81 2.65 2.47
C CYS A 36 -5.18 3.92 1.70
N SER A 37 -5.60 3.74 0.44
CA SER A 37 -5.99 4.88 -0.39
C SER A 37 -7.45 5.25 -0.16
N GLY A 38 -7.97 4.90 1.00
CA GLY A 38 -9.35 5.20 1.34
C GLY A 38 -9.51 5.81 2.71
N CYS A 39 -8.96 5.13 3.72
CA CYS A 39 -9.05 5.60 5.10
C CYS A 39 -7.68 6.02 5.60
N GLU A 40 -6.66 5.81 4.78
CA GLU A 40 -5.29 6.17 5.15
C GLU A 40 -4.83 5.35 6.35
N GLN A 41 -5.24 4.09 6.40
CA GLN A 41 -4.87 3.21 7.50
C GLN A 41 -3.61 2.41 7.16
N PRO A 42 -2.78 2.16 8.18
CA PRO A 42 -1.53 1.42 8.01
C PRO A 42 -1.76 -0.05 7.72
N LEU A 43 -1.81 -0.39 6.43
CA LEU A 43 -2.04 -1.77 6.01
C LEU A 43 -0.75 -2.59 6.15
N GLY A 44 0.29 -1.98 6.71
CA GLY A 44 1.55 -2.66 6.90
C GLY A 44 1.35 -4.14 7.21
N SER A 45 0.62 -4.42 8.28
CA SER A 45 0.38 -5.80 8.69
C SER A 45 -1.12 -6.09 8.77
N ARG A 46 -1.87 -5.52 7.83
CA ARG A 46 -3.31 -5.72 7.78
C ARG A 46 -3.76 -6.25 6.42
N SER A 47 -5.01 -6.66 6.33
CA SER A 47 -5.56 -7.21 5.10
C SER A 47 -6.03 -6.08 4.17
N PHE A 48 -5.72 -6.21 2.89
CA PHE A 48 -6.11 -5.20 1.91
C PHE A 48 -6.17 -5.80 0.51
N VAL A 49 -6.48 -4.97 -0.48
CA VAL A 49 -6.57 -5.42 -1.87
C VAL A 49 -6.04 -4.36 -2.83
N PRO A 50 -4.95 -4.71 -3.53
CA PRO A 50 -4.31 -3.80 -4.49
C PRO A 50 -5.17 -3.59 -5.73
N ASP A 51 -5.25 -2.34 -6.18
CA ASP A 51 -6.04 -2.00 -7.36
C ASP A 51 -5.50 -0.74 -8.03
N LYS A 52 -5.03 -0.88 -9.26
CA LYS A 52 -4.48 0.25 -10.01
C LYS A 52 -3.51 1.05 -9.15
N GLY A 53 -2.62 0.35 -8.45
CA GLY A 53 -1.64 1.02 -7.60
C GLY A 53 -2.23 1.45 -6.27
N ALA A 54 -3.56 1.55 -6.21
CA ALA A 54 -4.25 1.95 -4.99
C ALA A 54 -4.43 0.76 -4.05
N HIS A 55 -4.13 0.99 -2.77
CA HIS A 55 -4.26 -0.06 -1.76
C HIS A 55 -5.48 0.18 -0.88
N TYR A 56 -6.51 -0.64 -1.06
CA TYR A 56 -7.74 -0.51 -0.30
C TYR A 56 -7.92 -1.71 0.65
N CYS A 57 -8.22 -1.41 1.91
CA CYS A 57 -8.41 -2.46 2.91
C CYS A 57 -9.61 -3.33 2.55
N VAL A 58 -9.69 -4.50 3.18
CA VAL A 58 -10.78 -5.43 2.92
C VAL A 58 -12.08 -4.68 2.62
N PRO A 59 -12.47 -3.78 3.53
CA PRO A 59 -13.69 -2.98 3.39
C PRO A 59 -13.57 -1.95 2.28
N CYS A 60 -12.52 -1.13 2.33
CA CYS A 60 -12.29 -0.10 1.33
C CYS A 60 -12.32 -0.70 -0.08
N TYR A 61 -12.14 -2.01 -0.16
CA TYR A 61 -12.14 -2.70 -1.44
C TYR A 61 -13.53 -3.24 -1.78
N GLU A 62 -14.10 -4.01 -0.86
CA GLU A 62 -15.43 -4.58 -1.04
C GLU A 62 -16.48 -3.49 -1.16
N ASN A 63 -16.18 -2.32 -0.59
CA ASN A 63 -17.11 -1.20 -0.63
C ASN A 63 -16.99 -0.45 -1.95
N LYS A 64 -15.76 -0.21 -2.40
CA LYS A 64 -15.52 0.50 -3.65
C LYS A 64 -16.05 -0.30 -4.83
N PHE A 65 -15.91 -1.62 -4.76
CA PHE A 65 -16.39 -2.49 -5.83
C PHE A 65 -17.86 -2.87 -5.62
N ALA A 66 -18.53 -2.12 -4.75
CA ALA A 66 -19.94 -2.38 -4.45
C ALA A 66 -20.79 -1.15 -4.76
N SER A 67 -21.96 -1.38 -5.34
CA SER A 67 -22.88 -0.29 -5.67
C SER A 67 -24.20 -0.44 -4.93
N GLY A 68 -24.83 0.69 -4.63
CA GLY A 68 -26.10 0.66 -3.93
C GLY A 68 -27.11 1.62 -4.52
N PRO A 69 -28.37 1.17 -4.65
CA PRO A 69 -29.45 1.98 -5.20
C PRO A 69 -29.86 3.12 -4.28
N SER A 70 -30.39 4.19 -4.86
CA SER A 70 -30.80 5.36 -4.09
C SER A 70 -31.80 4.96 -3.01
N SER A 71 -31.88 5.78 -1.96
CA SER A 71 -32.78 5.51 -0.84
C SER A 71 -34.09 6.26 -1.02
N GLY A 72 -35.18 5.52 -1.20
CA GLY A 72 -36.48 6.14 -1.37
C GLY A 72 -37.51 5.19 -1.94
ZN ZN B . 8.71 5.88 3.69
ZN ZN C . -9.11 1.67 4.02
N GLY A 1 22.78 -1.61 -13.82
CA GLY A 1 23.51 -1.88 -12.59
C GLY A 1 23.30 -3.29 -12.09
N SER A 2 24.16 -3.72 -11.16
CA SER A 2 24.06 -5.06 -10.59
C SER A 2 23.91 -5.01 -9.08
N SER A 3 23.10 -4.08 -8.60
CA SER A 3 22.87 -3.92 -7.17
C SER A 3 21.38 -3.79 -6.86
N GLY A 4 21.03 -3.99 -5.60
CA GLY A 4 19.64 -3.90 -5.19
C GLY A 4 19.39 -2.73 -4.25
N SER A 5 19.24 -1.54 -4.81
CA SER A 5 19.00 -0.34 -4.01
C SER A 5 17.51 -0.08 -3.85
N SER A 6 16.87 -0.87 -3.00
CA SER A 6 15.43 -0.74 -2.76
C SER A 6 15.15 0.45 -1.85
N GLY A 7 14.19 1.29 -2.25
CA GLY A 7 13.84 2.46 -1.46
C GLY A 7 12.34 2.64 -1.35
N CYS A 8 11.92 3.40 -0.34
CA CYS A 8 10.50 3.66 -0.13
C CYS A 8 9.92 4.52 -1.24
N SER A 9 8.71 4.18 -1.69
CA SER A 9 8.06 4.92 -2.75
C SER A 9 7.18 6.03 -2.19
N ALA A 10 6.95 5.98 -0.88
CA ALA A 10 6.13 6.98 -0.21
C ALA A 10 6.94 8.23 0.11
N CYS A 11 7.98 8.06 0.92
CA CYS A 11 8.84 9.17 1.30
C CYS A 11 10.06 9.26 0.39
N GLY A 12 10.56 8.11 -0.03
CA GLY A 12 11.72 8.08 -0.90
C GLY A 12 12.98 7.59 -0.20
N GLU A 13 12.88 7.43 1.12
CA GLU A 13 14.02 6.97 1.92
C GLU A 13 14.47 5.58 1.47
N THR A 14 15.52 5.07 2.11
CA THR A 14 16.04 3.76 1.79
C THR A 14 15.54 2.70 2.77
N VAL A 15 14.56 1.91 2.35
CA VAL A 15 14.00 0.87 3.19
C VAL A 15 15.03 -0.23 3.46
N MET A 16 15.35 -0.45 4.74
CA MET A 16 16.30 -1.47 5.12
C MET A 16 15.60 -2.74 5.56
N PRO A 17 16.29 -3.89 5.42
CA PRO A 17 15.74 -5.19 5.80
C PRO A 17 15.60 -5.35 7.31
N GLY A 18 16.58 -4.83 8.04
CA GLY A 18 16.55 -4.92 9.50
C GLY A 18 15.17 -4.64 10.06
N SER A 19 14.47 -3.68 9.47
CA SER A 19 13.13 -3.31 9.93
C SER A 19 12.07 -3.85 8.98
N ARG A 20 10.85 -3.99 9.47
CA ARG A 20 9.74 -4.49 8.67
C ARG A 20 9.42 -3.54 7.52
N LYS A 21 9.20 -4.10 6.34
CA LYS A 21 8.89 -3.29 5.16
C LYS A 21 7.83 -3.97 4.30
N LEU A 22 7.44 -3.31 3.22
CA LEU A 22 6.44 -3.86 2.31
C LEU A 22 6.88 -3.74 0.86
N GLU A 23 6.44 -4.66 0.02
CA GLU A 23 6.79 -4.65 -1.39
C GLU A 23 5.69 -5.27 -2.24
N TYR A 24 5.08 -4.46 -3.09
CA TYR A 24 4.01 -4.93 -3.96
C TYR A 24 4.19 -4.42 -5.38
N GLY A 25 4.07 -5.33 -6.35
CA GLY A 25 4.23 -4.96 -7.74
C GLY A 25 5.64 -4.50 -8.06
N GLY A 26 6.57 -4.77 -7.15
CA GLY A 26 7.96 -4.36 -7.36
C GLY A 26 8.36 -3.22 -6.46
N GLN A 27 7.42 -2.31 -6.20
CA GLN A 27 7.69 -1.15 -5.35
C GLN A 27 7.94 -1.58 -3.91
N THR A 28 8.30 -0.62 -3.07
CA THR A 28 8.58 -0.90 -1.67
C THR A 28 8.13 0.26 -0.78
N TRP A 29 7.32 -0.05 0.23
CA TRP A 29 6.82 0.96 1.15
C TRP A 29 7.14 0.58 2.59
N HIS A 30 7.37 1.59 3.43
CA HIS A 30 7.68 1.36 4.84
C HIS A 30 6.44 0.87 5.59
N GLU A 31 6.66 -0.01 6.56
CA GLU A 31 5.57 -0.56 7.36
C GLU A 31 4.68 0.57 7.91
N HIS A 32 5.20 1.79 7.88
CA HIS A 32 4.45 2.94 8.37
C HIS A 32 4.01 3.85 7.22
N CYS A 33 4.61 3.63 6.05
CA CYS A 33 4.27 4.42 4.87
C CYS A 33 3.14 3.77 4.09
N PHE A 34 3.18 2.44 4.00
CA PHE A 34 2.15 1.70 3.27
C PHE A 34 0.79 1.85 3.94
N LEU A 35 -0.02 2.76 3.42
CA LEU A 35 -1.35 3.00 3.96
C LEU A 35 -2.44 2.71 2.93
N CYS A 36 -3.69 2.90 3.32
CA CYS A 36 -4.81 2.66 2.43
C CYS A 36 -5.17 3.93 1.67
N SER A 37 -5.67 3.76 0.45
CA SER A 37 -6.05 4.90 -0.38
C SER A 37 -7.52 5.29 -0.14
N GLY A 38 -8.02 4.92 1.04
CA GLY A 38 -9.39 5.25 1.38
C GLY A 38 -9.53 5.83 2.77
N CYS A 39 -8.97 5.14 3.75
CA CYS A 39 -9.02 5.59 5.15
C CYS A 39 -7.64 6.01 5.63
N GLU A 40 -6.63 5.81 4.79
CA GLU A 40 -5.25 6.17 5.14
C GLU A 40 -4.77 5.34 6.33
N GLN A 41 -5.18 4.08 6.37
CA GLN A 41 -4.78 3.20 7.45
C GLN A 41 -3.57 2.36 7.06
N PRO A 42 -2.69 2.07 8.05
CA PRO A 42 -1.47 1.29 7.83
C PRO A 42 -1.78 -0.18 7.55
N LEU A 43 -1.83 -0.53 6.26
CA LEU A 43 -2.11 -1.90 5.86
C LEU A 43 -0.87 -2.78 6.00
N GLY A 44 0.20 -2.20 6.55
CA GLY A 44 1.42 -2.94 6.73
C GLY A 44 1.28 -4.10 7.70
N SER A 45 0.14 -4.13 8.40
CA SER A 45 -0.12 -5.19 9.37
C SER A 45 -1.45 -5.89 9.07
N ARG A 46 -2.42 -5.11 8.59
CA ARG A 46 -3.74 -5.64 8.27
C ARG A 46 -3.82 -6.02 6.79
N SER A 47 -4.83 -6.80 6.44
CA SER A 47 -5.01 -7.25 5.06
C SER A 47 -5.57 -6.11 4.20
N PHE A 48 -5.54 -6.30 2.88
CA PHE A 48 -6.05 -5.30 1.96
C PHE A 48 -6.18 -5.89 0.55
N VAL A 49 -6.57 -5.04 -0.39
CA VAL A 49 -6.75 -5.47 -1.78
C VAL A 49 -6.23 -4.43 -2.75
N PRO A 50 -5.17 -4.78 -3.50
CA PRO A 50 -4.55 -3.90 -4.48
C PRO A 50 -5.46 -3.64 -5.68
N ASP A 51 -5.45 -2.41 -6.18
CA ASP A 51 -6.26 -2.04 -7.32
C ASP A 51 -5.70 -0.80 -8.02
N LYS A 52 -5.20 -0.99 -9.24
CA LYS A 52 -4.62 0.12 -10.00
C LYS A 52 -3.67 0.93 -9.14
N GLY A 53 -2.79 0.23 -8.41
CA GLY A 53 -1.82 0.92 -7.56
C GLY A 53 -2.43 1.38 -6.26
N ALA A 54 -3.76 1.48 -6.22
CA ALA A 54 -4.46 1.91 -5.02
C ALA A 54 -4.65 0.76 -4.04
N HIS A 55 -4.18 0.94 -2.82
CA HIS A 55 -4.29 -0.08 -1.78
C HIS A 55 -5.51 0.18 -0.90
N TYR A 56 -6.53 -0.66 -1.06
CA TYR A 56 -7.76 -0.52 -0.28
C TYR A 56 -7.94 -1.71 0.66
N CYS A 57 -8.23 -1.42 1.93
CA CYS A 57 -8.43 -2.47 2.92
C CYS A 57 -9.63 -3.34 2.56
N VAL A 58 -9.80 -4.44 3.29
CA VAL A 58 -10.91 -5.35 3.05
C VAL A 58 -12.20 -4.59 2.72
N PRO A 59 -12.58 -3.66 3.61
CA PRO A 59 -13.78 -2.84 3.44
C PRO A 59 -13.64 -1.83 2.30
N CYS A 60 -12.57 -1.05 2.34
CA CYS A 60 -12.32 -0.05 1.32
C CYS A 60 -12.33 -0.67 -0.07
N TYR A 61 -12.16 -1.99 -0.12
CA TYR A 61 -12.14 -2.71 -1.39
C TYR A 61 -13.53 -3.25 -1.72
N GLU A 62 -14.14 -3.94 -0.76
CA GLU A 62 -15.47 -4.51 -0.96
C GLU A 62 -16.52 -3.42 -1.03
N ASN A 63 -16.16 -2.22 -0.57
CA ASN A 63 -17.08 -1.08 -0.59
C ASN A 63 -16.98 -0.33 -1.91
N LYS A 64 -15.76 -0.17 -2.41
CA LYS A 64 -15.54 0.54 -3.66
C LYS A 64 -16.04 -0.29 -4.85
N PHE A 65 -15.90 -1.60 -4.75
CA PHE A 65 -16.35 -2.51 -5.81
C PHE A 65 -17.82 -2.88 -5.63
N ALA A 66 -18.51 -2.12 -4.80
CA ALA A 66 -19.93 -2.37 -4.53
C ALA A 66 -20.81 -1.50 -5.43
N SER A 67 -20.37 -1.30 -6.66
CA SER A 67 -21.12 -0.50 -7.62
C SER A 67 -20.70 -0.81 -9.04
N GLY A 68 -21.68 -0.92 -9.95
CA GLY A 68 -21.39 -1.22 -11.34
C GLY A 68 -21.77 -0.08 -12.27
N PRO A 69 -20.87 0.90 -12.39
CA PRO A 69 -21.10 2.07 -13.25
C PRO A 69 -21.06 1.72 -14.73
N SER A 70 -22.23 1.44 -15.30
CA SER A 70 -22.34 1.09 -16.71
C SER A 70 -22.64 2.31 -17.57
N SER A 71 -21.60 3.05 -17.92
CA SER A 71 -21.75 4.26 -18.73
C SER A 71 -20.95 4.14 -20.02
N GLY A 72 -21.55 3.53 -21.04
CA GLY A 72 -20.87 3.38 -22.32
C GLY A 72 -20.60 4.70 -22.99
ZN ZN B . 8.80 5.67 3.77
ZN ZN C . -9.10 1.66 4.01
N GLY A 1 24.26 10.53 -3.52
CA GLY A 1 23.34 9.97 -4.50
C GLY A 1 23.44 8.46 -4.59
N SER A 2 22.70 7.77 -3.72
CA SER A 2 22.71 6.32 -3.71
C SER A 2 21.79 5.75 -4.79
N SER A 3 21.86 4.44 -4.99
CA SER A 3 21.04 3.78 -5.99
C SER A 3 19.62 3.56 -5.48
N GLY A 4 19.50 2.79 -4.39
CA GLY A 4 18.21 2.52 -3.81
C GLY A 4 17.34 1.66 -4.72
N SER A 5 17.87 0.53 -5.15
CA SER A 5 17.14 -0.38 -6.03
C SER A 5 15.65 -0.38 -5.70
N SER A 6 15.35 -0.47 -4.40
CA SER A 6 13.96 -0.49 -3.94
C SER A 6 13.57 0.86 -3.35
N GLY A 7 14.04 1.11 -2.12
CA GLY A 7 13.72 2.36 -1.46
C GLY A 7 12.23 2.59 -1.32
N CYS A 8 11.84 3.44 -0.38
CA CYS A 8 10.44 3.74 -0.14
C CYS A 8 9.86 4.58 -1.28
N SER A 9 8.66 4.21 -1.74
CA SER A 9 8.01 4.93 -2.83
C SER A 9 7.13 6.05 -2.28
N ALA A 10 6.87 6.01 -0.98
CA ALA A 10 6.05 7.02 -0.34
C ALA A 10 6.86 8.28 -0.03
N CYS A 11 7.90 8.12 0.77
CA CYS A 11 8.77 9.24 1.14
C CYS A 11 9.98 9.32 0.22
N GLY A 12 10.48 8.16 -0.19
CA GLY A 12 11.63 8.13 -1.07
C GLY A 12 12.87 7.60 -0.39
N GLU A 13 12.81 7.51 0.95
CA GLU A 13 13.94 7.01 1.73
C GLU A 13 14.35 5.62 1.27
N THR A 14 15.30 5.02 1.98
CA THR A 14 15.79 3.69 1.65
C THR A 14 15.30 2.66 2.67
N VAL A 15 14.33 1.84 2.27
CA VAL A 15 13.78 0.81 3.15
C VAL A 15 14.77 -0.33 3.33
N MET A 16 15.07 -0.65 4.59
CA MET A 16 16.00 -1.73 4.89
C MET A 16 15.25 -3.00 5.31
N PRO A 17 15.87 -4.16 5.07
CA PRO A 17 15.27 -5.46 5.42
C PRO A 17 15.20 -5.69 6.92
N GLY A 18 16.33 -5.47 7.60
CA GLY A 18 16.38 -5.65 9.03
C GLY A 18 15.14 -5.11 9.73
N SER A 19 14.60 -4.01 9.21
CA SER A 19 13.43 -3.38 9.79
C SER A 19 12.17 -3.76 9.00
N ARG A 20 11.03 -3.71 9.68
CA ARG A 20 9.76 -4.05 9.05
C ARG A 20 9.52 -3.20 7.81
N LYS A 21 9.12 -3.85 6.72
CA LYS A 21 8.85 -3.15 5.46
C LYS A 21 7.80 -3.88 4.65
N LEU A 22 7.42 -3.30 3.52
CA LEU A 22 6.42 -3.89 2.64
C LEU A 22 6.89 -3.88 1.19
N GLU A 23 6.42 -4.84 0.41
CA GLU A 23 6.79 -4.94 -1.00
C GLU A 23 5.66 -5.56 -1.82
N TYR A 24 5.10 -4.78 -2.74
CA TYR A 24 4.02 -5.25 -3.58
C TYR A 24 4.27 -4.89 -5.05
N GLY A 25 4.12 -5.88 -5.93
CA GLY A 25 4.33 -5.64 -7.34
C GLY A 25 5.80 -5.47 -7.69
N GLY A 26 6.28 -4.23 -7.61
CA GLY A 26 7.67 -3.95 -7.92
C GLY A 26 8.23 -2.78 -7.12
N GLN A 27 7.45 -2.33 -6.14
CA GLN A 27 7.86 -1.22 -5.29
C GLN A 27 8.02 -1.65 -3.85
N THR A 28 8.40 -0.71 -2.98
CA THR A 28 8.58 -1.00 -1.56
C THR A 28 8.16 0.19 -0.71
N TRP A 29 7.35 -0.09 0.32
CA TRP A 29 6.88 0.95 1.22
C TRP A 29 7.20 0.60 2.67
N HIS A 30 7.37 1.63 3.49
CA HIS A 30 7.67 1.43 4.91
C HIS A 30 6.44 0.98 5.67
N GLU A 31 6.64 0.14 6.68
CA GLU A 31 5.54 -0.37 7.49
C GLU A 31 4.67 0.78 8.02
N HIS A 32 5.20 2.00 7.92
CA HIS A 32 4.48 3.18 8.39
C HIS A 32 4.05 4.05 7.21
N CYS A 33 4.62 3.78 6.04
CA CYS A 33 4.29 4.54 4.84
C CYS A 33 3.16 3.86 4.06
N PHE A 34 3.18 2.54 4.04
CA PHE A 34 2.16 1.78 3.33
C PHE A 34 0.80 1.93 4.01
N LEU A 35 -0.03 2.82 3.47
CA LEU A 35 -1.36 3.07 4.02
C LEU A 35 -2.44 2.79 2.98
N CYS A 36 -3.70 2.95 3.39
CA CYS A 36 -4.82 2.71 2.50
C CYS A 36 -5.22 4.00 1.78
N SER A 37 -5.65 3.86 0.52
CA SER A 37 -6.06 5.02 -0.27
C SER A 37 -7.52 5.37 -0.01
N GLY A 38 -8.03 4.94 1.15
CA GLY A 38 -9.40 5.22 1.50
C GLY A 38 -9.54 5.77 2.90
N CYS A 39 -8.99 5.05 3.88
CA CYS A 39 -9.05 5.47 5.27
C CYS A 39 -7.68 5.90 5.78
N GLU A 40 -6.68 5.79 4.91
CA GLU A 40 -5.32 6.17 5.28
C GLU A 40 -4.82 5.36 6.46
N GLN A 41 -5.18 4.08 6.49
CA GLN A 41 -4.77 3.19 7.59
C GLN A 41 -3.54 2.37 7.19
N PRO A 42 -2.67 2.10 8.18
CA PRO A 42 -1.46 1.33 7.97
C PRO A 42 -1.74 -0.14 7.68
N LEU A 43 -1.86 -0.47 6.40
CA LEU A 43 -2.13 -1.84 5.98
C LEU A 43 -0.89 -2.72 6.16
N GLY A 44 0.18 -2.12 6.67
CA GLY A 44 1.40 -2.87 6.89
C GLY A 44 1.23 -4.02 7.85
N SER A 45 0.07 -4.07 8.51
CA SER A 45 -0.21 -5.13 9.46
C SER A 45 -1.53 -5.82 9.13
N ARG A 46 -2.49 -5.03 8.65
CA ARG A 46 -3.81 -5.57 8.29
C ARG A 46 -3.86 -5.93 6.80
N SER A 47 -4.78 -6.82 6.45
CA SER A 47 -4.93 -7.26 5.07
C SER A 47 -5.52 -6.15 4.21
N PHE A 48 -5.42 -6.30 2.90
CA PHE A 48 -5.94 -5.33 1.96
C PHE A 48 -5.99 -5.88 0.54
N VAL A 49 -6.40 -5.05 -0.41
CA VAL A 49 -6.49 -5.46 -1.80
C VAL A 49 -5.81 -4.44 -2.72
N PRO A 50 -4.71 -4.86 -3.36
CA PRO A 50 -3.95 -4.00 -4.28
C PRO A 50 -4.71 -3.71 -5.57
N ASP A 51 -5.29 -2.52 -5.67
CA ASP A 51 -6.03 -2.12 -6.85
C ASP A 51 -5.22 -1.18 -7.73
N LYS A 52 -5.83 -0.68 -8.79
CA LYS A 52 -5.17 0.23 -9.71
C LYS A 52 -4.35 1.26 -8.95
N GLY A 53 -3.04 1.01 -8.84
CA GLY A 53 -2.17 1.94 -8.15
C GLY A 53 -2.80 2.48 -6.87
N ALA A 54 -3.67 1.69 -6.27
CA ALA A 54 -4.35 2.10 -5.04
C ALA A 54 -4.50 0.92 -4.08
N HIS A 55 -4.13 1.13 -2.83
CA HIS A 55 -4.22 0.09 -1.81
C HIS A 55 -5.44 0.29 -0.93
N TYR A 56 -6.44 -0.56 -1.09
CA TYR A 56 -7.68 -0.47 -0.31
C TYR A 56 -7.85 -1.69 0.58
N CYS A 57 -8.14 -1.45 1.85
CA CYS A 57 -8.33 -2.52 2.81
C CYS A 57 -9.53 -3.40 2.42
N VAL A 58 -9.69 -4.52 3.12
CA VAL A 58 -10.78 -5.45 2.84
C VAL A 58 -12.07 -4.69 2.51
N PRO A 59 -12.47 -3.80 3.43
CA PRO A 59 -13.68 -2.99 3.25
C PRO A 59 -13.54 -1.94 2.16
N CYS A 60 -12.49 -1.14 2.24
CA CYS A 60 -12.23 -0.10 1.25
C CYS A 60 -12.22 -0.68 -0.16
N TYR A 61 -12.03 -1.99 -0.25
CA TYR A 61 -11.99 -2.68 -1.53
C TYR A 61 -13.37 -3.22 -1.90
N GLU A 62 -13.93 -4.03 -1.02
CA GLU A 62 -15.25 -4.62 -1.25
C GLU A 62 -16.32 -3.54 -1.36
N ASN A 63 -16.04 -2.38 -0.77
CA ASN A 63 -16.97 -1.26 -0.80
C ASN A 63 -16.90 -0.53 -2.14
N LYS A 64 -15.70 -0.18 -2.56
CA LYS A 64 -15.49 0.52 -3.81
C LYS A 64 -15.96 -0.33 -4.99
N PHE A 65 -15.83 -1.64 -4.87
CA PHE A 65 -16.24 -2.56 -5.91
C PHE A 65 -17.66 -3.06 -5.67
N ALA A 66 -18.38 -2.36 -4.82
CA ALA A 66 -19.76 -2.73 -4.51
C ALA A 66 -20.76 -1.94 -5.34
N SER A 67 -20.68 -0.61 -5.24
CA SER A 67 -21.58 0.26 -5.98
C SER A 67 -21.10 0.43 -7.43
N GLY A 68 -21.67 -0.36 -8.33
CA GLY A 68 -21.29 -0.28 -9.73
C GLY A 68 -22.49 -0.09 -10.64
N PRO A 69 -22.21 0.09 -11.95
CA PRO A 69 -23.26 0.29 -12.95
C PRO A 69 -24.07 -0.97 -13.21
N SER A 70 -25.35 -0.95 -12.85
CA SER A 70 -26.22 -2.10 -13.04
C SER A 70 -27.16 -1.88 -14.21
N SER A 71 -26.66 -2.10 -15.42
CA SER A 71 -27.45 -1.92 -16.62
C SER A 71 -27.80 -3.27 -17.26
N GLY A 72 -28.68 -3.24 -18.25
CA GLY A 72 -29.08 -4.47 -18.91
C GLY A 72 -28.44 -4.61 -20.28
ZN ZN B . 8.85 5.78 3.79
ZN ZN C . -9.08 1.55 4.05
N GLY A 1 25.91 9.84 -7.75
CA GLY A 1 24.71 10.62 -7.99
C GLY A 1 23.55 10.21 -7.09
N SER A 2 22.53 9.60 -7.69
CA SER A 2 21.36 9.16 -6.94
C SER A 2 20.88 7.80 -7.42
N SER A 3 21.15 6.76 -6.63
CA SER A 3 20.75 5.40 -6.97
C SER A 3 20.39 4.61 -5.73
N GLY A 4 19.82 3.42 -5.94
CA GLY A 4 19.44 2.58 -4.82
C GLY A 4 18.67 1.34 -5.27
N SER A 5 19.08 0.19 -4.75
CA SER A 5 18.43 -1.08 -5.10
C SER A 5 16.98 -1.09 -4.61
N SER A 6 16.79 -0.68 -3.37
CA SER A 6 15.45 -0.65 -2.78
C SER A 6 15.23 0.63 -1.99
N GLY A 7 14.03 1.20 -2.11
CA GLY A 7 13.70 2.42 -1.41
C GLY A 7 12.21 2.64 -1.29
N CYS A 8 11.82 3.45 -0.30
CA CYS A 8 10.41 3.74 -0.07
C CYS A 8 9.84 4.60 -1.20
N SER A 9 8.66 4.21 -1.68
CA SER A 9 8.00 4.94 -2.76
C SER A 9 7.09 6.03 -2.20
N ALA A 10 6.93 6.04 -0.89
CA ALA A 10 6.09 7.04 -0.24
C ALA A 10 6.88 8.29 0.11
N CYS A 11 7.94 8.12 0.91
CA CYS A 11 8.77 9.24 1.31
C CYS A 11 10.02 9.33 0.43
N GLY A 12 10.46 8.18 -0.07
CA GLY A 12 11.64 8.15 -0.92
C GLY A 12 12.86 7.60 -0.21
N GLU A 13 12.77 7.52 1.12
CA GLU A 13 13.88 7.02 1.92
C GLU A 13 14.33 5.65 1.41
N THR A 14 15.35 5.09 2.08
CA THR A 14 15.88 3.79 1.70
C THR A 14 15.45 2.70 2.69
N VAL A 15 14.44 1.92 2.30
CA VAL A 15 13.94 0.85 3.15
C VAL A 15 14.93 -0.31 3.21
N MET A 16 15.38 -0.62 4.42
CA MET A 16 16.33 -1.72 4.62
C MET A 16 15.59 -3.02 4.94
N PRO A 17 16.23 -4.15 4.61
CA PRO A 17 15.66 -5.48 4.88
C PRO A 17 15.62 -5.82 6.35
N GLY A 18 16.53 -5.22 7.12
CA GLY A 18 16.58 -5.48 8.55
C GLY A 18 15.57 -4.63 9.32
N SER A 19 14.44 -4.33 8.68
CA SER A 19 13.41 -3.53 9.31
C SER A 19 12.05 -3.81 8.68
N ARG A 20 11.00 -3.75 9.50
CA ARG A 20 9.65 -4.00 9.03
C ARG A 20 9.32 -3.12 7.82
N LYS A 21 9.08 -3.77 6.68
CA LYS A 21 8.77 -3.05 5.45
C LYS A 21 7.73 -3.81 4.63
N LEU A 22 7.34 -3.24 3.49
CA LEU A 22 6.35 -3.87 2.61
C LEU A 22 6.81 -3.80 1.16
N GLU A 23 6.31 -4.74 0.35
CA GLU A 23 6.67 -4.78 -1.06
C GLU A 23 5.52 -5.38 -1.89
N TYR A 24 4.94 -4.56 -2.76
CA TYR A 24 3.85 -5.00 -3.61
C TYR A 24 4.05 -4.55 -5.05
N GLY A 25 3.85 -5.47 -5.99
CA GLY A 25 4.01 -5.15 -7.39
C GLY A 25 5.46 -4.84 -7.75
N GLY A 26 6.34 -4.92 -6.77
CA GLY A 26 7.74 -4.64 -7.00
C GLY A 26 8.27 -3.51 -6.15
N GLN A 27 7.41 -2.52 -5.91
CA GLN A 27 7.79 -1.37 -5.10
C GLN A 27 7.99 -1.75 -3.64
N THR A 28 8.35 -0.78 -2.81
CA THR A 28 8.58 -1.03 -1.39
C THR A 28 8.12 0.16 -0.56
N TRP A 29 7.29 -0.11 0.45
CA TRP A 29 6.79 0.94 1.33
C TRP A 29 7.07 0.60 2.78
N HIS A 30 7.35 1.63 3.58
CA HIS A 30 7.63 1.45 4.99
C HIS A 30 6.39 0.99 5.75
N GLU A 31 6.59 0.13 6.74
CA GLU A 31 5.47 -0.39 7.53
C GLU A 31 4.60 0.75 8.05
N HIS A 32 5.12 1.97 7.98
CA HIS A 32 4.40 3.14 8.44
C HIS A 32 3.96 4.01 7.26
N CYS A 33 4.57 3.77 6.11
CA CYS A 33 4.25 4.53 4.90
C CYS A 33 3.14 3.85 4.11
N PHE A 34 3.15 2.53 4.09
CA PHE A 34 2.14 1.76 3.38
C PHE A 34 0.77 1.91 4.02
N LEU A 35 -0.04 2.82 3.49
CA LEU A 35 -1.37 3.07 4.03
C LEU A 35 -2.44 2.79 2.97
N CYS A 36 -3.70 2.94 3.36
CA CYS A 36 -4.81 2.69 2.45
C CYS A 36 -5.20 3.97 1.72
N SER A 37 -5.63 3.82 0.47
CA SER A 37 -6.02 4.96 -0.34
C SER A 37 -7.49 5.32 -0.11
N GLY A 38 -8.01 4.91 1.04
CA GLY A 38 -9.40 5.19 1.37
C GLY A 38 -9.56 5.75 2.78
N CYS A 39 -8.99 5.07 3.75
CA CYS A 39 -9.07 5.50 5.14
C CYS A 39 -7.70 5.95 5.66
N GLU A 40 -6.69 5.82 4.80
CA GLU A 40 -5.33 6.22 5.17
C GLU A 40 -4.84 5.42 6.37
N GLN A 41 -5.21 4.14 6.42
CA GLN A 41 -4.81 3.26 7.52
C GLN A 41 -3.59 2.43 7.13
N PRO A 42 -2.73 2.15 8.12
CA PRO A 42 -1.52 1.36 7.90
C PRO A 42 -1.82 -0.11 7.63
N LEU A 43 -1.89 -0.47 6.36
CA LEU A 43 -2.18 -1.84 5.96
C LEU A 43 -0.95 -2.72 6.14
N GLY A 44 0.11 -2.15 6.67
CA GLY A 44 1.34 -2.90 6.90
C GLY A 44 1.13 -4.09 7.81
N SER A 45 0.02 -4.08 8.54
CA SER A 45 -0.30 -5.18 9.46
C SER A 45 -1.63 -5.83 9.10
N ARG A 46 -2.60 -5.00 8.71
CA ARG A 46 -3.92 -5.49 8.34
C ARG A 46 -3.96 -5.87 6.86
N SER A 47 -4.85 -6.79 6.52
CA SER A 47 -4.99 -7.25 5.14
C SER A 47 -5.58 -6.15 4.27
N PHE A 48 -5.45 -6.31 2.95
CA PHE A 48 -5.96 -5.33 2.00
C PHE A 48 -5.99 -5.91 0.59
N VAL A 49 -6.39 -5.09 -0.37
CA VAL A 49 -6.46 -5.51 -1.77
C VAL A 49 -5.77 -4.51 -2.68
N PRO A 50 -4.66 -4.95 -3.29
CA PRO A 50 -3.87 -4.11 -4.21
C PRO A 50 -4.61 -3.83 -5.51
N ASP A 51 -5.16 -2.63 -5.63
CA ASP A 51 -5.90 -2.24 -6.83
C ASP A 51 -5.05 -1.33 -7.71
N LYS A 52 -5.65 -0.84 -8.80
CA LYS A 52 -4.94 0.05 -9.71
C LYS A 52 -4.17 1.12 -8.96
N GLY A 53 -2.86 0.90 -8.80
CA GLY A 53 -2.02 1.86 -8.10
C GLY A 53 -2.70 2.41 -6.86
N ALA A 54 -3.58 1.61 -6.25
CA ALA A 54 -4.29 2.03 -5.06
C ALA A 54 -4.47 0.86 -4.10
N HIS A 55 -4.06 1.06 -2.85
CA HIS A 55 -4.17 0.01 -1.83
C HIS A 55 -5.41 0.24 -0.97
N TYR A 56 -6.41 -0.62 -1.13
CA TYR A 56 -7.65 -0.51 -0.37
C TYR A 56 -7.84 -1.73 0.54
N CYS A 57 -8.14 -1.47 1.80
CA CYS A 57 -8.35 -2.54 2.76
C CYS A 57 -9.53 -3.41 2.37
N VAL A 58 -9.74 -4.50 3.10
CA VAL A 58 -10.83 -5.41 2.82
C VAL A 58 -12.11 -4.65 2.49
N PRO A 59 -12.51 -3.75 3.39
CA PRO A 59 -13.72 -2.94 3.22
C PRO A 59 -13.58 -1.91 2.11
N CYS A 60 -12.50 -1.12 2.18
CA CYS A 60 -12.24 -0.10 1.17
C CYS A 60 -12.23 -0.69 -0.23
N TYR A 61 -12.04 -2.00 -0.31
CA TYR A 61 -12.02 -2.70 -1.59
C TYR A 61 -13.40 -3.25 -1.95
N GLU A 62 -13.98 -4.02 -1.03
CA GLU A 62 -15.29 -4.61 -1.24
C GLU A 62 -16.36 -3.52 -1.28
N ASN A 63 -16.02 -2.34 -0.79
CA ASN A 63 -16.96 -1.22 -0.76
C ASN A 63 -16.89 -0.42 -2.06
N LYS A 64 -15.68 -0.16 -2.53
CA LYS A 64 -15.49 0.60 -3.76
C LYS A 64 -15.88 -0.23 -4.98
N PHE A 65 -15.81 -1.55 -4.84
CA PHE A 65 -16.17 -2.46 -5.92
C PHE A 65 -17.58 -3.01 -5.72
N ALA A 66 -18.30 -2.44 -4.76
CA ALA A 66 -19.66 -2.88 -4.47
C ALA A 66 -20.34 -1.93 -3.48
N SER A 67 -21.49 -1.41 -3.87
CA SER A 67 -22.24 -0.49 -3.02
C SER A 67 -23.54 -1.13 -2.53
N GLY A 68 -24.21 -1.84 -3.44
CA GLY A 68 -25.46 -2.49 -3.07
C GLY A 68 -26.63 -1.53 -3.05
N PRO A 69 -27.21 -1.32 -1.85
CA PRO A 69 -28.34 -0.41 -1.67
C PRO A 69 -27.96 1.05 -1.85
N SER A 70 -28.39 1.64 -2.97
CA SER A 70 -28.09 3.03 -3.27
C SER A 70 -29.36 3.79 -3.62
N SER A 71 -29.98 4.41 -2.62
CA SER A 71 -31.20 5.18 -2.83
C SER A 71 -30.90 6.52 -3.49
N GLY A 72 -31.79 6.95 -4.37
CA GLY A 72 -31.61 8.22 -5.05
C GLY A 72 -31.36 8.05 -6.54
ZN ZN B . 8.81 5.76 3.85
ZN ZN C . -9.09 1.55 3.97
N GLY A 1 29.32 -1.41 -7.08
CA GLY A 1 28.20 -2.31 -7.23
C GLY A 1 27.33 -2.37 -5.98
N SER A 2 26.02 -2.45 -6.18
CA SER A 2 25.09 -2.51 -5.06
C SER A 2 23.91 -3.43 -5.38
N SER A 3 23.89 -4.59 -4.73
CA SER A 3 22.82 -5.56 -4.95
C SER A 3 21.60 -5.22 -4.10
N GLY A 4 20.76 -4.34 -4.61
CA GLY A 4 19.57 -3.94 -3.89
C GLY A 4 18.80 -2.83 -4.60
N SER A 5 19.33 -1.62 -4.52
CA SER A 5 18.68 -0.47 -5.15
C SER A 5 17.21 -0.38 -4.75
N SER A 6 16.95 -0.55 -3.46
CA SER A 6 15.58 -0.49 -2.95
C SER A 6 15.34 0.80 -2.17
N GLY A 7 14.09 1.27 -2.19
CA GLY A 7 13.76 2.49 -1.49
C GLY A 7 12.25 2.69 -1.38
N CYS A 8 11.84 3.43 -0.36
CA CYS A 8 10.42 3.71 -0.14
C CYS A 8 9.82 4.48 -1.31
N SER A 9 8.62 4.10 -1.72
CA SER A 9 7.95 4.75 -2.83
C SER A 9 7.06 5.89 -2.33
N ALA A 10 6.87 5.96 -1.01
CA ALA A 10 6.05 6.99 -0.41
C ALA A 10 6.87 8.25 -0.13
N CYS A 11 7.89 8.12 0.73
CA CYS A 11 8.74 9.24 1.07
C CYS A 11 9.98 9.29 0.17
N GLY A 12 10.43 8.11 -0.25
CA GLY A 12 11.60 8.03 -1.10
C GLY A 12 12.83 7.52 -0.37
N GLU A 13 12.76 7.51 0.95
CA GLU A 13 13.87 7.04 1.77
C GLU A 13 14.32 5.65 1.33
N THR A 14 15.34 5.13 2.00
CA THR A 14 15.87 3.80 1.69
C THR A 14 15.39 2.76 2.69
N VAL A 15 14.42 1.95 2.28
CA VAL A 15 13.88 0.90 3.14
C VAL A 15 14.86 -0.26 3.28
N MET A 16 15.29 -0.52 4.51
CA MET A 16 16.23 -1.61 4.78
C MET A 16 15.48 -2.90 5.08
N PRO A 17 16.12 -4.04 4.77
CA PRO A 17 15.54 -5.36 5.00
C PRO A 17 15.45 -5.70 6.49
N GLY A 18 16.42 -5.25 7.26
CA GLY A 18 16.44 -5.51 8.69
C GLY A 18 15.51 -4.59 9.45
N SER A 19 14.31 -4.40 8.93
CA SER A 19 13.32 -3.52 9.58
C SER A 19 11.95 -3.68 8.92
N ARG A 20 10.91 -3.72 9.74
CA ARG A 20 9.55 -3.87 9.24
C ARG A 20 9.33 -3.04 7.98
N LYS A 21 9.00 -3.71 6.89
CA LYS A 21 8.78 -3.03 5.62
C LYS A 21 7.73 -3.78 4.78
N LEU A 22 7.39 -3.22 3.63
CA LEU A 22 6.40 -3.83 2.74
C LEU A 22 6.87 -3.77 1.29
N GLU A 23 6.41 -4.72 0.49
CA GLU A 23 6.77 -4.77 -0.92
C GLU A 23 5.67 -5.43 -1.76
N TYR A 24 5.07 -4.65 -2.64
CA TYR A 24 3.99 -5.15 -3.49
C TYR A 24 4.18 -4.69 -4.93
N GLY A 25 3.97 -5.62 -5.86
CA GLY A 25 4.13 -5.29 -7.27
C GLY A 25 5.55 -4.92 -7.63
N GLY A 26 6.47 -5.13 -6.70
CA GLY A 26 7.86 -4.80 -6.93
C GLY A 26 8.33 -3.62 -6.11
N GLN A 27 7.42 -2.66 -5.89
CA GLN A 27 7.76 -1.47 -5.11
C GLN A 27 8.01 -1.83 -3.66
N THR A 28 8.35 -0.82 -2.85
CA THR A 28 8.62 -1.03 -1.44
C THR A 28 8.15 0.17 -0.61
N TRP A 29 7.35 -0.11 0.41
CA TRP A 29 6.82 0.93 1.27
C TRP A 29 7.13 0.64 2.73
N HIS A 30 7.31 1.69 3.52
CA HIS A 30 7.62 1.54 4.95
C HIS A 30 6.38 1.10 5.72
N GLU A 31 6.59 0.28 6.74
CA GLU A 31 5.49 -0.22 7.57
C GLU A 31 4.61 0.93 8.05
N HIS A 32 5.12 2.15 7.92
CA HIS A 32 4.39 3.33 8.35
C HIS A 32 3.95 4.17 7.14
N CYS A 33 4.55 3.88 5.99
CA CYS A 33 4.22 4.60 4.76
C CYS A 33 3.10 3.91 4.00
N PHE A 34 3.14 2.58 3.98
CA PHE A 34 2.13 1.79 3.29
C PHE A 34 0.78 1.94 3.96
N LEU A 35 -0.03 2.86 3.46
CA LEU A 35 -1.37 3.10 4.01
C LEU A 35 -2.45 2.79 2.99
N CYS A 36 -3.71 2.97 3.39
CA CYS A 36 -4.83 2.72 2.50
C CYS A 36 -5.24 3.99 1.76
N SER A 37 -5.71 3.83 0.53
CA SER A 37 -6.13 4.97 -0.28
C SER A 37 -7.59 5.31 -0.03
N GLY A 38 -8.09 4.92 1.14
CA GLY A 38 -9.47 5.19 1.49
C GLY A 38 -9.61 5.76 2.89
N CYS A 39 -9.02 5.08 3.87
CA CYS A 39 -9.08 5.52 5.26
C CYS A 39 -7.71 5.94 5.76
N GLU A 40 -6.70 5.76 4.92
CA GLU A 40 -5.33 6.13 5.27
C GLU A 40 -4.84 5.29 6.46
N GLN A 41 -5.23 4.02 6.48
CA GLN A 41 -4.83 3.12 7.56
C GLN A 41 -3.58 2.35 7.18
N PRO A 42 -2.71 2.11 8.17
CA PRO A 42 -1.45 1.39 7.98
C PRO A 42 -1.68 -0.10 7.69
N LEU A 43 -1.77 -0.44 6.42
CA LEU A 43 -1.99 -1.82 6.00
C LEU A 43 -0.71 -2.64 6.14
N GLY A 44 0.31 -2.02 6.72
CA GLY A 44 1.58 -2.70 6.90
C GLY A 44 1.40 -4.19 7.19
N SER A 45 0.57 -4.50 8.17
CA SER A 45 0.32 -5.88 8.56
C SER A 45 -1.19 -6.16 8.65
N ARG A 46 -1.94 -5.57 7.72
CA ARG A 46 -3.39 -5.75 7.69
C ARG A 46 -3.85 -6.26 6.34
N SER A 47 -5.07 -6.80 6.29
CA SER A 47 -5.62 -7.32 5.05
C SER A 47 -6.11 -6.19 4.15
N PHE A 48 -5.71 -6.25 2.88
CA PHE A 48 -6.11 -5.23 1.91
C PHE A 48 -6.17 -5.80 0.51
N VAL A 49 -6.47 -4.96 -0.47
CA VAL A 49 -6.56 -5.37 -1.86
C VAL A 49 -6.02 -4.30 -2.80
N PRO A 50 -4.91 -4.62 -3.48
CA PRO A 50 -4.27 -3.68 -4.42
C PRO A 50 -5.10 -3.48 -5.68
N ASP A 51 -5.21 -2.22 -6.11
CA ASP A 51 -5.98 -1.90 -7.31
C ASP A 51 -5.47 -0.61 -7.94
N LYS A 52 -4.98 -0.70 -9.17
CA LYS A 52 -4.46 0.45 -9.89
C LYS A 52 -3.51 1.26 -9.01
N GLY A 53 -2.64 0.56 -8.29
CA GLY A 53 -1.69 1.22 -7.42
C GLY A 53 -2.30 1.64 -6.10
N ALA A 54 -3.63 1.74 -6.07
CA ALA A 54 -4.33 2.12 -4.86
C ALA A 54 -4.53 0.94 -3.93
N HIS A 55 -4.13 1.10 -2.67
CA HIS A 55 -4.26 0.04 -1.68
C HIS A 55 -5.50 0.25 -0.81
N TYR A 56 -6.50 -0.59 -1.01
CA TYR A 56 -7.75 -0.49 -0.25
C TYR A 56 -7.92 -1.70 0.66
N CYS A 57 -8.19 -1.43 1.94
CA CYS A 57 -8.38 -2.50 2.92
C CYS A 57 -9.58 -3.36 2.55
N VAL A 58 -9.66 -4.54 3.16
CA VAL A 58 -10.76 -5.47 2.89
C VAL A 58 -12.05 -4.71 2.60
N PRO A 59 -12.44 -3.82 3.52
CA PRO A 59 -13.66 -3.02 3.39
C PRO A 59 -13.54 -1.97 2.28
N CYS A 60 -12.48 -1.18 2.34
CA CYS A 60 -12.25 -0.13 1.35
C CYS A 60 -12.27 -0.71 -0.06
N TYR A 61 -12.11 -2.03 -0.15
CA TYR A 61 -12.10 -2.71 -1.45
C TYR A 61 -13.50 -3.23 -1.80
N GLU A 62 -14.11 -3.95 -0.86
CA GLU A 62 -15.43 -4.50 -1.07
C GLU A 62 -16.47 -3.39 -1.25
N ASN A 63 -16.14 -2.20 -0.77
CA ASN A 63 -17.04 -1.05 -0.89
C ASN A 63 -16.90 -0.40 -2.25
N LYS A 64 -15.66 -0.13 -2.65
CA LYS A 64 -15.40 0.50 -3.95
C LYS A 64 -15.91 -0.38 -5.09
N PHE A 65 -15.92 -1.68 -4.88
CA PHE A 65 -16.38 -2.63 -5.89
C PHE A 65 -17.85 -3.00 -5.65
N ALA A 66 -18.53 -2.19 -4.85
CA ALA A 66 -19.93 -2.44 -4.53
C ALA A 66 -20.83 -1.41 -5.22
N SER A 67 -22.13 -1.71 -5.29
CA SER A 67 -23.09 -0.82 -5.92
C SER A 67 -22.86 0.62 -5.48
N GLY A 68 -22.41 1.46 -6.41
CA GLY A 68 -22.16 2.85 -6.08
C GLY A 68 -23.44 3.63 -5.87
N PRO A 69 -23.55 4.26 -4.69
CA PRO A 69 -24.74 5.05 -4.32
C PRO A 69 -24.84 6.34 -5.14
N SER A 70 -26.07 6.75 -5.41
CA SER A 70 -26.31 7.98 -6.19
C SER A 70 -27.72 8.50 -5.94
N SER A 71 -27.82 9.58 -5.19
CA SER A 71 -29.12 10.19 -4.88
C SER A 71 -29.20 11.60 -5.44
N GLY A 72 -30.01 11.77 -6.49
CA GLY A 72 -30.17 13.07 -7.10
C GLY A 72 -31.45 13.19 -7.89
ZN ZN B . 8.78 5.85 3.72
ZN ZN C . -9.09 1.61 4.08
N GLY A 1 29.52 -1.37 -7.74
CA GLY A 1 28.38 -0.53 -7.41
C GLY A 1 27.13 -1.33 -7.09
N SER A 2 26.21 -0.70 -6.37
CA SER A 2 24.97 -1.36 -5.99
C SER A 2 23.84 -0.99 -6.94
N SER A 3 23.19 -2.01 -7.50
CA SER A 3 22.09 -1.79 -8.44
C SER A 3 20.75 -2.12 -7.78
N GLY A 4 19.66 -1.81 -8.49
CA GLY A 4 18.33 -2.08 -7.96
C GLY A 4 18.17 -1.58 -6.54
N SER A 5 17.80 -0.31 -6.39
CA SER A 5 17.62 0.28 -5.07
C SER A 5 16.13 0.41 -4.76
N SER A 6 15.57 -0.61 -4.11
CA SER A 6 14.16 -0.60 -3.75
C SER A 6 13.72 0.78 -3.29
N GLY A 7 14.10 1.14 -2.07
CA GLY A 7 13.73 2.45 -1.53
C GLY A 7 12.24 2.63 -1.41
N CYS A 8 11.80 3.41 -0.43
CA CYS A 8 10.39 3.66 -0.21
C CYS A 8 9.79 4.46 -1.37
N SER A 9 8.56 4.12 -1.73
CA SER A 9 7.88 4.80 -2.84
C SER A 9 7.01 5.93 -2.31
N ALA A 10 6.76 5.93 -1.00
CA ALA A 10 5.94 6.96 -0.37
C ALA A 10 6.75 8.21 -0.10
N CYS A 11 7.80 8.06 0.72
CA CYS A 11 8.65 9.18 1.08
C CYS A 11 9.87 9.25 0.15
N GLY A 12 10.34 8.08 -0.29
CA GLY A 12 11.48 8.04 -1.18
C GLY A 12 12.74 7.55 -0.47
N GLU A 13 12.68 7.47 0.86
CA GLU A 13 13.82 7.02 1.64
C GLU A 13 14.30 5.65 1.17
N THR A 14 15.34 5.14 1.82
CA THR A 14 15.90 3.84 1.47
C THR A 14 15.49 2.77 2.48
N VAL A 15 14.46 2.00 2.14
CA VAL A 15 13.98 0.94 3.02
C VAL A 15 15.02 -0.15 3.19
N MET A 16 15.64 -0.20 4.37
CA MET A 16 16.66 -1.20 4.66
C MET A 16 16.02 -2.54 5.01
N PRO A 17 16.76 -3.63 4.78
CA PRO A 17 16.28 -4.99 5.05
C PRO A 17 16.18 -5.28 6.56
N GLY A 18 15.36 -6.25 6.92
CA GLY A 18 15.17 -6.59 8.32
C GLY A 18 14.18 -5.70 9.01
N SER A 19 14.30 -4.39 8.78
CA SER A 19 13.40 -3.42 9.40
C SER A 19 12.00 -3.53 8.83
N ARG A 20 11.01 -3.63 9.72
CA ARG A 20 9.62 -3.75 9.30
C ARG A 20 9.35 -2.93 8.05
N LYS A 21 9.06 -3.62 6.95
CA LYS A 21 8.78 -2.95 5.68
C LYS A 21 7.74 -3.72 4.88
N LEU A 22 7.41 -3.21 3.70
CA LEU A 22 6.42 -3.86 2.84
C LEU A 22 6.89 -3.85 1.38
N GLU A 23 6.44 -4.85 0.62
CA GLU A 23 6.82 -4.96 -0.78
C GLU A 23 5.71 -5.65 -1.58
N TYR A 24 5.13 -4.90 -2.53
CA TYR A 24 4.05 -5.44 -3.36
C TYR A 24 4.30 -5.10 -4.82
N GLY A 25 4.48 -6.14 -5.63
CA GLY A 25 4.71 -5.93 -7.06
C GLY A 25 6.14 -5.54 -7.36
N GLY A 26 6.36 -4.29 -7.73
CA GLY A 26 7.68 -3.82 -8.04
C GLY A 26 8.07 -2.59 -7.23
N GLN A 27 7.45 -2.41 -6.08
CA GLN A 27 7.72 -1.27 -5.22
C GLN A 27 7.89 -1.70 -3.77
N THR A 28 8.27 -0.76 -2.92
CA THR A 28 8.46 -1.05 -1.50
C THR A 28 8.06 0.14 -0.64
N TRP A 29 7.27 -0.12 0.40
CA TRP A 29 6.81 0.92 1.30
C TRP A 29 7.15 0.59 2.75
N HIS A 30 7.32 1.62 3.57
CA HIS A 30 7.63 1.43 4.98
C HIS A 30 6.41 0.98 5.76
N GLU A 31 6.64 0.18 6.80
CA GLU A 31 5.54 -0.32 7.63
C GLU A 31 4.70 0.83 8.16
N HIS A 32 5.20 2.05 8.03
CA HIS A 32 4.50 3.24 8.49
C HIS A 32 4.03 4.09 7.31
N CYS A 33 4.59 3.81 6.14
CA CYS A 33 4.24 4.55 4.94
C CYS A 33 3.12 3.86 4.18
N PHE A 34 3.14 2.52 4.19
CA PHE A 34 2.11 1.74 3.51
C PHE A 34 0.75 1.92 4.17
N LEU A 35 -0.07 2.77 3.58
CA LEU A 35 -1.40 3.04 4.12
C LEU A 35 -2.48 2.78 3.06
N CYS A 36 -3.74 2.92 3.46
CA CYS A 36 -4.86 2.70 2.54
C CYS A 36 -5.22 3.98 1.82
N SER A 37 -5.65 3.84 0.56
CA SER A 37 -6.02 5.00 -0.25
C SER A 37 -7.49 5.37 -0.01
N GLY A 38 -8.02 4.96 1.13
CA GLY A 38 -9.40 5.26 1.46
C GLY A 38 -9.56 5.82 2.85
N CYS A 39 -9.03 5.12 3.84
CA CYS A 39 -9.11 5.56 5.23
C CYS A 39 -7.74 5.97 5.76
N GLU A 40 -6.72 5.80 4.92
CA GLU A 40 -5.36 6.15 5.31
C GLU A 40 -4.89 5.33 6.51
N GLN A 41 -5.30 4.06 6.54
CA GLN A 41 -4.93 3.17 7.63
C GLN A 41 -3.66 2.38 7.29
N PRO A 42 -2.83 2.14 8.30
CA PRO A 42 -1.57 1.39 8.12
C PRO A 42 -1.81 -0.09 7.86
N LEU A 43 -1.93 -0.44 6.58
CA LEU A 43 -2.16 -1.82 6.17
C LEU A 43 -0.89 -2.65 6.34
N GLY A 44 0.15 -2.03 6.86
CA GLY A 44 1.41 -2.72 7.07
C GLY A 44 1.21 -4.17 7.52
N SER A 45 0.39 -4.34 8.55
CA SER A 45 0.11 -5.68 9.08
C SER A 45 -1.38 -5.96 9.09
N ARG A 46 -2.08 -5.46 8.07
CA ARG A 46 -3.52 -5.66 7.95
C ARG A 46 -3.88 -6.21 6.58
N SER A 47 -5.09 -6.75 6.47
CA SER A 47 -5.56 -7.31 5.21
C SER A 47 -6.11 -6.23 4.29
N PHE A 48 -5.68 -6.25 3.04
CA PHE A 48 -6.12 -5.27 2.05
C PHE A 48 -6.13 -5.85 0.65
N VAL A 49 -6.46 -5.02 -0.34
CA VAL A 49 -6.50 -5.46 -1.72
C VAL A 49 -5.79 -4.46 -2.64
N PRO A 50 -4.68 -4.90 -3.25
CA PRO A 50 -3.90 -4.07 -4.15
C PRO A 50 -4.62 -3.79 -5.46
N ASP A 51 -5.14 -2.56 -5.59
CA ASP A 51 -5.86 -2.16 -6.80
C ASP A 51 -5.01 -1.23 -7.65
N LYS A 52 -5.58 -0.77 -8.76
CA LYS A 52 -4.87 0.12 -9.67
C LYS A 52 -4.09 1.19 -8.89
N GLY A 53 -2.80 0.92 -8.67
CA GLY A 53 -1.96 1.85 -7.95
C GLY A 53 -2.65 2.40 -6.71
N ALA A 54 -3.56 1.62 -6.15
CA ALA A 54 -4.29 2.03 -4.95
C ALA A 54 -4.46 0.87 -3.99
N HIS A 55 -4.10 1.08 -2.73
CA HIS A 55 -4.22 0.04 -1.71
C HIS A 55 -5.46 0.27 -0.85
N TYR A 56 -6.47 -0.57 -1.03
CA TYR A 56 -7.71 -0.46 -0.27
C TYR A 56 -7.92 -1.67 0.63
N CYS A 57 -8.22 -1.42 1.90
CA CYS A 57 -8.45 -2.49 2.86
C CYS A 57 -9.64 -3.34 2.46
N VAL A 58 -9.78 -4.50 3.09
CA VAL A 58 -10.87 -5.40 2.81
C VAL A 58 -12.15 -4.64 2.47
N PRO A 59 -12.56 -3.74 3.38
CA PRO A 59 -13.76 -2.92 3.20
C PRO A 59 -13.59 -1.87 2.11
N CYS A 60 -12.53 -1.08 2.21
CA CYS A 60 -12.25 -0.04 1.23
C CYS A 60 -12.22 -0.62 -0.19
N TYR A 61 -12.04 -1.93 -0.27
CA TYR A 61 -11.99 -2.61 -1.56
C TYR A 61 -13.37 -3.14 -1.96
N GLU A 62 -13.97 -3.93 -1.07
CA GLU A 62 -15.29 -4.49 -1.32
C GLU A 62 -16.33 -3.40 -1.48
N ASN A 63 -16.06 -2.24 -0.89
CA ASN A 63 -16.98 -1.12 -0.96
C ASN A 63 -16.84 -0.37 -2.29
N LYS A 64 -15.59 -0.13 -2.69
CA LYS A 64 -15.31 0.56 -3.93
C LYS A 64 -15.79 -0.26 -5.14
N PHE A 65 -15.62 -1.58 -5.05
CA PHE A 65 -16.04 -2.46 -6.13
C PHE A 65 -17.51 -2.85 -5.98
N ALA A 66 -18.23 -2.08 -5.17
CA ALA A 66 -19.66 -2.34 -4.94
C ALA A 66 -20.40 -1.04 -4.64
N SER A 67 -21.71 -1.16 -4.41
CA SER A 67 -22.54 0.00 -4.12
C SER A 67 -23.20 -0.14 -2.75
N GLY A 68 -23.59 0.99 -2.17
CA GLY A 68 -24.22 0.97 -0.86
C GLY A 68 -25.28 2.06 -0.72
N PRO A 69 -26.05 2.00 0.38
CA PRO A 69 -27.11 2.96 0.65
C PRO A 69 -26.57 4.34 0.99
N SER A 70 -25.25 4.43 1.13
CA SER A 70 -24.61 5.70 1.46
C SER A 70 -24.42 6.56 0.21
N SER A 71 -24.89 7.81 0.29
CA SER A 71 -24.79 8.72 -0.83
C SER A 71 -23.65 9.73 -0.61
N GLY A 72 -23.66 10.37 0.56
CA GLY A 72 -22.63 11.34 0.88
C GLY A 72 -22.72 12.58 0.00
ZN ZN B . 8.70 5.74 3.66
ZN ZN C . -9.14 1.61 4.07
N GLY A 1 26.74 5.99 -5.32
CA GLY A 1 26.36 7.07 -4.41
C GLY A 1 25.98 6.55 -3.03
N SER A 2 25.12 5.56 -2.99
CA SER A 2 24.68 4.98 -1.72
C SER A 2 24.54 3.46 -1.83
N SER A 3 24.28 2.82 -0.70
CA SER A 3 24.13 1.37 -0.67
C SER A 3 22.71 0.97 -0.28
N GLY A 4 21.98 0.38 -1.23
CA GLY A 4 20.62 -0.03 -0.97
C GLY A 4 19.82 -0.22 -2.25
N SER A 5 19.65 -1.47 -2.66
CA SER A 5 18.91 -1.79 -3.87
C SER A 5 17.41 -1.81 -3.59
N SER A 6 16.93 -0.84 -2.83
CA SER A 6 15.52 -0.75 -2.48
C SER A 6 15.24 0.52 -1.68
N GLY A 7 14.22 1.26 -2.11
CA GLY A 7 13.85 2.49 -1.42
C GLY A 7 12.35 2.68 -1.33
N CYS A 8 11.92 3.40 -0.30
CA CYS A 8 10.49 3.66 -0.10
C CYS A 8 9.93 4.51 -1.23
N SER A 9 8.71 4.19 -1.66
CA SER A 9 8.06 4.92 -2.74
C SER A 9 7.19 6.04 -2.18
N ALA A 10 6.96 6.01 -0.87
CA ALA A 10 6.15 7.03 -0.22
C ALA A 10 6.97 8.27 0.11
N CYS A 11 7.98 8.10 0.95
CA CYS A 11 8.85 9.21 1.35
C CYS A 11 10.08 9.28 0.45
N GLY A 12 10.55 8.12 0.00
CA GLY A 12 11.71 8.07 -0.87
C GLY A 12 12.93 7.52 -0.15
N GLU A 13 12.87 7.45 1.18
CA GLU A 13 13.98 6.93 1.97
C GLU A 13 14.38 5.54 1.50
N THR A 14 15.38 4.96 2.17
CA THR A 14 15.87 3.64 1.82
C THR A 14 15.35 2.59 2.78
N VAL A 15 14.32 1.84 2.34
CA VAL A 15 13.73 0.80 3.16
C VAL A 15 14.70 -0.36 3.36
N MET A 16 15.38 -0.37 4.50
CA MET A 16 16.33 -1.43 4.82
C MET A 16 15.63 -2.77 5.01
N PRO A 17 16.31 -3.86 4.67
CA PRO A 17 15.77 -5.22 4.80
C PRO A 17 15.63 -5.65 6.26
N GLY A 18 16.58 -5.21 7.09
CA GLY A 18 16.55 -5.56 8.49
C GLY A 18 15.58 -4.71 9.28
N SER A 19 14.39 -4.48 8.72
CA SER A 19 13.37 -3.67 9.36
C SER A 19 12.02 -3.85 8.68
N ARG A 20 10.97 -4.01 9.49
CA ARG A 20 9.62 -4.19 8.96
C ARG A 20 9.40 -3.31 7.74
N LYS A 21 9.06 -3.93 6.62
CA LYS A 21 8.81 -3.20 5.38
C LYS A 21 7.76 -3.91 4.54
N LEU A 22 7.34 -3.27 3.44
CA LEU A 22 6.34 -3.84 2.56
C LEU A 22 6.80 -3.75 1.10
N GLU A 23 6.33 -4.69 0.28
CA GLU A 23 6.69 -4.72 -1.13
C GLU A 23 5.56 -5.33 -1.97
N TYR A 24 4.98 -4.52 -2.83
CA TYR A 24 3.89 -4.97 -3.69
C TYR A 24 4.10 -4.51 -5.14
N GLY A 25 3.84 -5.41 -6.08
CA GLY A 25 4.00 -5.07 -7.49
C GLY A 25 5.44 -4.71 -7.83
N GLY A 26 6.33 -4.88 -6.87
CA GLY A 26 7.73 -4.56 -7.10
C GLY A 26 8.22 -3.42 -6.22
N GLN A 27 7.35 -2.44 -6.00
CA GLN A 27 7.70 -1.29 -5.18
C GLN A 27 7.92 -1.70 -3.73
N THR A 28 8.29 -0.73 -2.89
CA THR A 28 8.53 -1.00 -1.48
C THR A 28 8.11 0.19 -0.62
N TRP A 29 7.29 -0.08 0.39
CA TRP A 29 6.81 0.96 1.29
C TRP A 29 7.11 0.60 2.75
N HIS A 30 7.32 1.63 3.57
CA HIS A 30 7.61 1.42 4.99
C HIS A 30 6.36 0.97 5.73
N GLU A 31 6.55 0.12 6.73
CA GLU A 31 5.44 -0.40 7.52
C GLU A 31 4.58 0.74 8.05
N HIS A 32 5.11 1.96 7.97
CA HIS A 32 4.39 3.14 8.44
C HIS A 32 3.96 4.02 7.27
N CYS A 33 4.56 3.77 6.10
CA CYS A 33 4.24 4.54 4.91
C CYS A 33 3.11 3.88 4.12
N PHE A 34 3.14 2.55 4.07
CA PHE A 34 2.12 1.80 3.35
C PHE A 34 0.74 1.98 4.00
N LEU A 35 -0.05 2.88 3.44
CA LEU A 35 -1.39 3.14 3.96
C LEU A 35 -2.45 2.81 2.92
N CYS A 36 -3.72 2.98 3.30
CA CYS A 36 -4.83 2.72 2.41
C CYS A 36 -5.22 3.97 1.61
N SER A 37 -5.69 3.77 0.39
CA SER A 37 -6.09 4.87 -0.47
C SER A 37 -7.55 5.26 -0.21
N GLY A 38 -8.05 4.91 0.96
CA GLY A 38 -9.42 5.21 1.31
C GLY A 38 -9.55 5.81 2.70
N CYS A 39 -8.99 5.13 3.69
CA CYS A 39 -9.05 5.60 5.07
C CYS A 39 -7.68 6.05 5.54
N GLU A 40 -6.68 5.90 4.69
CA GLU A 40 -5.32 6.30 5.02
C GLU A 40 -4.82 5.54 6.25
N GLN A 41 -5.19 4.27 6.34
CA GLN A 41 -4.77 3.44 7.47
C GLN A 41 -3.57 2.57 7.10
N PRO A 42 -2.71 2.29 8.10
CA PRO A 42 -1.52 1.47 7.91
C PRO A 42 -1.85 0.01 7.64
N LEU A 43 -1.89 -0.37 6.37
CA LEU A 43 -2.19 -1.74 5.98
C LEU A 43 -0.99 -2.65 6.18
N GLY A 44 0.10 -2.07 6.70
CA GLY A 44 1.31 -2.84 6.94
C GLY A 44 1.10 -3.93 7.98
N SER A 45 -0.08 -3.96 8.58
CA SER A 45 -0.39 -4.95 9.60
C SER A 45 -1.64 -5.74 9.23
N ARG A 46 -2.64 -5.05 8.71
CA ARG A 46 -3.90 -5.69 8.31
C ARG A 46 -3.89 -5.99 6.81
N SER A 47 -4.75 -6.92 6.40
CA SER A 47 -4.85 -7.31 5.00
C SER A 47 -5.45 -6.18 4.16
N PHE A 48 -5.39 -6.34 2.84
CA PHE A 48 -5.93 -5.34 1.93
C PHE A 48 -6.02 -5.88 0.51
N VAL A 49 -6.46 -5.05 -0.42
CA VAL A 49 -6.59 -5.44 -1.81
C VAL A 49 -6.06 -4.36 -2.74
N PRO A 50 -4.98 -4.68 -3.48
CA PRO A 50 -4.36 -3.76 -4.42
C PRO A 50 -5.23 -3.49 -5.64
N ASP A 51 -5.17 -2.27 -6.17
CA ASP A 51 -5.94 -1.90 -7.34
C ASP A 51 -5.39 -0.63 -7.98
N LYS A 52 -4.88 -0.78 -9.20
CA LYS A 52 -4.32 0.35 -9.93
C LYS A 52 -3.38 1.15 -9.04
N GLY A 53 -2.51 0.45 -8.32
CA GLY A 53 -1.56 1.12 -7.44
C GLY A 53 -2.19 1.53 -6.12
N ALA A 54 -3.51 1.64 -6.10
CA ALA A 54 -4.24 2.03 -4.90
C ALA A 54 -4.44 0.84 -3.97
N HIS A 55 -4.08 1.01 -2.71
CA HIS A 55 -4.23 -0.04 -1.72
C HIS A 55 -5.46 0.18 -0.85
N TYR A 56 -6.48 -0.65 -1.06
CA TYR A 56 -7.72 -0.53 -0.30
C TYR A 56 -7.90 -1.73 0.64
N CYS A 57 -8.19 -1.43 1.90
CA CYS A 57 -8.38 -2.48 2.90
C CYS A 57 -9.57 -3.35 2.54
N VAL A 58 -9.68 -4.51 3.19
CA VAL A 58 -10.77 -5.44 2.95
C VAL A 58 -12.06 -4.68 2.63
N PRO A 59 -12.46 -3.77 3.54
CA PRO A 59 -13.67 -2.98 3.37
C PRO A 59 -13.55 -1.95 2.25
N CYS A 60 -12.49 -1.16 2.29
CA CYS A 60 -12.26 -0.13 1.27
C CYS A 60 -12.25 -0.75 -0.12
N TYR A 61 -12.07 -2.07 -0.19
CA TYR A 61 -12.06 -2.77 -1.46
C TYR A 61 -13.44 -3.32 -1.80
N GLU A 62 -14.02 -4.08 -0.87
CA GLU A 62 -15.34 -4.65 -1.08
C GLU A 62 -16.40 -3.56 -1.20
N ASN A 63 -16.09 -2.39 -0.69
CA ASN A 63 -17.01 -1.26 -0.74
C ASN A 63 -16.97 -0.57 -2.10
N LYS A 64 -15.76 -0.29 -2.58
CA LYS A 64 -15.57 0.36 -3.87
C LYS A 64 -16.10 -0.53 -5.00
N PHE A 65 -16.01 -1.85 -4.80
CA PHE A 65 -16.48 -2.80 -5.80
C PHE A 65 -17.87 -3.32 -5.46
N ALA A 66 -18.54 -2.62 -4.54
CA ALA A 66 -19.89 -3.01 -4.12
C ALA A 66 -20.93 -2.48 -5.08
N SER A 67 -21.05 -3.11 -6.24
CA SER A 67 -22.02 -2.69 -7.25
C SER A 67 -22.11 -1.17 -7.32
N GLY A 68 -20.95 -0.51 -7.26
CA GLY A 68 -20.92 0.94 -7.33
C GLY A 68 -21.07 1.46 -8.74
N PRO A 69 -22.04 2.38 -8.93
CA PRO A 69 -22.31 2.97 -10.25
C PRO A 69 -21.20 3.91 -10.69
N SER A 70 -20.82 4.84 -9.82
CA SER A 70 -19.77 5.80 -10.14
C SER A 70 -18.77 5.90 -8.98
N SER A 71 -17.51 6.13 -9.33
CA SER A 71 -16.45 6.25 -8.32
C SER A 71 -16.05 7.71 -8.12
N GLY A 72 -15.93 8.44 -9.22
CA GLY A 72 -15.55 9.84 -9.15
C GLY A 72 -16.68 10.77 -9.54
ZN ZN B . 8.75 5.70 3.75
ZN ZN C . -9.09 1.64 3.98
#